data_4HJA
# 
_entry.id   4HJA 
# 
_audit_conform.dict_name       mmcif_pdbx.dic 
_audit_conform.dict_version    5.379 
_audit_conform.dict_location   http://mmcif.pdb.org/dictionaries/ascii/mmcif_pdbx.dic 
# 
loop_
_database_2.database_id 
_database_2.database_code 
_database_2.pdbx_database_accession 
_database_2.pdbx_DOI 
PDB   4HJA         pdb_00004hja 10.2210/pdb4hja/pdb 
NDB   NA2075       ?            ?                   
RCSB  RCSB075535   ?            ?                   
WWPDB D_1000075535 ?            ?                   
# 
loop_
_pdbx_database_related.db_name 
_pdbx_database_related.db_id 
_pdbx_database_related.details 
_pdbx_database_related.content_type 
PDB 4HIO 'The same protein bound to a different ssDNA sequence' unspecified 
PDB 4HIM 'The same protein bound to a different ssDNA sequence' unspecified 
PDB 4HIK 'The same protein bound to a different ssDNA sequence' unspecified 
PDB 4HID 'The same protein bound to a different ssDNA sequence' unspecified 
PDB 4HJ5 'The same protein bound to a different ssDNA sequence' unspecified 
PDB 4HJ7 'The same protein bound to a different ssDNA sequence' unspecified 
PDB 4HJ8 'The same protein bound to a different ssDNA sequence' unspecified 
PDB 4HJ9 'The same protein bound to a different ssDNA sequence' unspecified 
# 
_pdbx_database_status.entry_id                        4HJA 
_pdbx_database_status.status_code                     REL 
_pdbx_database_status.deposit_site                    RCSB 
_pdbx_database_status.process_site                    RCSB 
_pdbx_database_status.recvd_initial_deposition_date   2012-10-12 
_pdbx_database_status.status_code_sf                  REL 
_pdbx_database_status.status_code_mr                  ? 
_pdbx_database_status.SG_entry                        ? 
_pdbx_database_status.status_code_cs                  ? 
_pdbx_database_status.methods_development_category    ? 
_pdbx_database_status.pdb_format_compatible           Y 
_pdbx_database_status.status_code_nmr_data            ? 
# 
loop_
_audit_author.name 
_audit_author.pdbx_ordinal 
'Dickey, T.H.' 1 
'Wuttke, D.S.' 2 
# 
_citation.id                        primary 
_citation.title                     'Nonspecific Recognition Is Achieved in Pot1pC through the Use of Multiple Binding Modes.' 
_citation.journal_abbrev            Structure 
_citation.journal_volume            21 
_citation.page_first                121 
_citation.page_last                 132 
_citation.year                      2013 
_citation.journal_id_ASTM           STRUE6 
_citation.country                   UK 
_citation.journal_id_ISSN           0969-2126 
_citation.journal_id_CSD            2005 
_citation.book_publisher            ? 
_citation.pdbx_database_id_PubMed   23201273 
_citation.pdbx_database_id_DOI      10.1016/j.str.2012.10.015 
# 
loop_
_citation_author.citation_id 
_citation_author.name 
_citation_author.ordinal 
_citation_author.identifier_ORCID 
primary 'Dickey, T.H.'    1 ? 
primary 'McKercher, M.A.' 2 ? 
primary 'Wuttke, D.S.'    3 ? 
# 
_cell.length_a           45.850 
_cell.length_b           56.776 
_cell.length_c           66.258 
_cell.angle_alpha        90.000 
_cell.angle_beta         90.000 
_cell.angle_gamma        90.000 
_cell.entry_id           4HJA 
_cell.pdbx_unique_axis   ? 
_cell.Z_PDB              4 
_cell.length_a_esd       ? 
_cell.length_b_esd       ? 
_cell.length_c_esd       ? 
_cell.angle_alpha_esd    ? 
_cell.angle_beta_esd     ? 
_cell.angle_gamma_esd    ? 
# 
_symmetry.space_group_name_H-M             'P 21 21 21' 
_symmetry.entry_id                         4HJA 
_symmetry.Int_Tables_number                19 
_symmetry.pdbx_full_space_group_name_H-M   ? 
_symmetry.cell_setting                     ? 
_symmetry.space_group_name_Hall            ? 
# 
loop_
_entity.id 
_entity.type 
_entity.src_method 
_entity.pdbx_description 
_entity.formula_weight 
_entity.pdbx_number_of_molecules 
_entity.pdbx_ec 
_entity.pdbx_mutation 
_entity.pdbx_fragment 
_entity.details 
1 polymer man 'Protection of telomeres protein 1'               17182.414 1   ? V199D 
'Pot1pC, partial DNA binding domain, residues 198-339' ?                                              
2 polymer syn 
;DNA (5'-D(*AP*CP*GP*GP*TP*TP*AP*CP*GP*GP*T)-3')
;
3389.221  1   ? ?     ?                                                      
;telomeric single-stranded DNA, +2 5' variant
;
3 water   nat water                                             18.015    138 ? ?     ? ? 
# 
loop_
_entity_poly.entity_id 
_entity_poly.type 
_entity_poly.nstd_linkage 
_entity_poly.nstd_monomer 
_entity_poly.pdbx_seq_one_letter_code 
_entity_poly.pdbx_seq_one_letter_code_can 
_entity_poly.pdbx_strand_id 
_entity_poly.pdbx_target_identifier 
1 'polypeptide(L)'        no no 
;MSDSFSLLSQITPHQRCSFYAQVIKTWYSDKNFTLYVTDYTENELFFPMSPYTSSSRWRGPFGRFSIRCILWDEHDFYCR
NYIKEGDYVVMKNVRTKIDHLGYLECILHGDSAKRYNMSIEKVDSEEPELNEIKSRKRLYVQN
;
;MSDSFSLLSQITPHQRCSFYAQVIKTWYSDKNFTLYVTDYTENELFFPMSPYTSSSRWRGPFGRFSIRCILWDEHDFYCR
NYIKEGDYVVMKNVRTKIDHLGYLECILHGDSAKRYNMSIEKVDSEEPELNEIKSRKRLYVQN
;
A ? 
2 polydeoxyribonucleotide no no '(DA)(DC)(DG)(DG)(DT)(DT)(DA)(DC)(DG)(DG)(DT)' ACGGTTACGGT B ? 
# 
loop_
_entity_poly_seq.entity_id 
_entity_poly_seq.num 
_entity_poly_seq.mon_id 
_entity_poly_seq.hetero 
1 1   MET n 
1 2   SER n 
1 3   ASP n 
1 4   SER n 
1 5   PHE n 
1 6   SER n 
1 7   LEU n 
1 8   LEU n 
1 9   SER n 
1 10  GLN n 
1 11  ILE n 
1 12  THR n 
1 13  PRO n 
1 14  HIS n 
1 15  GLN n 
1 16  ARG n 
1 17  CYS n 
1 18  SER n 
1 19  PHE n 
1 20  TYR n 
1 21  ALA n 
1 22  GLN n 
1 23  VAL n 
1 24  ILE n 
1 25  LYS n 
1 26  THR n 
1 27  TRP n 
1 28  TYR n 
1 29  SER n 
1 30  ASP n 
1 31  LYS n 
1 32  ASN n 
1 33  PHE n 
1 34  THR n 
1 35  LEU n 
1 36  TYR n 
1 37  VAL n 
1 38  THR n 
1 39  ASP n 
1 40  TYR n 
1 41  THR n 
1 42  GLU n 
1 43  ASN n 
1 44  GLU n 
1 45  LEU n 
1 46  PHE n 
1 47  PHE n 
1 48  PRO n 
1 49  MET n 
1 50  SER n 
1 51  PRO n 
1 52  TYR n 
1 53  THR n 
1 54  SER n 
1 55  SER n 
1 56  SER n 
1 57  ARG n 
1 58  TRP n 
1 59  ARG n 
1 60  GLY n 
1 61  PRO n 
1 62  PHE n 
1 63  GLY n 
1 64  ARG n 
1 65  PHE n 
1 66  SER n 
1 67  ILE n 
1 68  ARG n 
1 69  CYS n 
1 70  ILE n 
1 71  LEU n 
1 72  TRP n 
1 73  ASP n 
1 74  GLU n 
1 75  HIS n 
1 76  ASP n 
1 77  PHE n 
1 78  TYR n 
1 79  CYS n 
1 80  ARG n 
1 81  ASN n 
1 82  TYR n 
1 83  ILE n 
1 84  LYS n 
1 85  GLU n 
1 86  GLY n 
1 87  ASP n 
1 88  TYR n 
1 89  VAL n 
1 90  VAL n 
1 91  MET n 
1 92  LYS n 
1 93  ASN n 
1 94  VAL n 
1 95  ARG n 
1 96  THR n 
1 97  LYS n 
1 98  ILE n 
1 99  ASP n 
1 100 HIS n 
1 101 LEU n 
1 102 GLY n 
1 103 TYR n 
1 104 LEU n 
1 105 GLU n 
1 106 CYS n 
1 107 ILE n 
1 108 LEU n 
1 109 HIS n 
1 110 GLY n 
1 111 ASP n 
1 112 SER n 
1 113 ALA n 
1 114 LYS n 
1 115 ARG n 
1 116 TYR n 
1 117 ASN n 
1 118 MET n 
1 119 SER n 
1 120 ILE n 
1 121 GLU n 
1 122 LYS n 
1 123 VAL n 
1 124 ASP n 
1 125 SER n 
1 126 GLU n 
1 127 GLU n 
1 128 PRO n 
1 129 GLU n 
1 130 LEU n 
1 131 ASN n 
1 132 GLU n 
1 133 ILE n 
1 134 LYS n 
1 135 SER n 
1 136 ARG n 
1 137 LYS n 
1 138 ARG n 
1 139 LEU n 
1 140 TYR n 
1 141 VAL n 
1 142 GLN n 
1 143 ASN n 
2 1   DA  n 
2 2   DC  n 
2 3   DG  n 
2 4   DG  n 
2 5   DT  n 
2 6   DT  n 
2 7   DA  n 
2 8   DC  n 
2 9   DG  n 
2 10  DG  n 
2 11  DT  n 
# 
_entity_src_gen.entity_id                          1 
_entity_src_gen.pdbx_src_id                        1 
_entity_src_gen.pdbx_alt_source_flag               sample 
_entity_src_gen.pdbx_seq_type                      ? 
_entity_src_gen.pdbx_beg_seq_num                   ? 
_entity_src_gen.pdbx_end_seq_num                   ? 
_entity_src_gen.gene_src_common_name               'Fission yeast' 
_entity_src_gen.gene_src_genus                     ? 
_entity_src_gen.pdbx_gene_src_gene                 'pot1, SPAC26H5.06' 
_entity_src_gen.gene_src_species                   ? 
_entity_src_gen.gene_src_strain                    972h- 
_entity_src_gen.gene_src_tissue                    ? 
_entity_src_gen.gene_src_tissue_fraction           ? 
_entity_src_gen.gene_src_details                   ? 
_entity_src_gen.pdbx_gene_src_fragment             ? 
_entity_src_gen.pdbx_gene_src_scientific_name      'Schizosaccharomyces pombe' 
_entity_src_gen.pdbx_gene_src_ncbi_taxonomy_id     284812 
_entity_src_gen.pdbx_gene_src_variant              ? 
_entity_src_gen.pdbx_gene_src_cell_line            ? 
_entity_src_gen.pdbx_gene_src_atcc                 ? 
_entity_src_gen.pdbx_gene_src_organ                ? 
_entity_src_gen.pdbx_gene_src_organelle            ? 
_entity_src_gen.pdbx_gene_src_cell                 ? 
_entity_src_gen.pdbx_gene_src_cellular_location    ? 
_entity_src_gen.host_org_common_name               ? 
_entity_src_gen.pdbx_host_org_scientific_name      'Escherichia coli' 
_entity_src_gen.pdbx_host_org_ncbi_taxonomy_id     469008 
_entity_src_gen.host_org_genus                     ? 
_entity_src_gen.pdbx_host_org_gene                 ? 
_entity_src_gen.pdbx_host_org_organ                ? 
_entity_src_gen.host_org_species                   ? 
_entity_src_gen.pdbx_host_org_tissue               ? 
_entity_src_gen.pdbx_host_org_tissue_fraction      ? 
_entity_src_gen.pdbx_host_org_strain               'BL21(DE3)' 
_entity_src_gen.pdbx_host_org_variant              ? 
_entity_src_gen.pdbx_host_org_cell_line            ? 
_entity_src_gen.pdbx_host_org_atcc                 ? 
_entity_src_gen.pdbx_host_org_culture_collection   ? 
_entity_src_gen.pdbx_host_org_cell                 ? 
_entity_src_gen.pdbx_host_org_organelle            ? 
_entity_src_gen.pdbx_host_org_cellular_location    ? 
_entity_src_gen.pdbx_host_org_vector_type          plasmid 
_entity_src_gen.pdbx_host_org_vector               ? 
_entity_src_gen.host_org_details                   ? 
_entity_src_gen.expression_system_id               ? 
_entity_src_gen.plasmid_name                       pTXB1 
_entity_src_gen.plasmid_details                    ? 
_entity_src_gen.pdbx_description                   ? 
# 
_pdbx_entity_src_syn.entity_id              2 
_pdbx_entity_src_syn.pdbx_src_id            1 
_pdbx_entity_src_syn.pdbx_alt_source_flag   sample 
_pdbx_entity_src_syn.pdbx_beg_seq_num       ? 
_pdbx_entity_src_syn.pdbx_end_seq_num       ? 
_pdbx_entity_src_syn.organism_scientific    'Schizosaccharomyces pombe' 
_pdbx_entity_src_syn.organism_common_name   ? 
_pdbx_entity_src_syn.ncbi_taxonomy_id       284812 
_pdbx_entity_src_syn.details                ? 
# 
loop_
_struct_ref.id 
_struct_ref.db_name 
_struct_ref.db_code 
_struct_ref.pdbx_db_accession 
_struct_ref.entity_id 
_struct_ref.pdbx_seq_one_letter_code 
_struct_ref.pdbx_align_begin 
_struct_ref.pdbx_db_isoform 
1 UNP POT1_SCHPO O13988 1 
;SVSFSLLSQITPHQRCSFYAQVIKTWYSDKNFTLYVTDYTENELFFPMSPYTSSSRWRGPFGRFSIRCILWDEHDFYCRN
YIKEGDYVVMKNVRTKIDHLGYLECILHGDSAKRYNMSIEKVDSEEPELNEIKSRKRLYVQN
;
198 ? 
2 PDB 4HJA       4HJA   2 ? ?   ? 
# 
loop_
_struct_ref_seq.align_id 
_struct_ref_seq.ref_id 
_struct_ref_seq.pdbx_PDB_id_code 
_struct_ref_seq.pdbx_strand_id 
_struct_ref_seq.seq_align_beg 
_struct_ref_seq.pdbx_seq_align_beg_ins_code 
_struct_ref_seq.seq_align_end 
_struct_ref_seq.pdbx_seq_align_end_ins_code 
_struct_ref_seq.pdbx_db_accession 
_struct_ref_seq.db_align_beg 
_struct_ref_seq.pdbx_db_align_beg_ins_code 
_struct_ref_seq.db_align_end 
_struct_ref_seq.pdbx_db_align_end_ins_code 
_struct_ref_seq.pdbx_auth_seq_align_beg 
_struct_ref_seq.pdbx_auth_seq_align_end 
1 1 4HJA A 2 ? 143 ? O13988 198 ? 339 ? 2 143 
2 2 4HJA B 1 ? 11  ? 4HJA   1   ? 11  ? 1 11  
# 
loop_
_struct_ref_seq_dif.align_id 
_struct_ref_seq_dif.pdbx_pdb_id_code 
_struct_ref_seq_dif.mon_id 
_struct_ref_seq_dif.pdbx_pdb_strand_id 
_struct_ref_seq_dif.seq_num 
_struct_ref_seq_dif.pdbx_pdb_ins_code 
_struct_ref_seq_dif.pdbx_seq_db_name 
_struct_ref_seq_dif.pdbx_seq_db_accession_code 
_struct_ref_seq_dif.db_mon_id 
_struct_ref_seq_dif.pdbx_seq_db_seq_num 
_struct_ref_seq_dif.details 
_struct_ref_seq_dif.pdbx_auth_seq_num 
_struct_ref_seq_dif.pdbx_ordinal 
1 4HJA MET A 1 ? UNP O13988 ?   ?   'expression tag'      1 1 
1 4HJA ASP A 3 ? UNP O13988 VAL 199 'engineered mutation' 3 2 
# 
loop_
_chem_comp.id 
_chem_comp.type 
_chem_comp.mon_nstd_flag 
_chem_comp.name 
_chem_comp.pdbx_synonyms 
_chem_comp.formula 
_chem_comp.formula_weight 
ALA 'L-peptide linking' y ALANINE                              ? 'C3 H7 N O2'      89.093  
ARG 'L-peptide linking' y ARGININE                             ? 'C6 H15 N4 O2 1'  175.209 
ASN 'L-peptide linking' y ASPARAGINE                           ? 'C4 H8 N2 O3'     132.118 
ASP 'L-peptide linking' y 'ASPARTIC ACID'                      ? 'C4 H7 N O4'      133.103 
CYS 'L-peptide linking' y CYSTEINE                             ? 'C3 H7 N O2 S'    121.158 
DA  'DNA linking'       y "2'-DEOXYADENOSINE-5'-MONOPHOSPHATE" ? 'C10 H14 N5 O6 P' 331.222 
DC  'DNA linking'       y "2'-DEOXYCYTIDINE-5'-MONOPHOSPHATE"  ? 'C9 H14 N3 O7 P'  307.197 
DG  'DNA linking'       y "2'-DEOXYGUANOSINE-5'-MONOPHOSPHATE" ? 'C10 H14 N5 O7 P' 347.221 
DT  'DNA linking'       y "THYMIDINE-5'-MONOPHOSPHATE"         ? 'C10 H15 N2 O8 P' 322.208 
GLN 'L-peptide linking' y GLUTAMINE                            ? 'C5 H10 N2 O3'    146.144 
GLU 'L-peptide linking' y 'GLUTAMIC ACID'                      ? 'C5 H9 N O4'      147.129 
GLY 'peptide linking'   y GLYCINE                              ? 'C2 H5 N O2'      75.067  
HIS 'L-peptide linking' y HISTIDINE                            ? 'C6 H10 N3 O2 1'  156.162 
HOH non-polymer         . WATER                                ? 'H2 O'            18.015  
ILE 'L-peptide linking' y ISOLEUCINE                           ? 'C6 H13 N O2'     131.173 
LEU 'L-peptide linking' y LEUCINE                              ? 'C6 H13 N O2'     131.173 
LYS 'L-peptide linking' y LYSINE                               ? 'C6 H15 N2 O2 1'  147.195 
MET 'L-peptide linking' y METHIONINE                           ? 'C5 H11 N O2 S'   149.211 
PHE 'L-peptide linking' y PHENYLALANINE                        ? 'C9 H11 N O2'     165.189 
PRO 'L-peptide linking' y PROLINE                              ? 'C5 H9 N O2'      115.130 
SER 'L-peptide linking' y SERINE                               ? 'C3 H7 N O3'      105.093 
THR 'L-peptide linking' y THREONINE                            ? 'C4 H9 N O3'      119.119 
TRP 'L-peptide linking' y TRYPTOPHAN                           ? 'C11 H12 N2 O2'   204.225 
TYR 'L-peptide linking' y TYROSINE                             ? 'C9 H11 N O3'     181.189 
VAL 'L-peptide linking' y VALINE                               ? 'C5 H11 N O2'     117.146 
# 
_exptl.crystals_number   1 
_exptl.entry_id          4HJA 
_exptl.method            'X-RAY DIFFRACTION' 
# 
_exptl_crystal.id                    1 
_exptl_crystal.density_Matthews      2.10 
_exptl_crystal.density_meas          ? 
_exptl_crystal.density_percent_sol   41.32 
_exptl_crystal.description           ? 
_exptl_crystal.F_000                 ? 
_exptl_crystal.preparation           ? 
# 
_exptl_crystal_grow.crystal_id      1 
_exptl_crystal_grow.method          'VAPOR DIFFUSION, HANGING DROP' 
_exptl_crystal_grow.pH              7 
_exptl_crystal_grow.temp            290 
_exptl_crystal_grow.pdbx_details    '25% PEG 8000, 0.2M ammonium formate, pH 7, VAPOR DIFFUSION, HANGING DROP, temperature 290K' 
_exptl_crystal_grow.temp_details    ? 
_exptl_crystal_grow.pdbx_pH_range   ? 
# 
_diffrn.id                     1 
_diffrn.ambient_temp           100 
_diffrn.ambient_temp_details   ? 
_diffrn.crystal_id             1 
# 
_diffrn_detector.diffrn_id              1 
_diffrn_detector.detector               'IMAGE PLATE' 
_diffrn_detector.type                   'RIGAKU RAXIS IV++' 
_diffrn_detector.pdbx_collection_date   2011-12-09 
_diffrn_detector.details                ? 
# 
_diffrn_radiation.diffrn_id                        1 
_diffrn_radiation.pdbx_diffrn_protocol             'SINGLE WAVELENGTH' 
_diffrn_radiation.monochromator                    'osmic mirrors' 
_diffrn_radiation.wavelength_id                    1 
_diffrn_radiation.pdbx_monochromatic_or_laue_m_l   M 
_diffrn_radiation.pdbx_scattering_type             x-ray 
# 
_diffrn_radiation_wavelength.id           1 
_diffrn_radiation_wavelength.wavelength   1.54 
_diffrn_radiation_wavelength.wt           1.0 
# 
_diffrn_source.diffrn_id                   1 
_diffrn_source.source                      'ROTATING ANODE' 
_diffrn_source.type                        'RIGAKU RUH2R' 
_diffrn_source.pdbx_wavelength_list        1.54 
_diffrn_source.pdbx_wavelength             ? 
_diffrn_source.pdbx_synchrotron_site       ? 
_diffrn_source.pdbx_synchrotron_beamline   ? 
# 
_reflns.entry_id                     4HJA 
_reflns.d_resolution_high            2.000 
_reflns.d_resolution_low             50.000 
_reflns.number_obs                   12182 
_reflns.pdbx_Rmerge_I_obs            0.081 
_reflns.pdbx_netI_over_sigmaI        8.500 
_reflns.pdbx_chi_squared             1.106 
_reflns.pdbx_redundancy              3.400 
_reflns.percent_possible_obs         99.300 
_reflns.observed_criterion_sigma_F   -3 
_reflns.observed_criterion_sigma_I   -3 
_reflns.number_all                   12272 
_reflns.pdbx_Rsym_value              ? 
_reflns.B_iso_Wilson_estimate        ? 
_reflns.R_free_details               ? 
_reflns.limit_h_max                  ? 
_reflns.limit_h_min                  ? 
_reflns.limit_k_max                  ? 
_reflns.limit_k_min                  ? 
_reflns.limit_l_max                  ? 
_reflns.limit_l_min                  ? 
_reflns.observed_criterion_F_max     ? 
_reflns.observed_criterion_F_min     ? 
_reflns.pdbx_scaling_rejects         ? 
_reflns.pdbx_ordinal                 1 
_reflns.pdbx_diffrn_id               1 
# 
loop_
_reflns_shell.d_res_high 
_reflns_shell.d_res_low 
_reflns_shell.number_measured_obs 
_reflns_shell.number_measured_all 
_reflns_shell.number_unique_obs 
_reflns_shell.Rmerge_I_obs 
_reflns_shell.meanI_over_sigI_obs 
_reflns_shell.pdbx_Rsym_value 
_reflns_shell.pdbx_chi_squared 
_reflns_shell.pdbx_redundancy 
_reflns_shell.percent_possible_obs 
_reflns_shell.number_unique_all 
_reflns_shell.percent_possible_all 
_reflns_shell.pdbx_ordinal 
_reflns_shell.pdbx_diffrn_id 
2.000 2.070  ? ? ? 0.463 ? ? 0.750 3.100 ? 1123 93.400  1  1 
2.070 2.150  ? ? ? 0.362 ? ? 0.752 3.400 ? 1194 100.000 2  1 
2.150 2.250  ? ? ? 0.299 ? ? 0.790 3.500 ? 1199 100.000 3  1 
2.250 2.370  ? ? ? 0.237 ? ? 0.803 3.500 ? 1213 100.000 4  1 
2.370 2.520  ? ? ? 0.185 ? ? 0.870 3.500 ? 1209 100.000 5  1 
2.520 2.710  ? ? ? 0.143 ? ? 0.985 3.500 ? 1213 100.000 6  1 
2.710 2.990  ? ? ? 0.108 ? ? 1.153 3.500 ? 1222 100.000 7  1 
2.990 3.420  ? ? ? 0.067 ? ? 1.422 3.500 ? 1221 99.900  8  1 
3.420 4.310  ? ? ? 0.051 ? ? 1.751 3.500 ? 1253 100.000 9  1 
4.310 50.000 ? ? ? 0.041 ? ? 1.642 3.300 ? 1335 99.500  10 1 
# 
_refine.entry_id                                 4HJA 
_refine.ls_d_res_high                            2.1000 
_refine.ls_d_res_low                             31.4080 
_refine.pdbx_ls_sigma_F                          0.000 
_refine.pdbx_data_cutoff_high_absF               ? 
_refine.pdbx_data_cutoff_low_absF                ? 
_refine.ls_percent_reflns_obs                    98.1900 
_refine.ls_number_reflns_obs                     10368 
_refine.ls_number_reflns_all                     10557 
_refine.pdbx_ls_cross_valid_method               ? 
_refine.pdbx_R_Free_selection_details            random 
_refine.details                                  ? 
_refine.ls_R_factor_all                          0.1983 
_refine.ls_R_factor_obs                          0.1983 
_refine.ls_R_factor_R_work                       0.1926 
_refine.ls_wR_factor_R_work                      ? 
_refine.ls_R_factor_R_free                       0.2479 
_refine.ls_wR_factor_R_free                      ? 
_refine.ls_percent_reflns_R_free                 10.0600 
_refine.ls_number_reflns_R_free                  1043 
_refine.ls_R_factor_R_free_error                 ? 
_refine.B_iso_mean                               27.7296 
_refine.solvent_model_param_bsol                 43.5090 
_refine.solvent_model_param_ksol                 0.4000 
_refine.pdbx_isotropic_thermal_model             ? 
_refine.aniso_B[1][1]                            0.5949 
_refine.aniso_B[2][2]                            1.4791 
_refine.aniso_B[3][3]                            -2.0740 
_refine.aniso_B[1][2]                            0.0000 
_refine.aniso_B[1][3]                            -0.0000 
_refine.aniso_B[2][3]                            0.0000 
_refine.correlation_coeff_Fo_to_Fc               ? 
_refine.correlation_coeff_Fo_to_Fc_free          ? 
_refine.overall_SU_R_Cruickshank_DPI             ? 
_refine.overall_SU_R_free                        ? 
_refine.pdbx_overall_ESU_R                       ? 
_refine.pdbx_overall_ESU_R_Free                  ? 
_refine.overall_SU_ML                            0.3000 
_refine.overall_SU_B                             ? 
_refine.solvent_model_details                    'FLAT BULK SOLVENT MODEL' 
_refine.pdbx_solvent_vdw_probe_radii             1.1100 
_refine.pdbx_solvent_ion_probe_radii             ? 
_refine.pdbx_solvent_shrinkage_radii             0.9000 
_refine.ls_number_parameters                     ? 
_refine.ls_number_restraints                     ? 
_refine.pdbx_starting_model                      'PDB entry 4HIK' 
_refine.pdbx_method_to_determine_struct          'MOLECULAR REPLACEMENT' 
_refine.pdbx_stereochemistry_target_values       'Engh & Huber' 
_refine.pdbx_stereochem_target_val_spec_case     ? 
_refine.overall_FOM_work_R_set                   ? 
_refine.B_iso_max                                79.590 
_refine.B_iso_min                                11.580 
_refine.pdbx_overall_phase_error                 21.9300 
_refine.occupancy_max                            1.000 
_refine.occupancy_min                            1.000 
_refine.pdbx_ls_sigma_I                          ? 
_refine.ls_redundancy_reflns_obs                 ? 
_refine.ls_R_factor_R_free_error_details         ? 
_refine.pdbx_data_cutoff_high_rms_absF           ? 
_refine.overall_FOM_free_R_set                   ? 
_refine.pdbx_diffrn_id                           1 
_refine.pdbx_refine_id                           'X-RAY DIFFRACTION' 
_refine.pdbx_TLS_residual_ADP_flag               ? 
_refine.pdbx_overall_SU_R_free_Cruickshank_DPI   ? 
_refine.pdbx_overall_SU_R_Blow_DPI               ? 
_refine.pdbx_overall_SU_R_free_Blow_DPI          ? 
# 
_refine_hist.pdbx_refine_id                   'X-RAY DIFFRACTION' 
_refine_hist.cycle_id                         LAST 
_refine_hist.pdbx_number_atoms_protein        1177 
_refine_hist.pdbx_number_atoms_nucleic_acid   225 
_refine_hist.pdbx_number_atoms_ligand         0 
_refine_hist.number_atoms_solvent             138 
_refine_hist.number_atoms_total               1540 
_refine_hist.d_res_high                       2.1000 
_refine_hist.d_res_low                        31.4080 
# 
loop_
_refine_ls_restr.type 
_refine_ls_restr.number 
_refine_ls_restr.dev_ideal 
_refine_ls_restr.dev_ideal_target 
_refine_ls_restr.weight 
_refine_ls_restr.pdbx_restraint_function 
_refine_ls_restr.pdbx_refine_id 
f_bond_d           1462 0.008  ? ? ? 'X-RAY DIFFRACTION' 
f_angle_d          2022 1.225  ? ? ? 'X-RAY DIFFRACTION' 
f_chiral_restr     210  0.084  ? ? ? 'X-RAY DIFFRACTION' 
f_plane_restr      218  0.004  ? ? ? 'X-RAY DIFFRACTION' 
f_dihedral_angle_d 556  19.622 ? ? ? 'X-RAY DIFFRACTION' 
# 
loop_
_refine_ls_shell.d_res_high 
_refine_ls_shell.d_res_low 
_refine_ls_shell.pdbx_total_number_of_bins_used 
_refine_ls_shell.percent_reflns_obs 
_refine_ls_shell.number_reflns_R_work 
_refine_ls_shell.R_factor_all 
_refine_ls_shell.R_factor_R_work 
_refine_ls_shell.R_factor_R_free 
_refine_ls_shell.percent_reflns_R_free 
_refine_ls_shell.number_reflns_R_free 
_refine_ls_shell.R_factor_R_free_error 
_refine_ls_shell.number_reflns_all 
_refine_ls_shell.number_reflns_obs 
_refine_ls_shell.redundancy_reflns_obs 
_refine_ls_shell.pdbx_refine_id 
2.100  2.2108  7 94.0000  1241 . 0.2163 0.2928 . 140 . 1381 . . 'X-RAY DIFFRACTION' 
2.2108 2.3492  7 97.0000  1296 . 0.2092 0.2872 . 148 . 1444 . . 'X-RAY DIFFRACTION' 
2.3492 2.5306  7 98.0000  1302 . 0.1976 0.2868 . 142 . 1444 . . 'X-RAY DIFFRACTION' 
2.5306 2.7851  7 99.0000  1324 . 0.1916 0.3056 . 149 . 1473 . . 'X-RAY DIFFRACTION' 
2.7851 3.1877  7 99.0000  1346 . 0.1970 0.2492 . 151 . 1497 . . 'X-RAY DIFFRACTION' 
3.1877 4.0149  7 100.0000 1370 . 0.1724 0.2279 . 153 . 1523 . . 'X-RAY DIFFRACTION' 
4.0149 31.4120 7 100.0000 1446 . 0.1972 0.2137 . 160 . 1606 . . 'X-RAY DIFFRACTION' 
# 
_struct.entry_id                  4HJA 
_struct.title                     'Crystal Structure of Schizosaccharomyces pombe Pot1pC bound to ssDNA (ACGGTTACGGT)' 
_struct.pdbx_model_details        ? 
_struct.pdbx_CASP_flag            ? 
_struct.pdbx_model_type_details   ? 
# 
_struct_keywords.entry_id        4HJA 
_struct_keywords.text            
'specificity, plasticity, promiscuity, OB-fold, ssDNA-binding, single-stranded telomeric DNA, DNA BINDING PROTEIN' 
_struct_keywords.pdbx_keywords   'DNA BINDING PROTEIN' 
# 
loop_
_struct_asym.id 
_struct_asym.pdbx_blank_PDB_chainid_flag 
_struct_asym.pdbx_modified 
_struct_asym.entity_id 
_struct_asym.details 
A N N 1 ? 
B N N 2 ? 
C N N 3 ? 
D N N 3 ? 
# 
_struct_biol.id        1 
_struct_biol.details   ? 
# 
loop_
_struct_conf.conf_type_id 
_struct_conf.id 
_struct_conf.pdbx_PDB_helix_id 
_struct_conf.beg_label_comp_id 
_struct_conf.beg_label_asym_id 
_struct_conf.beg_label_seq_id 
_struct_conf.pdbx_beg_PDB_ins_code 
_struct_conf.end_label_comp_id 
_struct_conf.end_label_asym_id 
_struct_conf.end_label_seq_id 
_struct_conf.pdbx_end_PDB_ins_code 
_struct_conf.beg_auth_comp_id 
_struct_conf.beg_auth_asym_id 
_struct_conf.beg_auth_seq_id 
_struct_conf.end_auth_comp_id 
_struct_conf.end_auth_asym_id 
_struct_conf.end_auth_seq_id 
_struct_conf.pdbx_PDB_helix_class 
_struct_conf.details 
_struct_conf.pdbx_PDB_helix_length 
HELX_P HELX_P1 1 LEU A 7   ? ILE A 11  ? LEU A 7   ILE A 11  5 ? 5  
HELX_P HELX_P2 2 TRP A 72  ? ARG A 80  ? TRP A 72  ARG A 80  1 ? 9  
HELX_P HELX_P3 3 GLU A 127 ? GLU A 129 ? GLU A 127 GLU A 129 5 ? 3  
HELX_P HELX_P4 4 LEU A 130 ? VAL A 141 ? LEU A 130 VAL A 141 1 ? 12 
# 
_struct_conf_type.id          HELX_P 
_struct_conf_type.criteria    ? 
_struct_conf_type.reference   ? 
# 
_struct_conn.id                            hydrog1 
_struct_conn.conn_type_id                  hydrog 
_struct_conn.pdbx_leaving_atom_flag        ? 
_struct_conn.pdbx_PDB_id                   ? 
_struct_conn.ptnr1_label_asym_id           B 
_struct_conn.ptnr1_label_comp_id           DT 
_struct_conn.ptnr1_label_seq_id            6 
_struct_conn.ptnr1_label_atom_id           O2 
_struct_conn.pdbx_ptnr1_label_alt_id       ? 
_struct_conn.pdbx_ptnr1_PDB_ins_code       ? 
_struct_conn.pdbx_ptnr1_standard_comp_id   ? 
_struct_conn.ptnr1_symmetry                1_555 
_struct_conn.ptnr2_label_asym_id           B 
_struct_conn.ptnr2_label_comp_id           DA 
_struct_conn.ptnr2_label_seq_id            7 
_struct_conn.ptnr2_label_atom_id           N6 
_struct_conn.pdbx_ptnr2_label_alt_id       ? 
_struct_conn.pdbx_ptnr2_PDB_ins_code       ? 
_struct_conn.ptnr1_auth_asym_id            B 
_struct_conn.ptnr1_auth_comp_id            DT 
_struct_conn.ptnr1_auth_seq_id             6 
_struct_conn.ptnr2_auth_asym_id            B 
_struct_conn.ptnr2_auth_comp_id            DA 
_struct_conn.ptnr2_auth_seq_id             7 
_struct_conn.ptnr2_symmetry                1_555 
_struct_conn.pdbx_ptnr3_label_atom_id      ? 
_struct_conn.pdbx_ptnr3_label_seq_id       ? 
_struct_conn.pdbx_ptnr3_label_comp_id      ? 
_struct_conn.pdbx_ptnr3_label_asym_id      ? 
_struct_conn.pdbx_ptnr3_label_alt_id       ? 
_struct_conn.pdbx_ptnr3_PDB_ins_code       ? 
_struct_conn.details                       'DT-DA PAIR' 
_struct_conn.pdbx_dist_value               ? 
_struct_conn.pdbx_value_order              ? 
_struct_conn.pdbx_role                     ? 
# 
_struct_conn_type.id          hydrog 
_struct_conn_type.criteria    ? 
_struct_conn_type.reference   ? 
# 
_struct_mon_prot_cis.pdbx_id                1 
_struct_mon_prot_cis.label_comp_id          GLY 
_struct_mon_prot_cis.label_seq_id           60 
_struct_mon_prot_cis.label_asym_id          A 
_struct_mon_prot_cis.label_alt_id           . 
_struct_mon_prot_cis.pdbx_PDB_ins_code      ? 
_struct_mon_prot_cis.auth_comp_id           GLY 
_struct_mon_prot_cis.auth_seq_id            60 
_struct_mon_prot_cis.auth_asym_id           A 
_struct_mon_prot_cis.pdbx_label_comp_id_2   PRO 
_struct_mon_prot_cis.pdbx_label_seq_id_2    61 
_struct_mon_prot_cis.pdbx_label_asym_id_2   A 
_struct_mon_prot_cis.pdbx_PDB_ins_code_2    ? 
_struct_mon_prot_cis.pdbx_auth_comp_id_2    PRO 
_struct_mon_prot_cis.pdbx_auth_seq_id_2     61 
_struct_mon_prot_cis.pdbx_auth_asym_id_2    A 
_struct_mon_prot_cis.pdbx_PDB_model_num     1 
_struct_mon_prot_cis.pdbx_omega_angle       0.82 
# 
_struct_sheet.id               A 
_struct_sheet.type             ? 
_struct_sheet.number_strands   7 
_struct_sheet.details          ? 
# 
loop_
_struct_sheet_order.sheet_id 
_struct_sheet_order.range_id_1 
_struct_sheet_order.range_id_2 
_struct_sheet_order.offset 
_struct_sheet_order.sense 
A 1 2 ? anti-parallel 
A 2 3 ? anti-parallel 
A 3 4 ? parallel      
A 4 5 ? anti-parallel 
A 5 6 ? anti-parallel 
A 6 7 ? anti-parallel 
# 
loop_
_struct_sheet_range.sheet_id 
_struct_sheet_range.id 
_struct_sheet_range.beg_label_comp_id 
_struct_sheet_range.beg_label_asym_id 
_struct_sheet_range.beg_label_seq_id 
_struct_sheet_range.pdbx_beg_PDB_ins_code 
_struct_sheet_range.end_label_comp_id 
_struct_sheet_range.end_label_asym_id 
_struct_sheet_range.end_label_seq_id 
_struct_sheet_range.pdbx_end_PDB_ins_code 
_struct_sheet_range.beg_auth_comp_id 
_struct_sheet_range.beg_auth_asym_id 
_struct_sheet_range.beg_auth_seq_id 
_struct_sheet_range.end_auth_comp_id 
_struct_sheet_range.end_auth_asym_id 
_struct_sheet_range.end_auth_seq_id 
A 1 SER A 119 ? VAL A 123 ? SER A 119 VAL A 123 
A 2 TYR A 88  ? ILE A 98  ? TYR A 88  ILE A 98  
A 3 LEU A 104 ? LEU A 108 ? LEU A 104 LEU A 108 
A 4 ILE A 67  ? LEU A 71  ? ILE A 67  LEU A 71  
A 5 PHE A 33  ? THR A 38  ? PHE A 33  THR A 38  
A 6 ARG A 16  ? TYR A 28  ? ARG A 16  TYR A 28  
A 7 TYR A 88  ? ILE A 98  ? TYR A 88  ILE A 98  
# 
loop_
_pdbx_struct_sheet_hbond.sheet_id 
_pdbx_struct_sheet_hbond.range_id_1 
_pdbx_struct_sheet_hbond.range_id_2 
_pdbx_struct_sheet_hbond.range_1_label_atom_id 
_pdbx_struct_sheet_hbond.range_1_label_comp_id 
_pdbx_struct_sheet_hbond.range_1_label_asym_id 
_pdbx_struct_sheet_hbond.range_1_label_seq_id 
_pdbx_struct_sheet_hbond.range_1_PDB_ins_code 
_pdbx_struct_sheet_hbond.range_1_auth_atom_id 
_pdbx_struct_sheet_hbond.range_1_auth_comp_id 
_pdbx_struct_sheet_hbond.range_1_auth_asym_id 
_pdbx_struct_sheet_hbond.range_1_auth_seq_id 
_pdbx_struct_sheet_hbond.range_2_label_atom_id 
_pdbx_struct_sheet_hbond.range_2_label_comp_id 
_pdbx_struct_sheet_hbond.range_2_label_asym_id 
_pdbx_struct_sheet_hbond.range_2_label_seq_id 
_pdbx_struct_sheet_hbond.range_2_PDB_ins_code 
_pdbx_struct_sheet_hbond.range_2_auth_atom_id 
_pdbx_struct_sheet_hbond.range_2_auth_comp_id 
_pdbx_struct_sheet_hbond.range_2_auth_asym_id 
_pdbx_struct_sheet_hbond.range_2_auth_seq_id 
A 1 2 O SER A 119 ? O SER A 119 N LYS A 92  ? N LYS A 92  
A 2 3 N ARG A 95  ? N ARG A 95  O ILE A 107 ? O ILE A 107 
A 3 4 O LEU A 108 ? O LEU A 108 N ILE A 70  ? N ILE A 70  
A 4 5 O CYS A 69  ? O CYS A 69  N LEU A 35  ? N LEU A 35  
A 5 6 O THR A 38  ? O THR A 38  N GLN A 22  ? N GLN A 22  
A 6 7 N PHE A 19  ? N PHE A 19  O MET A 91  ? O MET A 91  
# 
_atom_sites.entry_id                    4HJA 
_atom_sites.fract_transf_matrix[1][1]   0.00429281 
_atom_sites.fract_transf_matrix[1][2]   0.02133113 
_atom_sites.fract_transf_matrix[1][3]   0.00149353 
_atom_sites.fract_transf_matrix[2][1]   0.00710385 
_atom_sites.fract_transf_matrix[2][2]   -0.00254393 
_atom_sites.fract_transf_matrix[2][3]   0.01591482 
_atom_sites.fract_transf_matrix[3][1]   0.01348763 
_atom_sites.fract_transf_matrix[3][2]   -0.00226743 
_atom_sites.fract_transf_matrix[3][3]   -0.00638288 
_atom_sites.fract_transf_vector[1]      -0.253418 
_atom_sites.fract_transf_vector[2]      0.084714 
_atom_sites.fract_transf_vector[3]      -0.239905 
# 
loop_
_atom_type.symbol 
C 
N 
O 
P 
S 
# 
loop_
_atom_site.group_PDB 
_atom_site.id 
_atom_site.type_symbol 
_atom_site.label_atom_id 
_atom_site.label_alt_id 
_atom_site.label_comp_id 
_atom_site.label_asym_id 
_atom_site.label_entity_id 
_atom_site.label_seq_id 
_atom_site.pdbx_PDB_ins_code 
_atom_site.Cartn_x 
_atom_site.Cartn_y 
_atom_site.Cartn_z 
_atom_site.occupancy 
_atom_site.B_iso_or_equiv 
_atom_site.pdbx_formal_charge 
_atom_site.auth_seq_id 
_atom_site.auth_comp_id 
_atom_site.auth_asym_id 
_atom_site.auth_atom_id 
_atom_site.pdbx_PDB_model_num 
ATOM   1    N N     . ASP A 1 3   ? 11.440  -5.443  15.062  1.00 58.36 ? 3   ASP A N     1 
ATOM   2    C CA    . ASP A 1 3   ? 10.220  -4.987  14.407  1.00 56.71 ? 3   ASP A CA    1 
ATOM   3    C C     . ASP A 1 3   ? 9.212   -6.126  14.302  1.00 54.49 ? 3   ASP A C     1 
ATOM   4    O O     . ASP A 1 3   ? 9.445   -7.226  14.805  1.00 55.58 ? 3   ASP A O     1 
ATOM   5    C CB    . ASP A 1 3   ? 10.533  -4.454  13.007  1.00 56.48 ? 3   ASP A CB    1 
ATOM   6    C CG    . ASP A 1 3   ? 11.801  -3.624  12.968  1.00 65.22 ? 3   ASP A CG    1 
ATOM   7    O OD1   . ASP A 1 3   ? 11.704  -2.378  13.020  1.00 61.52 ? 3   ASP A OD1   1 
ATOM   8    O OD2   . ASP A 1 3   ? 12.898  -4.220  12.892  1.00 69.59 ? 3   ASP A OD2   1 
ATOM   9    N N     . SER A 1 4   ? 8.092   -5.845  13.644  1.00 48.17 ? 4   SER A N     1 
ATOM   10   C CA    . SER A 1 4   ? 7.056   -6.838  13.387  1.00 39.95 ? 4   SER A CA    1 
ATOM   11   C C     . SER A 1 4   ? 6.064   -6.257  12.387  1.00 33.56 ? 4   SER A C     1 
ATOM   12   O O     . SER A 1 4   ? 6.094   -5.058  12.097  1.00 31.04 ? 4   SER A O     1 
ATOM   13   C CB    . SER A 1 4   ? 6.333   -7.226  14.676  1.00 42.00 ? 4   SER A CB    1 
ATOM   14   O OG    . SER A 1 4   ? 5.628   -6.119  15.215  1.00 43.77 ? 4   SER A OG    1 
ATOM   15   N N     . PHE A 1 5   ? 5.200   -7.114  11.853  1.00 25.29 ? 5   PHE A N     1 
ATOM   16   C CA    . PHE A 1 5   ? 4.223   -6.705  10.861  1.00 26.21 ? 5   PHE A CA    1 
ATOM   17   C C     . PHE A 1 5   ? 2.926   -6.247  11.524  1.00 29.57 ? 5   PHE A C     1 
ATOM   18   O O     . PHE A 1 5   ? 2.556   -6.738  12.594  1.00 29.01 ? 5   PHE A O     1 
ATOM   19   C CB    . PHE A 1 5   ? 3.962   -7.845  9.873   1.00 28.88 ? 5   PHE A CB    1 
ATOM   20   C CG    . PHE A 1 5   ? 5.153   -8.176  9.025   1.00 32.48 ? 5   PHE A CG    1 
ATOM   21   C CD1   . PHE A 1 5   ? 6.021   -9.195  9.390   1.00 34.99 ? 5   PHE A CD1   1 
ATOM   22   C CD2   . PHE A 1 5   ? 5.425   -7.446  7.878   1.00 26.09 ? 5   PHE A CD2   1 
ATOM   23   C CE1   . PHE A 1 5   ? 7.125   -9.484  8.619   1.00 32.95 ? 5   PHE A CE1   1 
ATOM   24   C CE2   . PHE A 1 5   ? 6.530   -7.729  7.105   1.00 26.74 ? 5   PHE A CE2   1 
ATOM   25   C CZ    . PHE A 1 5   ? 7.379   -8.747  7.471   1.00 30.48 ? 5   PHE A CZ    1 
ATOM   26   N N     . SER A 1 6   ? 2.258   -5.291  10.885  1.00 24.30 ? 6   SER A N     1 
ATOM   27   C CA    . SER A 1 6   ? 0.970   -4.792  11.348  1.00 22.58 ? 6   SER A CA    1 
ATOM   28   C C     . SER A 1 6   ? -0.049  -4.957  10.238  1.00 22.17 ? 6   SER A C     1 
ATOM   29   O O     . SER A 1 6   ? 0.301   -4.940  9.060   1.00 27.25 ? 6   SER A O     1 
ATOM   30   C CB    . SER A 1 6   ? 1.066   -3.310  11.710  1.00 21.99 ? 6   SER A CB    1 
ATOM   31   O OG    . SER A 1 6   ? 2.209   -3.046  12.486  1.00 26.97 ? 6   SER A OG    1 
ATOM   32   N N     . LEU A 1 7   ? -1.311  -5.109  10.607  1.00 21.30 ? 7   LEU A N     1 
ATOM   33   C CA    . LEU A 1 7   ? -2.390  -5.035  9.636   1.00 21.25 ? 7   LEU A CA    1 
ATOM   34   C C     . LEU A 1 7   ? -2.587  -3.565  9.327   1.00 22.31 ? 7   LEU A C     1 
ATOM   35   O O     . LEU A 1 7   ? -2.293  -2.707  10.169  1.00 19.72 ? 7   LEU A O     1 
ATOM   36   C CB    . LEU A 1 7   ? -3.689  -5.633  10.201  1.00 22.76 ? 7   LEU A CB    1 
ATOM   37   C CG    . LEU A 1 7   ? -3.633  -7.109  10.612  1.00 24.62 ? 7   LEU A CG    1 
ATOM   38   C CD1   . LEU A 1 7   ? -4.961  -7.559  11.226  1.00 22.86 ? 7   LEU A CD1   1 
ATOM   39   C CD2   . LEU A 1 7   ? -3.237  -7.993  9.418   1.00 24.17 ? 7   LEU A CD2   1 
ATOM   40   N N     . LEU A 1 8   ? -3.083  -3.264  8.132   1.00 20.09 ? 8   LEU A N     1 
ATOM   41   C CA    . LEU A 1 8   ? -3.297  -1.869  7.775   1.00 19.27 ? 8   LEU A CA    1 
ATOM   42   C C     . LEU A 1 8   ? -4.246  -1.186  8.780   1.00 19.29 ? 8   LEU A C     1 
ATOM   43   O O     . LEU A 1 8   ? -4.118  0.006   9.046   1.00 17.64 ? 8   LEU A O     1 
ATOM   44   C CB    . LEU A 1 8   ? -3.759  -1.726  6.316   1.00 18.73 ? 8   LEU A CB    1 
ATOM   45   C CG    . LEU A 1 8   ? -2.691  -2.074  5.254   1.00 20.38 ? 8   LEU A CG    1 
ATOM   46   C CD1   . LEU A 1 8   ? -3.155  -1.762  3.838   1.00 16.50 ? 8   LEU A CD1   1 
ATOM   47   C CD2   . LEU A 1 8   ? -1.393  -1.347  5.554   1.00 21.94 ? 8   LEU A CD2   1 
ATOM   48   N N     . SER A 1 9   ? -5.155  -1.953  9.371   1.00 16.35 ? 9   SER A N     1 
ATOM   49   C CA    . SER A 1 9   ? -6.048  -1.407  10.401  1.00 18.19 ? 9   SER A CA    1 
ATOM   50   C C     . SER A 1 9   ? -5.312  -0.910  11.655  1.00 19.42 ? 9   SER A C     1 
ATOM   51   O O     . SER A 1 9   ? -5.843  -0.112  12.413  1.00 20.03 ? 9   SER A O     1 
ATOM   52   C CB    . SER A 1 9   ? -7.106  -2.439  10.806  1.00 19.16 ? 9   SER A CB    1 
ATOM   53   O OG    . SER A 1 9   ? -6.512  -3.542  11.471  1.00 20.85 ? 9   SER A OG    1 
ATOM   54   N N     . GLN A 1 10  ? -4.088  -1.380  11.867  1.00 21.79 ? 10  GLN A N     1 
ATOM   55   C CA    . GLN A 1 10  ? -3.370  -1.084  13.105  1.00 18.14 ? 10  GLN A CA    1 
ATOM   56   C C     . GLN A 1 10  ? -2.380  0.057   12.963  1.00 20.85 ? 10  GLN A C     1 
ATOM   57   O O     . GLN A 1 10  ? -1.895  0.575   13.953  1.00 23.86 ? 10  GLN A O     1 
ATOM   58   C CB    . GLN A 1 10  ? -2.622  -2.320  13.587  1.00 18.53 ? 10  GLN A CB    1 
ATOM   59   C CG    . GLN A 1 10  ? -3.484  -3.568  13.677  1.00 23.15 ? 10  GLN A CG    1 
ATOM   60   C CD    . GLN A 1 10  ? -2.688  -4.805  14.071  1.00 30.85 ? 10  GLN A CD    1 
ATOM   61   O OE1   . GLN A 1 10  ? -1.787  -5.252  13.354  1.00 22.79 ? 10  GLN A OE1   1 
ATOM   62   N NE2   . GLN A 1 10  ? -3.024  -5.365  15.225  1.00 41.02 ? 10  GLN A NE2   1 
ATOM   63   N N     . ILE A 1 11  ? -2.061  0.452   11.738  1.00 20.24 ? 11  ILE A N     1 
ATOM   64   C CA    . ILE A 1 11  ? -1.084  1.518   11.573  1.00 21.13 ? 11  ILE A CA    1 
ATOM   65   C C     . ILE A 1 11  ? -1.664  2.903   11.855  1.00 23.10 ? 11  ILE A C     1 
ATOM   66   O O     . ILE A 1 11  ? -2.864  3.143   11.691  1.00 20.85 ? 11  ILE A O     1 
ATOM   67   C CB    . ILE A 1 11  ? -0.411  1.501   10.195  1.00 22.55 ? 11  ILE A CB    1 
ATOM   68   C CG1   . ILE A 1 11  ? -1.403  1.864   9.105   1.00 20.00 ? 11  ILE A CG1   1 
ATOM   69   C CG2   . ILE A 1 11  ? 0.240   0.156   9.921   1.00 19.93 ? 11  ILE A CG2   1 
ATOM   70   C CD1   . ILE A 1 11  ? -0.734  2.096   7.766   1.00 25.92 ? 11  ILE A CD1   1 
ATOM   71   N N     . THR A 1 12  ? -0.791  3.804   12.290  1.00 20.34 ? 12  THR A N     1 
ATOM   72   C CA    . THR A 1 12  ? -1.158  5.174   12.609  1.00 19.32 ? 12  THR A CA    1 
ATOM   73   C C     . THR A 1 12  ? -0.157  6.122   11.936  1.00 23.37 ? 12  THR A C     1 
ATOM   74   O O     . THR A 1 12  ? 0.885   5.689   11.455  1.00 22.37 ? 12  THR A O     1 
ATOM   75   C CB    . THR A 1 12  ? -1.087  5.414   14.122  1.00 21.64 ? 12  THR A CB    1 
ATOM   76   O OG1   . THR A 1 12  ? 0.240   5.124   14.567  1.00 25.15 ? 12  THR A OG1   1 
ATOM   77   C CG2   . THR A 1 12  ? -2.072  4.522   14.857  1.00 23.66 ? 12  THR A CG2   1 
ATOM   78   N N     . PRO A 1 13  ? -0.462  7.426   11.916  1.00 20.79 ? 13  PRO A N     1 
ATOM   79   C CA    . PRO A 1 13  ? 0.432   8.362   11.226  1.00 20.07 ? 13  PRO A CA    1 
ATOM   80   C C     . PRO A 1 13  ? 1.750   8.593   11.967  1.00 23.89 ? 13  PRO A C     1 
ATOM   81   O O     . PRO A 1 13  ? 1.820   8.485   13.196  1.00 20.86 ? 13  PRO A O     1 
ATOM   82   C CB    . PRO A 1 13  ? -0.374  9.664   11.193  1.00 20.59 ? 13  PRO A CB    1 
ATOM   83   C CG    . PRO A 1 13  ? -1.804  9.268   11.541  1.00 23.74 ? 13  PRO A CG    1 
ATOM   84   C CD    . PRO A 1 13  ? -1.646  8.102   12.465  1.00 23.19 ? 13  PRO A CD    1 
ATOM   85   N N     . HIS A 1 14  ? 2.789   8.915   11.202  1.00 21.00 ? 14  HIS A N     1 
ATOM   86   C CA    . HIS A 1 14  ? 4.082   9.302   11.755  1.00 20.25 ? 14  HIS A CA    1 
ATOM   87   C C     . HIS A 1 14  ? 4.753   8.195   12.563  1.00 18.59 ? 14  HIS A C     1 
ATOM   88   O O     . HIS A 1 14  ? 5.284   8.431   13.644  1.00 18.08 ? 14  HIS A O     1 
ATOM   89   C CB    . HIS A 1 14  ? 3.937   10.590  12.557  1.00 20.99 ? 14  HIS A CB    1 
ATOM   90   C CG    . HIS A 1 14  ? 3.177   11.651  11.829  1.00 22.96 ? 14  HIS A CG    1 
ATOM   91   N ND1   . HIS A 1 14  ? 1.989   12.174  12.298  1.00 19.60 ? 14  HIS A ND1   1 
ATOM   92   C CD2   . HIS A 1 14  ? 3.423   12.271  10.651  1.00 21.66 ? 14  HIS A CD2   1 
ATOM   93   C CE1   . HIS A 1 14  ? 1.546   13.076  11.443  1.00 23.78 ? 14  HIS A CE1   1 
ATOM   94   N NE2   . HIS A 1 14  ? 2.396   13.154  10.435  1.00 22.95 ? 14  HIS A NE2   1 
ATOM   95   N N     . GLN A 1 15  ? 4.746   6.990   12.004  1.00 19.20 ? 15  GLN A N     1 
ATOM   96   C CA    . GLN A 1 15  ? 5.493   5.865   12.560  1.00 22.09 ? 15  GLN A CA    1 
ATOM   97   C C     . GLN A 1 15  ? 6.175   5.093   11.431  1.00 22.92 ? 15  GLN A C     1 
ATOM   98   O O     . GLN A 1 15  ? 5.967   5.378   10.247  1.00 22.99 ? 15  GLN A O     1 
ATOM   99   C CB    . GLN A 1 15  ? 4.573   4.912   13.347  1.00 20.98 ? 15  GLN A CB    1 
ATOM   100  C CG    . GLN A 1 15  ? 3.547   4.197   12.473  1.00 22.52 ? 15  GLN A CG    1 
ATOM   101  C CD    . GLN A 1 15  ? 2.829   3.054   13.189  1.00 27.25 ? 15  GLN A CD    1 
ATOM   102  O OE1   . GLN A 1 15  ? 1.821   2.542   12.703  1.00 25.26 ? 15  GLN A OE1   1 
ATOM   103  N NE2   . GLN A 1 15  ? 3.360   2.640   14.336  1.00 29.03 ? 15  GLN A NE2   1 
ATOM   104  N N     . ARG A 1 16  ? 6.985   4.114   11.812  1.00 21.52 ? 16  ARG A N     1 
ATOM   105  C CA    . ARG A 1 16  ? 7.601   3.189   10.876  1.00 23.79 ? 16  ARG A CA    1 
ATOM   106  C C     . ARG A 1 16  ? 6.783   1.915   11.012  1.00 21.64 ? 16  ARG A C     1 
ATOM   107  O O     . ARG A 1 16  ? 6.396   1.554   12.122  1.00 18.21 ? 16  ARG A O     1 
ATOM   108  C CB    . ARG A 1 16  ? 9.051   2.933   11.300  1.00 26.44 ? 16  ARG A CB    1 
ATOM   109  C CG    . ARG A 1 16  ? 9.963   2.292   10.266  1.00 35.79 ? 16  ARG A CG    1 
ATOM   110  C CD    . ARG A 1 16  ? 10.695  3.359   9.424   1.00 37.82 ? 16  ARG A CD    1 
ATOM   111  N NE    . ARG A 1 16  ? 11.144  4.482   10.244  1.00 43.67 ? 16  ARG A NE    1 
ATOM   112  C CZ    . ARG A 1 16  ? 11.479  5.672   9.754   1.00 54.04 ? 16  ARG A CZ    1 
ATOM   113  N NH1   . ARG A 1 16  ? 11.415  5.886   8.441   1.00 46.26 ? 16  ARG A NH1   1 
ATOM   114  N NH2   . ARG A 1 16  ? 11.868  6.650   10.574  1.00 52.24 ? 16  ARG A NH2   1 
ATOM   115  N N     . CYS A 1 17  ? 6.501   1.240   9.905   1.00 16.84 ? 17  CYS A N     1 
ATOM   116  C CA    . CYS A 1 17  ? 5.753   -0.017  9.988   1.00 21.53 ? 17  CYS A CA    1 
ATOM   117  C C     . CYS A 1 17  ? 6.063   -0.968  8.840   1.00 20.15 ? 17  CYS A C     1 
ATOM   118  O O     . CYS A 1 17  ? 6.681   -0.574  7.837   1.00 19.13 ? 17  CYS A O     1 
ATOM   119  C CB    . CYS A 1 17  ? 4.246   0.256   10.028  1.00 21.98 ? 17  CYS A CB    1 
ATOM   120  S SG    . CYS A 1 17  ? 3.651   1.045   8.528   1.00 19.50 ? 17  CYS A SG    1 
ATOM   121  N N     . SER A 1 18  ? 5.649   -2.223  9.006   1.00 15.15 ? 18  SER A N     1 
ATOM   122  C CA    . SER A 1 18  ? 5.768   -3.225  7.958   1.00 17.98 ? 18  SER A CA    1 
ATOM   123  C C     . SER A 1 18  ? 4.460   -3.991  7.792   1.00 16.97 ? 18  SER A C     1 
ATOM   124  O O     . SER A 1 18  ? 3.758   -4.239  8.765   1.00 20.26 ? 18  SER A O     1 
ATOM   125  C CB    . SER A 1 18  ? 6.913   -4.190  8.248   1.00 19.74 ? 18  SER A CB    1 
ATOM   126  O OG    . SER A 1 18  ? 8.070   -3.489  8.636   1.00 19.21 ? 18  SER A OG    1 
ATOM   127  N N     . PHE A 1 19  ? 4.129   -4.351  6.556   1.00 17.51 ? 19  PHE A N     1 
ATOM   128  C CA    . PHE A 1 19  ? 2.874   -5.053  6.277   1.00 18.39 ? 19  PHE A CA    1 
ATOM   129  C C     . PHE A 1 19  ? 2.883   -5.806  4.957   1.00 16.95 ? 19  PHE A C     1 
ATOM   130  O O     . PHE A 1 19  ? 3.654   -5.501  4.049   1.00 21.44 ? 19  PHE A O     1 
ATOM   131  C CB    . PHE A 1 19  ? 1.699   -4.071  6.292   1.00 16.35 ? 19  PHE A CB    1 
ATOM   132  C CG    . PHE A 1 19  ? 1.882   -2.902  5.361   1.00 18.01 ? 19  PHE A CG    1 
ATOM   133  C CD1   . PHE A 1 19  ? 1.560   -3.011  4.018   1.00 16.55 ? 19  PHE A CD1   1 
ATOM   134  C CD2   . PHE A 1 19  ? 2.383   -1.697  5.826   1.00 19.15 ? 19  PHE A CD2   1 
ATOM   135  C CE1   . PHE A 1 19  ? 1.745   -1.940  3.154   1.00 19.51 ? 19  PHE A CE1   1 
ATOM   136  C CE2   . PHE A 1 19  ? 2.563   -0.622  4.967   1.00 17.44 ? 19  PHE A CE2   1 
ATOM   137  C CZ    . PHE A 1 19  ? 2.249   -0.750  3.633   1.00 18.30 ? 19  PHE A CZ    1 
ATOM   138  N N     . TYR A 1 20  ? 2.008   -6.795  4.867   1.00 19.31 ? 20  TYR A N     1 
ATOM   139  C CA    . TYR A 1 20  ? 1.712   -7.475  3.620   1.00 19.97 ? 20  TYR A CA    1 
ATOM   140  C C     . TYR A 1 20  ? 0.446   -6.849  3.049   1.00 20.16 ? 20  TYR A C     1 
ATOM   141  O O     . TYR A 1 20  ? -0.474  -6.559  3.801   1.00 17.12 ? 20  TYR A O     1 
ATOM   142  C CB    . TYR A 1 20  ? 1.443   -8.951  3.896   1.00 18.86 ? 20  TYR A CB    1 
ATOM   143  C CG    . TYR A 1 20  ? 2.673   -9.769  4.212   1.00 25.22 ? 20  TYR A CG    1 
ATOM   144  C CD1   . TYR A 1 20  ? 3.369   -10.425 3.201   1.00 23.76 ? 20  TYR A CD1   1 
ATOM   145  C CD2   . TYR A 1 20  ? 3.125   -9.910  5.515   1.00 26.48 ? 20  TYR A CD2   1 
ATOM   146  C CE1   . TYR A 1 20  ? 4.481   -11.178 3.470   1.00 22.60 ? 20  TYR A CE1   1 
ATOM   147  C CE2   . TYR A 1 20  ? 4.257   -10.674 5.801   1.00 29.60 ? 20  TYR A CE2   1 
ATOM   148  C CZ    . TYR A 1 20  ? 4.930   -11.299 4.764   1.00 31.15 ? 20  TYR A CZ    1 
ATOM   149  O OH    . TYR A 1 20  ? 6.043   -12.066 5.013   1.00 32.57 ? 20  TYR A OH    1 
ATOM   150  N N     . ALA A 1 21  ? 0.393   -6.651  1.733   1.00 16.83 ? 21  ALA A N     1 
ATOM   151  C CA    . ALA A 1 21  ? -0.790  -6.063  1.100   1.00 17.98 ? 21  ALA A CA    1 
ATOM   152  C C     . ALA A 1 21  ? -0.933  -6.492  -0.361  1.00 18.96 ? 21  ALA A C     1 
ATOM   153  O O     . ALA A 1 21  ? 0.017   -6.979  -0.961  1.00 20.33 ? 21  ALA A O     1 
ATOM   154  C CB    . ALA A 1 21  ? -0.747  -4.543  1.198   1.00 16.86 ? 21  ALA A CB    1 
ATOM   155  N N     . GLN A 1 22  ? -2.127  -6.320  -0.915  1.00 17.53 ? 22  GLN A N     1 
ATOM   156  C CA    . GLN A 1 22  ? -2.327  -6.490  -2.347  1.00 23.03 ? 22  GLN A CA    1 
ATOM   157  C C     . GLN A 1 22  ? -2.386  -5.140  -3.043  1.00 18.00 ? 22  GLN A C     1 
ATOM   158  O O     . GLN A 1 22  ? -3.055  -4.220  -2.564  1.00 21.01 ? 22  GLN A O     1 
ATOM   159  C CB    . GLN A 1 22  ? -3.598  -7.287  -2.664  1.00 17.74 ? 22  GLN A CB    1 
ATOM   160  C CG    . GLN A 1 22  ? -3.668  -7.665  -4.141  1.00 20.77 ? 22  GLN A CG    1 
ATOM   161  C CD    . GLN A 1 22  ? -4.790  -8.633  -4.456  1.00 23.60 ? 22  GLN A CD    1 
ATOM   162  O OE1   . GLN A 1 22  ? -5.787  -8.690  -3.746  1.00 20.84 ? 22  GLN A OE1   1 
ATOM   163  N NE2   . GLN A 1 22  ? -4.620  -9.411  -5.520  1.00 20.04 ? 22  GLN A NE2   1 
ATOM   164  N N     . VAL A 1 23  ? -1.680  -5.023  -4.163  1.00 16.98 ? 23  VAL A N     1 
ATOM   165  C CA    . VAL A 1 23  ? -1.703  -3.801  -4.971  1.00 16.10 ? 23  VAL A CA    1 
ATOM   166  C C     . VAL A 1 23  ? -2.992  -3.703  -5.796  1.00 16.74 ? 23  VAL A C     1 
ATOM   167  O O     . VAL A 1 23  ? -3.284  -4.570  -6.627  1.00 17.57 ? 23  VAL A O     1 
ATOM   168  C CB    . VAL A 1 23  ? -0.475  -3.731  -5.923  1.00 16.10 ? 23  VAL A CB    1 
ATOM   169  C CG1   . VAL A 1 23  ? -0.471  -2.419  -6.686  1.00 15.13 ? 23  VAL A CG1   1 
ATOM   170  C CG2   . VAL A 1 23  ? 0.819   -3.864  -5.136  1.00 14.93 ? 23  VAL A CG2   1 
ATOM   171  N N     . ILE A 1 24  ? -3.767  -2.654  -5.560  1.00 14.77 ? 24  ILE A N     1 
ATOM   172  C CA    . ILE A 1 24  ? -5.010  -2.457  -6.286  1.00 15.45 ? 24  ILE A CA    1 
ATOM   173  C C     . ILE A 1 24  ? -4.801  -1.560  -7.499  1.00 18.32 ? 24  ILE A C     1 
ATOM   174  O O     . ILE A 1 24  ? -5.310  -1.836  -8.577  1.00 15.41 ? 24  ILE A O     1 
ATOM   175  C CB    . ILE A 1 24  ? -6.098  -1.812  -5.413  1.00 17.89 ? 24  ILE A CB    1 
ATOM   176  C CG1   . ILE A 1 24  ? -6.393  -2.673  -4.175  1.00 18.03 ? 24  ILE A CG1   1 
ATOM   177  C CG2   . ILE A 1 24  ? -7.341  -1.588  -6.245  1.00 15.99 ? 24  ILE A CG2   1 
ATOM   178  C CD1   . ILE A 1 24  ? -6.854  -4.094  -4.498  1.00 19.77 ? 24  ILE A CD1   1 
ATOM   179  N N     . LYS A 1 25  ? -4.050  -0.480  -7.306  1.00 14.03 ? 25  LYS A N     1 
ATOM   180  C CA    . LYS A 1 25  ? -3.866  0.507   -8.355  1.00 15.49 ? 25  LYS A CA    1 
ATOM   181  C C     . LYS A 1 25  ? -2.436  1.024   -8.342  1.00 16.05 ? 25  LYS A C     1 
ATOM   182  O O     . LYS A 1 25  ? -1.834  1.223   -7.279  1.00 13.77 ? 25  LYS A O     1 
ATOM   183  C CB    . LYS A 1 25  ? -4.877  1.656   -8.178  1.00 15.76 ? 25  LYS A CB    1 
ATOM   184  C CG    . LYS A 1 25  ? -4.643  2.901   -9.042  1.00 19.58 ? 25  LYS A CG    1 
ATOM   185  C CD    . LYS A 1 25  ? -5.667  3.990   -8.666  1.00 15.99 ? 25  LYS A CD    1 
ATOM   186  C CE    . LYS A 1 25  ? -5.454  5.316   -9.437  1.00 23.82 ? 25  LYS A CE    1 
ATOM   187  N NZ    . LYS A 1 25  ? -5.775  5.222   -10.894 1.00 15.10 ? 25  LYS A NZ    1 
ATOM   188  N N     . THR A 1 26  ? -1.886  1.221   -9.529  1.00 16.90 ? 26  THR A N     1 
ATOM   189  C CA    . THR A 1 26  ? -0.580  1.852   -9.655  1.00 18.49 ? 26  THR A CA    1 
ATOM   190  C C     . THR A 1 26  ? -0.706  3.076   -10.564 1.00 16.67 ? 26  THR A C     1 
ATOM   191  O O     . THR A 1 26  ? -1.542  3.100   -11.471 1.00 13.53 ? 26  THR A O     1 
ATOM   192  C CB    . THR A 1 26  ? 0.461   0.886   -10.272 1.00 15.55 ? 26  THR A CB    1 
ATOM   193  O OG1   . THR A 1 26  ? 0.181   0.715   -11.662 1.00 15.87 ? 26  THR A OG1   1 
ATOM   194  C CG2   . THR A 1 26  ? 0.434   -0.465  -9.587  1.00 17.41 ? 26  THR A CG2   1 
ATOM   195  N N     . TRP A 1 27  ? 0.133   4.077   -10.321 1.00 13.85 ? 27  TRP A N     1 
ATOM   196  C CA    . TRP A 1 27  ? 0.184   5.268   -11.158 1.00 16.67 ? 27  TRP A CA    1 
ATOM   197  C C     . TRP A 1 27  ? 1.611   5.788   -11.210 1.00 15.90 ? 27  TRP A C     1 
ATOM   198  O O     . TRP A 1 27  ? 2.160   6.175   -10.184 1.00 12.04 ? 27  TRP A O     1 
ATOM   199  C CB    . TRP A 1 27  ? -0.739  6.369   -10.626 1.00 16.35 ? 27  TRP A CB    1 
ATOM   200  C CG    . TRP A 1 27  ? -0.719  7.596   -11.503 1.00 19.25 ? 27  TRP A CG    1 
ATOM   201  C CD1   . TRP A 1 27  ? 0.004   8.735   -11.302 1.00 20.48 ? 27  TRP A CD1   1 
ATOM   202  C CD2   . TRP A 1 27  ? -1.437  7.793   -12.736 1.00 19.47 ? 27  TRP A CD2   1 
ATOM   203  N NE1   . TRP A 1 27  ? -0.220  9.630   -12.329 1.00 17.40 ? 27  TRP A NE1   1 
ATOM   204  C CE2   . TRP A 1 27  ? -1.097  9.074   -13.219 1.00 20.37 ? 27  TRP A CE2   1 
ATOM   205  C CE3   . TRP A 1 27  ? -2.339  7.016   -13.469 1.00 19.49 ? 27  TRP A CE3   1 
ATOM   206  C CZ2   . TRP A 1 27  ? -1.625  9.591   -14.404 1.00 22.19 ? 27  TRP A CZ2   1 
ATOM   207  C CZ3   . TRP A 1 27  ? -2.865  7.533   -14.649 1.00 21.85 ? 27  TRP A CZ3   1 
ATOM   208  C CH2   . TRP A 1 27  ? -2.510  8.808   -15.099 1.00 21.36 ? 27  TRP A CH2   1 
ATOM   209  N N     . TYR A 1 28  ? 2.212   5.794   -12.399 1.00 15.13 ? 28  TYR A N     1 
ATOM   210  C CA    . TYR A 1 28  ? 3.537   6.383   -12.549 1.00 17.60 ? 28  TYR A CA    1 
ATOM   211  C C     . TYR A 1 28  ? 3.485   7.852   -12.981 1.00 21.83 ? 28  TYR A C     1 
ATOM   212  O O     . TYR A 1 28  ? 2.553   8.279   -13.672 1.00 17.82 ? 28  TYR A O     1 
ATOM   213  C CB    . TYR A 1 28  ? 4.427   5.566   -13.498 1.00 17.16 ? 28  TYR A CB    1 
ATOM   214  C CG    . TYR A 1 28  ? 3.945   5.477   -14.927 1.00 22.30 ? 28  TYR A CG    1 
ATOM   215  C CD1   . TYR A 1 28  ? 4.227   6.487   -15.849 1.00 21.07 ? 28  TYR A CD1   1 
ATOM   216  C CD2   . TYR A 1 28  ? 3.226   4.368   -15.364 1.00 20.68 ? 28  TYR A CD2   1 
ATOM   217  C CE1   . TYR A 1 28  ? 3.784   6.397   -17.166 1.00 22.47 ? 28  TYR A CE1   1 
ATOM   218  C CE2   . TYR A 1 28  ? 2.775   4.272   -16.670 1.00 24.00 ? 28  TYR A CE2   1 
ATOM   219  C CZ    . TYR A 1 28  ? 3.057   5.285   -17.568 1.00 26.07 ? 28  TYR A CZ    1 
ATOM   220  O OH    . TYR A 1 28  ? 2.597   5.174   -18.862 1.00 26.74 ? 28  TYR A OH    1 
ATOM   221  N N     . SER A 1 29  ? 4.476   8.622   -12.530 1.00 18.46 ? 29  SER A N     1 
ATOM   222  C CA    . SER A 1 29  ? 4.734   9.946   -13.073 1.00 23.84 ? 29  SER A CA    1 
ATOM   223  C C     . SER A 1 29  ? 6.237   10.066  -13.317 1.00 23.15 ? 29  SER A C     1 
ATOM   224  O O     . SER A 1 29  ? 6.988   9.133   -13.020 1.00 21.88 ? 29  SER A O     1 
ATOM   225  C CB    . SER A 1 29  ? 4.259   11.039  -12.117 1.00 22.50 ? 29  SER A CB    1 
ATOM   226  O OG    . SER A 1 29  ? 5.146   11.182  -11.021 1.00 20.56 ? 29  SER A OG    1 
ATOM   227  N N     . ASP A 1 30  ? 6.692   11.202  -13.838 1.00 22.03 ? 30  ASP A N     1 
ATOM   228  C CA    . ASP A 1 30  ? 8.138   11.382  -13.979 1.00 25.53 ? 30  ASP A CA    1 
ATOM   229  C C     . ASP A 1 30  ? 8.795   11.867  -12.689 1.00 29.91 ? 30  ASP A C     1 
ATOM   230  O O     . ASP A 1 30  ? 9.999   12.143  -12.659 1.00 28.12 ? 30  ASP A O     1 
ATOM   231  C CB    . ASP A 1 30  ? 8.506   12.273  -15.163 1.00 28.51 ? 30  ASP A CB    1 
ATOM   232  C CG    . ASP A 1 30  ? 7.778   13.589  -15.154 1.00 39.08 ? 30  ASP A CG    1 
ATOM   233  O OD1   . ASP A 1 30  ? 7.291   14.003  -14.076 1.00 32.38 ? 30  ASP A OD1   1 
ATOM   234  O OD2   . ASP A 1 30  ? 7.697   14.208  -16.240 1.00 47.51 ? 30  ASP A OD2   1 
ATOM   235  N N     . LYS A 1 31  ? 8.007   11.941  -11.619 1.00 22.19 ? 31  LYS A N     1 
ATOM   236  C CA    . LYS A 1 31  ? 8.531   12.341  -10.319 1.00 22.45 ? 31  LYS A CA    1 
ATOM   237  C C     . LYS A 1 31  ? 8.563   11.185  -9.317  1.00 17.49 ? 31  LYS A C     1 
ATOM   238  O O     . LYS A 1 31  ? 9.425   11.140  -8.451  1.00 16.42 ? 31  LYS A O     1 
ATOM   239  C CB    . LYS A 1 31  ? 7.715   13.501  -9.753  1.00 26.08 ? 31  LYS A CB    1 
ATOM   240  C CG    . LYS A 1 31  ? 7.714   14.763  -10.633 1.00 30.64 ? 31  LYS A CG    1 
ATOM   241  C CD    . LYS A 1 31  ? 8.953   15.621  -10.409 1.00 37.50 ? 31  LYS A CD    1 
ATOM   242  C CE    . LYS A 1 31  ? 8.969   16.853  -11.327 1.00 44.60 ? 31  LYS A CE    1 
ATOM   243  N NZ    . LYS A 1 31  ? 9.222   16.493  -12.764 1.00 42.67 ? 31  LYS A NZ    1 
ATOM   244  N N     . ASN A 1 32  ? 7.592   10.282  -9.410  1.00 19.25 ? 32  ASN A N     1 
ATOM   245  C CA    . ASN A 1 32  ? 7.501   9.149   -8.487  1.00 20.05 ? 32  ASN A CA    1 
ATOM   246  C C     . ASN A 1 32  ? 6.676   7.998   -9.052  1.00 19.07 ? 32  ASN A C     1 
ATOM   247  O O     . ASN A 1 32  ? 6.258   8.037   -10.208 1.00 19.23 ? 32  ASN A O     1 
ATOM   248  C CB    . ASN A 1 32  ? 6.955   9.589   -7.112  1.00 17.30 ? 32  ASN A CB    1 
ATOM   249  C CG    . ASN A 1 32  ? 5.616   10.337  -7.209  1.00 21.38 ? 32  ASN A CG    1 
ATOM   250  O OD1   . ASN A 1 32  ? 4.759   10.015  -8.038  1.00 20.18 ? 32  ASN A OD1   1 
ATOM   251  N ND2   . ASN A 1 32  ? 5.448   11.350  -6.368  1.00 18.81 ? 32  ASN A ND2   1 
ATOM   252  N N     . PHE A 1 33  ? 6.484   6.970   -8.229  1.00 17.87 ? 33  PHE A N     1 
ATOM   253  C CA    . PHE A 1 33  ? 5.602   5.846   -8.530  1.00 17.99 ? 33  PHE A CA    1 
ATOM   254  C C     . PHE A 1 33  ? 4.673   5.684   -7.334  1.00 17.41 ? 33  PHE A C     1 
ATOM   255  O O     . PHE A 1 33  ? 5.119   5.686   -6.186  1.00 15.05 ? 33  PHE A O     1 
ATOM   256  C CB    . PHE A 1 33  ? 6.394   4.550   -8.736  1.00 15.11 ? 33  PHE A CB    1 
ATOM   257  C CG    . PHE A 1 33  ? 5.576   3.422   -9.340  1.00 18.45 ? 33  PHE A CG    1 
ATOM   258  C CD1   . PHE A 1 33  ? 4.852   3.623   -10.511 1.00 16.40 ? 33  PHE A CD1   1 
ATOM   259  C CD2   . PHE A 1 33  ? 5.542   2.174   -8.748  1.00 14.83 ? 33  PHE A CD2   1 
ATOM   260  C CE1   . PHE A 1 33  ? 4.117   2.592   -11.076 1.00 16.60 ? 33  PHE A CE1   1 
ATOM   261  C CE2   . PHE A 1 33  ? 4.807   1.145   -9.300  1.00 16.24 ? 33  PHE A CE2   1 
ATOM   262  C CZ    . PHE A 1 33  ? 4.095   1.348   -10.460 1.00 15.52 ? 33  PHE A CZ    1 
ATOM   263  N N     . THR A 1 34  ? 3.380   5.563   -7.596  1.00 17.43 ? 34  THR A N     1 
ATOM   264  C CA    . THR A 1 34  ? 2.404   5.513   -6.514  1.00 13.93 ? 34  THR A CA    1 
ATOM   265  C C     . THR A 1 34  ? 1.634   4.199   -6.583  1.00 16.61 ? 34  THR A C     1 
ATOM   266  O O     . THR A 1 34  ? 1.184   3.786   -7.654  1.00 17.01 ? 34  THR A O     1 
ATOM   267  C CB    . THR A 1 34  ? 1.400   6.673   -6.611  1.00 15.22 ? 34  THR A CB    1 
ATOM   268  O OG1   . THR A 1 34  ? 2.091   7.915   -6.473  1.00 16.03 ? 34  THR A OG1   1 
ATOM   269  C CG2   . THR A 1 34  ? 0.344   6.572   -5.504  1.00 15.92 ? 34  THR A CG2   1 
ATOM   270  N N     . LEU A 1 35  ? 1.504   3.543   -5.438  1.00 13.80 ? 35  LEU A N     1 
ATOM   271  C CA    . LEU A 1 35  ? 0.655   2.375   -5.310  1.00 14.91 ? 35  LEU A CA    1 
ATOM   272  C C     . LEU A 1 35  ? -0.515  2.702   -4.379  1.00 15.95 ? 35  LEU A C     1 
ATOM   273  O O     . LEU A 1 35  ? -0.404  3.561   -3.486  1.00 16.42 ? 35  LEU A O     1 
ATOM   274  C CB    . LEU A 1 35  ? 1.443   1.214   -4.693  1.00 16.08 ? 35  LEU A CB    1 
ATOM   275  C CG    . LEU A 1 35  ? 2.905   1.069   -5.095  1.00 15.65 ? 35  LEU A CG    1 
ATOM   276  C CD1   . LEU A 1 35  ? 3.612   0.111   -4.142  1.00 15.36 ? 35  LEU A CD1   1 
ATOM   277  C CD2   . LEU A 1 35  ? 2.982   0.596   -6.527  1.00 18.23 ? 35  LEU A CD2   1 
ATOM   278  N N     . TYR A 1 36  ? -1.623  2.010   -4.597  1.00 12.27 ? 36  TYR A N     1 
ATOM   279  C CA    . TYR A 1 36  ? -2.716  1.954   -3.641  1.00 15.41 ? 36  TYR A CA    1 
ATOM   280  C C     . TYR A 1 36  ? -2.859  0.494   -3.286  1.00 14.75 ? 36  TYR A C     1 
ATOM   281  O O     . TYR A 1 36  ? -3.073  -0.340  -4.172  1.00 15.33 ? 36  TYR A O     1 
ATOM   282  C CB    . TYR A 1 36  ? -4.007  2.508   -4.258  1.00 16.10 ? 36  TYR A CB    1 
ATOM   283  C CG    . TYR A 1 36  ? -3.869  3.975   -4.643  1.00 18.83 ? 36  TYR A CG    1 
ATOM   284  C CD1   . TYR A 1 36  ? -3.184  4.350   -5.802  1.00 15.45 ? 36  TYR A CD1   1 
ATOM   285  C CD2   . TYR A 1 36  ? -4.401  4.982   -3.843  1.00 17.98 ? 36  TYR A CD2   1 
ATOM   286  C CE1   . TYR A 1 36  ? -3.036  5.686   -6.153  1.00 17.97 ? 36  TYR A CE1   1 
ATOM   287  C CE2   . TYR A 1 36  ? -4.252  6.328   -4.185  1.00 22.10 ? 36  TYR A CE2   1 
ATOM   288  C CZ    . TYR A 1 36  ? -3.572  6.672   -5.342  1.00 23.74 ? 36  TYR A CZ    1 
ATOM   289  O OH    . TYR A 1 36  ? -3.429  8.004   -5.687  1.00 28.35 ? 36  TYR A OH    1 
ATOM   290  N N     . VAL A 1 37  ? -2.688  0.182   -2.005  1.00 12.66 ? 37  VAL A N     1 
ATOM   291  C CA    . VAL A 1 37  ? -2.678  -1.205  -1.541  1.00 15.48 ? 37  VAL A CA    1 
ATOM   292  C C     . VAL A 1 37  ? -3.691  -1.448  -0.414  1.00 17.43 ? 37  VAL A C     1 
ATOM   293  O O     . VAL A 1 37  ? -4.001  -0.537  0.353   1.00 18.41 ? 37  VAL A O     1 
ATOM   294  C CB    . VAL A 1 37  ? -1.272  -1.624  -1.066  1.00 14.86 ? 37  VAL A CB    1 
ATOM   295  C CG1   . VAL A 1 37  ? -0.234  -1.310  -2.137  1.00 12.58 ? 37  VAL A CG1   1 
ATOM   296  C CG2   . VAL A 1 37  ? -0.914  -0.909  0.253   1.00 16.00 ? 37  VAL A CG2   1 
ATOM   297  N N     . THR A 1 38  ? -4.196  -2.678  -0.318  1.00 19.24 ? 38  THR A N     1 
ATOM   298  C CA    . THR A 1 38  ? -5.141  -3.062  0.732   1.00 18.52 ? 38  THR A CA    1 
ATOM   299  C C     . THR A 1 38  ? -4.726  -4.388  1.372   1.00 19.02 ? 38  THR A C     1 
ATOM   300  O O     . THR A 1 38  ? -4.128  -5.233  0.704   1.00 19.06 ? 38  THR A O     1 
ATOM   301  C CB    . THR A 1 38  ? -6.575  -3.249  0.157   1.00 20.20 ? 38  THR A CB    1 
ATOM   302  O OG1   . THR A 1 38  ? -7.510  -3.521  1.217   1.00 16.74 ? 38  THR A OG1   1 
ATOM   303  C CG2   . THR A 1 38  ? -6.598  -4.404  -0.834  1.00 20.41 ? 38  THR A CG2   1 
ATOM   304  N N     . ASP A 1 39  ? -5.053  -4.587  2.648   1.00 16.29 ? 39  ASP A N     1 
ATOM   305  C CA    . ASP A 1 39  ? -5.012  -5.948  3.191   1.00 20.94 ? 39  ASP A CA    1 
ATOM   306  C C     . ASP A 1 39  ? -6.423  -6.371  3.602   1.00 21.26 ? 39  ASP A C     1 
ATOM   307  O O     . ASP A 1 39  ? -6.616  -7.334  4.347   1.00 21.20 ? 39  ASP A O     1 
ATOM   308  C CB    . ASP A 1 39  ? -3.970  -6.132  4.323   1.00 17.21 ? 39  ASP A CB    1 
ATOM   309  C CG    . ASP A 1 39  ? -4.348  -5.399  5.607   1.00 19.22 ? 39  ASP A CG    1 
ATOM   310  O OD1   . ASP A 1 39  ? -5.409  -4.757  5.634   1.00 17.75 ? 39  ASP A OD1   1 
ATOM   311  O OD2   . ASP A 1 39  ? -3.584  -5.470  6.593   1.00 17.68 ? 39  ASP A OD2   1 
ATOM   312  N N     . TYR A 1 40  ? -7.407  -5.644  3.080   1.00 19.53 ? 40  TYR A N     1 
ATOM   313  C CA    . TYR A 1 40  ? -8.813  -5.852  3.416   1.00 19.30 ? 40  TYR A CA    1 
ATOM   314  C C     . TYR A 1 40  ? -9.118  -5.753  4.911   1.00 24.05 ? 40  TYR A C     1 
ATOM   315  O O     . TYR A 1 40  ? -9.940  -6.501  5.438   1.00 24.69 ? 40  TYR A O     1 
ATOM   316  C CB    . TYR A 1 40  ? -9.345  -7.156  2.801   1.00 21.64 ? 40  TYR A CB    1 
ATOM   317  C CG    . TYR A 1 40  ? -9.216  -7.130  1.296   1.00 25.46 ? 40  TYR A CG    1 
ATOM   318  C CD1   . TYR A 1 40  ? -10.202 -6.545  0.510   1.00 25.81 ? 40  TYR A CD1   1 
ATOM   319  C CD2   . TYR A 1 40  ? -8.085  -7.641  0.661   1.00 24.63 ? 40  TYR A CD2   1 
ATOM   320  C CE1   . TYR A 1 40  ? -10.086 -6.488  -0.860  1.00 23.82 ? 40  TYR A CE1   1 
ATOM   321  C CE2   . TYR A 1 40  ? -7.958  -7.590  -0.722  1.00 25.73 ? 40  TYR A CE2   1 
ATOM   322  C CZ    . TYR A 1 40  ? -8.968  -7.006  -1.474  1.00 30.03 ? 40  TYR A CZ    1 
ATOM   323  O OH    . TYR A 1 40  ? -8.871  -6.935  -2.849  1.00 33.68 ? 40  TYR A OH    1 
ATOM   324  N N     . THR A 1 41  ? -8.456  -4.812  5.581   1.00 22.06 ? 41  THR A N     1 
ATOM   325  C CA    . THR A 1 41  ? -8.855  -4.398  6.926   1.00 20.56 ? 41  THR A CA    1 
ATOM   326  C C     . THR A 1 41  ? -9.056  -2.883  6.914   1.00 17.84 ? 41  THR A C     1 
ATOM   327  O O     . THR A 1 41  ? -8.421  -2.180  6.140   1.00 19.13 ? 41  THR A O     1 
ATOM   328  C CB    . THR A 1 41  ? -7.806  -4.760  7.987   1.00 22.10 ? 41  THR A CB    1 
ATOM   329  O OG1   . THR A 1 41  ? -6.615  -3.998  7.753   1.00 20.38 ? 41  THR A OG1   1 
ATOM   330  C CG2   . THR A 1 41  ? -7.485  -6.246  7.957   1.00 21.09 ? 41  THR A CG2   1 
ATOM   331  N N     . GLU A 1 42  ? -9.929  -2.379  7.777   1.00 17.19 ? 42  GLU A N     1 
ATOM   332  C CA    . GLU A 1 42  ? -10.368 -0.991  7.698   1.00 18.18 ? 42  GLU A CA    1 
ATOM   333  C C     . GLU A 1 42  ? -9.516  -0.075  8.566   1.00 19.33 ? 42  GLU A C     1 
ATOM   334  O O     . GLU A 1 42  ? -9.074  -0.471  9.633   1.00 20.09 ? 42  GLU A O     1 
ATOM   335  C CB    . GLU A 1 42  ? -11.849 -0.883  8.094   1.00 20.46 ? 42  GLU A CB    1 
ATOM   336  C CG    . GLU A 1 42  ? -12.522 0.463   7.794   1.00 18.47 ? 42  GLU A CG    1 
ATOM   337  C CD    . GLU A 1 42  ? -12.429 1.461   8.957   1.00 21.25 ? 42  GLU A CD    1 
ATOM   338  O OE1   . GLU A 1 42  ? -11.912 1.082   10.025  1.00 23.40 ? 42  GLU A OE1   1 
ATOM   339  O OE2   . GLU A 1 42  ? -12.872 2.622   8.804   1.00 18.48 ? 42  GLU A OE2   1 
ATOM   340  N N     . ASN A 1 43  ? -9.300  1.152   8.098   1.00 16.21 ? 43  ASN A N     1 
ATOM   341  C CA    . ASN A 1 43  ? -8.624  2.183   8.875   1.00 17.82 ? 43  ASN A CA    1 
ATOM   342  C C     . ASN A 1 43  ? -9.369  3.507   8.707   1.00 17.64 ? 43  ASN A C     1 
ATOM   343  O O     . ASN A 1 43  ? -9.576  3.970   7.581   1.00 14.91 ? 43  ASN A O     1 
ATOM   344  C CB    . ASN A 1 43  ? -7.154  2.328   8.429   1.00 16.72 ? 43  ASN A CB    1 
ATOM   345  C CG    . ASN A 1 43  ? -6.322  3.179   9.390   1.00 17.99 ? 43  ASN A CG    1 
ATOM   346  O OD1   . ASN A 1 43  ? -6.659  4.330   9.663   1.00 17.38 ? 43  ASN A OD1   1 
ATOM   347  N ND2   . ASN A 1 43  ? -5.228  2.612   9.902   1.00 15.71 ? 43  ASN A ND2   1 
ATOM   348  N N     . GLU A 1 44  ? -9.764  4.112   9.825   1.00 19.62 ? 44  GLU A N     1 
ATOM   349  C CA    . GLU A 1 44  ? -10.545 5.345   9.811   1.00 18.04 ? 44  GLU A CA    1 
ATOM   350  C C     . GLU A 1 44  ? -9.856  6.508   9.090   1.00 19.44 ? 44  GLU A C     1 
ATOM   351  O O     . GLU A 1 44  ? -10.507 7.464   8.661   1.00 17.35 ? 44  GLU A O     1 
ATOM   352  C CB    . GLU A 1 44  ? -10.896 5.760   11.240  1.00 24.04 ? 44  GLU A CB    1 
ATOM   353  C CG    . GLU A 1 44  ? -11.811 4.779   11.963  1.00 25.33 ? 44  GLU A CG    1 
ATOM   354  C CD    . GLU A 1 44  ? -13.238 4.801   11.432  1.00 25.62 ? 44  GLU A CD    1 
ATOM   355  O OE1   . GLU A 1 44  ? -13.994 5.734   11.777  1.00 33.09 ? 44  GLU A OE1   1 
ATOM   356  O OE2   . GLU A 1 44  ? -13.605 3.882   10.677  1.00 25.79 ? 44  GLU A OE2   1 
ATOM   357  N N     . LEU A 1 45  ? -8.539  6.432   8.955   1.00 17.99 ? 45  LEU A N     1 
ATOM   358  C CA    . LEU A 1 45  ? -7.814  7.502   8.279   1.00 15.43 ? 45  LEU A CA    1 
ATOM   359  C C     . LEU A 1 45  ? -7.598  7.229   6.783   1.00 16.62 ? 45  LEU A C     1 
ATOM   360  O O     . LEU A 1 45  ? -6.968  8.028   6.094   1.00 18.30 ? 45  LEU A O     1 
ATOM   361  C CB    . LEU A 1 45  ? -6.487  7.782   8.985   1.00 17.05 ? 45  LEU A CB    1 
ATOM   362  C CG    . LEU A 1 45  ? -6.617  8.014   10.494  1.00 23.16 ? 45  LEU A CG    1 
ATOM   363  C CD1   . LEU A 1 45  ? -5.258  8.379   11.082  1.00 22.01 ? 45  LEU A CD1   1 
ATOM   364  C CD2   . LEU A 1 45  ? -7.645  9.116   10.784  1.00 23.47 ? 45  LEU A CD2   1 
ATOM   365  N N     . PHE A 1 46  ? -8.130  6.118   6.281   1.00 12.40 ? 46  PHE A N     1 
ATOM   366  C CA    . PHE A 1 46  ? -8.101  5.846   4.842   1.00 15.83 ? 46  PHE A CA    1 
ATOM   367  C C     . PHE A 1 46  ? -9.258  6.589   4.149   1.00 20.91 ? 46  PHE A C     1 
ATOM   368  O O     . PHE A 1 46  ? -10.281 6.892   4.777   1.00 18.83 ? 46  PHE A O     1 
ATOM   369  C CB    . PHE A 1 46  ? -8.222  4.330   4.547   1.00 16.94 ? 46  PHE A CB    1 
ATOM   370  C CG    . PHE A 1 46  ? -7.030  3.496   4.992   1.00 13.45 ? 46  PHE A CG    1 
ATOM   371  C CD1   . PHE A 1 46  ? -5.874  4.085   5.486   1.00 16.86 ? 46  PHE A CD1   1 
ATOM   372  C CD2   . PHE A 1 46  ? -7.079  2.108   4.906   1.00 14.26 ? 46  PHE A CD2   1 
ATOM   373  C CE1   . PHE A 1 46  ? -4.781  3.300   5.899   1.00 16.04 ? 46  PHE A CE1   1 
ATOM   374  C CE2   . PHE A 1 46  ? -5.991  1.324   5.301   1.00 15.30 ? 46  PHE A CE2   1 
ATOM   375  C CZ    . PHE A 1 46  ? -4.848  1.921   5.803   1.00 11.58 ? 46  PHE A CZ    1 
ATOM   376  N N     . PHE A 1 47  ? -9.110  6.871   2.860   1.00 17.55 ? 47  PHE A N     1 
ATOM   377  C CA    . PHE A 1 47  ? -10.179 7.532   2.117   1.00 17.72 ? 47  PHE A CA    1 
ATOM   378  C C     . PHE A 1 47  ? -11.323 6.558   1.880   1.00 18.57 ? 47  PHE A C     1 
ATOM   379  O O     . PHE A 1 47  ? -11.092 5.374   1.608   1.00 18.36 ? 47  PHE A O     1 
ATOM   380  C CB    . PHE A 1 47  ? -9.650  8.053   0.786   1.00 17.29 ? 47  PHE A CB    1 
ATOM   381  C CG    . PHE A 1 47  ? -10.632 8.911   0.018   1.00 21.75 ? 47  PHE A CG    1 
ATOM   382  C CD1   . PHE A 1 47  ? -11.422 8.364   -0.986  1.00 19.31 ? 47  PHE A CD1   1 
ATOM   383  C CD2   . PHE A 1 47  ? -10.733 10.272  0.270   1.00 21.42 ? 47  PHE A CD2   1 
ATOM   384  C CE1   . PHE A 1 47  ? -12.295 9.151   -1.703  1.00 21.04 ? 47  PHE A CE1   1 
ATOM   385  C CE2   . PHE A 1 47  ? -11.617 11.068  -0.447  1.00 23.36 ? 47  PHE A CE2   1 
ATOM   386  C CZ    . PHE A 1 47  ? -12.394 10.510  -1.431  1.00 24.51 ? 47  PHE A CZ    1 
ATOM   387  N N     . PRO A 1 48  ? -12.567 7.044   2.011   1.00 17.02 ? 48  PRO A N     1 
ATOM   388  C CA    . PRO A 1 48  ? -13.732 6.199   1.734   1.00 16.34 ? 48  PRO A CA    1 
ATOM   389  C C     . PRO A 1 48  ? -14.005 6.125   0.237   1.00 20.21 ? 48  PRO A C     1 
ATOM   390  O O     . PRO A 1 48  ? -14.758 6.951   -0.285  1.00 21.86 ? 48  PRO A O     1 
ATOM   391  C CB    . PRO A 1 48  ? -14.878 6.907   2.481   1.00 18.87 ? 48  PRO A CB    1 
ATOM   392  C CG    . PRO A 1 48  ? -14.459 8.375   2.527   1.00 20.60 ? 48  PRO A CG    1 
ATOM   393  C CD    . PRO A 1 48  ? -12.927 8.357   2.583   1.00 17.27 ? 48  PRO A CD    1 
ATOM   394  N N     . MET A 1 49  ? -13.391 5.148   -0.440  1.00 19.22 ? 49  MET A N     1 
ATOM   395  C CA    . MET A 1 49  ? -13.591 4.952   -1.876  1.00 18.06 ? 49  MET A CA    1 
ATOM   396  C C     . MET A 1 49  ? -15.062 4.698   -2.216  1.00 19.56 ? 49  MET A C     1 
ATOM   397  O O     . MET A 1 49  ? -15.694 3.819   -1.631  1.00 16.97 ? 49  MET A O     1 
ATOM   398  C CB    . MET A 1 49  ? -12.727 3.795   -2.396  1.00 16.78 ? 49  MET A CB    1 
ATOM   399  C CG    . MET A 1 49  ? -11.240 4.083   -2.381  1.00 16.24 ? 49  MET A CG    1 
ATOM   400  S SD    . MET A 1 49  ? -10.856 5.541   -3.376  1.00 22.18 ? 49  MET A SD    1 
ATOM   401  C CE    . MET A 1 49  ? -11.236 4.943   -5.027  1.00 21.11 ? 49  MET A CE    1 
ATOM   402  N N     . SER A 1 50  ? -15.594 5.474   -3.157  1.00 17.25 ? 50  SER A N     1 
ATOM   403  C CA    . SER A 1 50  ? -16.993 5.360   -3.568  1.00 19.20 ? 50  SER A CA    1 
ATOM   404  C C     . SER A 1 50  ? -17.189 4.447   -4.767  1.00 21.66 ? 50  SER A C     1 
ATOM   405  O O     . SER A 1 50  ? -16.427 4.521   -5.722  1.00 19.11 ? 50  SER A O     1 
ATOM   406  C CB    . SER A 1 50  ? -17.559 6.735   -3.916  1.00 21.08 ? 50  SER A CB    1 
ATOM   407  O OG    . SER A 1 50  ? -18.885 6.614   -4.408  1.00 21.56 ? 50  SER A OG    1 
ATOM   408  N N     . PRO A 1 51  ? -18.227 3.586   -4.725  1.00 20.87 ? 51  PRO A N     1 
ATOM   409  C CA    . PRO A 1 51  ? -18.610 2.800   -5.896  1.00 16.67 ? 51  PRO A CA    1 
ATOM   410  C C     . PRO A 1 51  ? -19.529 3.579   -6.828  1.00 20.73 ? 51  PRO A C     1 
ATOM   411  O O     . PRO A 1 51  ? -19.906 3.055   -7.869  1.00 17.62 ? 51  PRO A O     1 
ATOM   412  C CB    . PRO A 1 51  ? -19.397 1.640   -5.282  1.00 18.25 ? 51  PRO A CB    1 
ATOM   413  C CG    . PRO A 1 51  ? -20.071 2.270   -4.145  1.00 20.55 ? 51  PRO A CG    1 
ATOM   414  C CD    . PRO A 1 51  ? -19.048 3.228   -3.555  1.00 19.90 ? 51  PRO A CD    1 
ATOM   415  N N     . TYR A 1 52  ? -19.896 4.803   -6.451  1.00 24.74 ? 52  TYR A N     1 
ATOM   416  C CA    . TYR A 1 52  ? -20.833 5.591   -7.259  1.00 25.37 ? 52  TYR A CA    1 
ATOM   417  C C     . TYR A 1 52  ? -20.134 6.535   -8.245  1.00 29.88 ? 52  TYR A C     1 
ATOM   418  O O     . TYR A 1 52  ? -20.784 7.312   -8.941  1.00 29.70 ? 52  TYR A O     1 
ATOM   419  C CB    . TYR A 1 52  ? -21.773 6.391   -6.355  1.00 20.01 ? 52  TYR A CB    1 
ATOM   420  C CG    . TYR A 1 52  ? -22.390 5.555   -5.251  1.00 23.90 ? 52  TYR A CG    1 
ATOM   421  C CD1   . TYR A 1 52  ? -23.138 4.424   -5.552  1.00 22.85 ? 52  TYR A CD1   1 
ATOM   422  C CD2   . TYR A 1 52  ? -22.222 5.892   -3.917  1.00 21.08 ? 52  TYR A CD2   1 
ATOM   423  C CE1   . TYR A 1 52  ? -23.690 3.648   -4.554  1.00 23.49 ? 52  TYR A CE1   1 
ATOM   424  C CE2   . TYR A 1 52  ? -22.778 5.120   -2.907  1.00 22.94 ? 52  TYR A CE2   1 
ATOM   425  C CZ    . TYR A 1 52  ? -23.504 3.996   -3.235  1.00 20.09 ? 52  TYR A CZ    1 
ATOM   426  O OH    . TYR A 1 52  ? -24.060 3.211   -2.250  1.00 19.75 ? 52  TYR A OH    1 
ATOM   427  N N     . THR A 1 53  ? -18.811 6.484   -8.306  1.00 27.16 ? 53  THR A N     1 
ATOM   428  C CA    . THR A 1 53  ? -18.101 7.463   -9.118  1.00 37.39 ? 53  THR A CA    1 
ATOM   429  C C     . THR A 1 53  ? -18.395 7.279   -10.598 1.00 39.01 ? 53  THR A C     1 
ATOM   430  O O     . THR A 1 53  ? -18.376 6.158   -11.105 1.00 34.54 ? 53  THR A O     1 
ATOM   431  C CB    . THR A 1 53  ? -16.579 7.430   -8.888  1.00 30.76 ? 53  THR A CB    1 
ATOM   432  O OG1   . THR A 1 53  ? -16.299 7.792   -7.532  1.00 26.57 ? 53  THR A OG1   1 
ATOM   433  C CG2   . THR A 1 53  ? -15.892 8.430   -9.807  1.00 36.47 ? 53  THR A CG2   1 
ATOM   434  N N     . SER A 1 54  ? -18.681 8.388   -11.275 1.00 40.39 ? 54  SER A N     1 
ATOM   435  C CA    . SER A 1 54  ? -18.767 8.399   -12.731 1.00 45.61 ? 54  SER A CA    1 
ATOM   436  C C     . SER A 1 54  ? -17.365 8.320   -13.317 1.00 49.56 ? 54  SER A C     1 
ATOM   437  O O     . SER A 1 54  ? -16.557 9.239   -13.156 1.00 51.00 ? 54  SER A O     1 
ATOM   438  C CB    . SER A 1 54  ? -19.455 9.670   -13.222 1.00 40.63 ? 54  SER A CB    1 
ATOM   439  O OG    . SER A 1 54  ? -20.835 9.647   -12.914 1.00 54.15 ? 54  SER A OG    1 
ATOM   440  N N     . SER A 1 55  ? -17.085 7.220   -14.002 1.00 43.97 ? 55  SER A N     1 
ATOM   441  C CA    . SER A 1 55  ? -15.771 6.988   -14.577 1.00 42.55 ? 55  SER A CA    1 
ATOM   442  C C     . SER A 1 55  ? -14.723 6.761   -13.494 1.00 40.30 ? 55  SER A C     1 
ATOM   443  O O     . SER A 1 55  ? -14.227 7.697   -12.845 1.00 32.48 ? 55  SER A O     1 
ATOM   444  C CB    . SER A 1 55  ? -15.355 8.133   -15.501 1.00 43.90 ? 55  SER A CB    1 
ATOM   445  O OG    . SER A 1 55  ? -14.283 7.726   -16.329 1.00 43.53 ? 55  SER A OG    1 
ATOM   446  N N     . SER A 1 56  ? -14.431 5.484   -13.292 1.00 37.62 ? 56  SER A N     1 
ATOM   447  C CA    . SER A 1 56  ? -13.327 5.046   -12.463 1.00 32.63 ? 56  SER A CA    1 
ATOM   448  C C     . SER A 1 56  ? -13.005 3.636   -12.895 1.00 30.74 ? 56  SER A C     1 
ATOM   449  O O     . SER A 1 56  ? -13.907 2.842   -13.160 1.00 33.71 ? 56  SER A O     1 
ATOM   450  C CB    . SER A 1 56  ? -13.696 5.061   -10.985 1.00 28.22 ? 56  SER A CB    1 
ATOM   451  O OG    . SER A 1 56  ? -12.647 4.508   -10.209 1.00 30.15 ? 56  SER A OG    1 
ATOM   452  N N     . ARG A 1 57  ? -11.714 3.346   -12.988 1.00 27.86 ? 57  ARG A N     1 
ATOM   453  C CA    . ARG A 1 57  ? -11.222 1.995   -13.190 1.00 25.38 ? 57  ARG A CA    1 
ATOM   454  C C     . ARG A 1 57  ? -11.080 1.247   -11.859 1.00 28.84 ? 57  ARG A C     1 
ATOM   455  O O     . ARG A 1 57  ? -10.732 0.067   -11.838 1.00 29.27 ? 57  ARG A O     1 
ATOM   456  C CB    . ARG A 1 57  ? -9.869  2.060   -13.889 1.00 29.29 ? 57  ARG A CB    1 
ATOM   457  C CG    . ARG A 1 57  ? -9.941  2.767   -15.212 1.00 30.22 ? 57  ARG A CG    1 
ATOM   458  C CD    . ARG A 1 57  ? -10.315 1.786   -16.301 1.00 35.08 ? 57  ARG A CD    1 
ATOM   459  N NE    . ARG A 1 57  ? -9.114  1.301   -16.974 1.00 41.03 ? 57  ARG A NE    1 
ATOM   460  C CZ    . ARG A 1 57  ? -8.589  1.873   -18.054 1.00 36.93 ? 57  ARG A CZ    1 
ATOM   461  N NH1   . ARG A 1 57  ? -9.168  2.941   -18.594 1.00 33.20 ? 57  ARG A NH1   1 
ATOM   462  N NH2   . ARG A 1 57  ? -7.490  1.373   -18.600 1.00 42.55 ? 57  ARG A NH2   1 
ATOM   463  N N     . TRP A 1 58  ? -11.322 1.928   -10.744 1.00 26.21 ? 58  TRP A N     1 
ATOM   464  C CA    . TRP A 1 58  ? -11.309 1.253   -9.447  1.00 27.25 ? 58  TRP A CA    1 
ATOM   465  C C     . TRP A 1 58  ? -12.473 0.255   -9.398  1.00 29.61 ? 58  TRP A C     1 
ATOM   466  O O     . TRP A 1 58  ? -13.598 0.579   -9.784  1.00 35.22 ? 58  TRP A O     1 
ATOM   467  C CB    . TRP A 1 58  ? -11.447 2.280   -8.322  1.00 24.73 ? 58  TRP A CB    1 
ATOM   468  C CG    . TRP A 1 58  ? -11.199 1.763   -6.948  1.00 22.01 ? 58  TRP A CG    1 
ATOM   469  C CD1   . TRP A 1 58  ? -12.113 1.179   -6.100  1.00 24.40 ? 58  TRP A CD1   1 
ATOM   470  C CD2   . TRP A 1 58  ? -9.956  1.798   -6.234  1.00 23.56 ? 58  TRP A CD2   1 
ATOM   471  N NE1   . TRP A 1 58  ? -11.507 0.849   -4.910  1.00 22.12 ? 58  TRP A NE1   1 
ATOM   472  C CE2   . TRP A 1 58  ? -10.184 1.217   -4.963  1.00 21.78 ? 58  TRP A CE2   1 
ATOM   473  C CE3   . TRP A 1 58  ? -8.669  2.265   -6.540  1.00 19.91 ? 58  TRP A CE3   1 
ATOM   474  C CZ2   . TRP A 1 58  ? -9.179  1.096   -4.003  1.00 17.53 ? 58  TRP A CZ2   1 
ATOM   475  C CZ3   . TRP A 1 58  ? -7.665  2.137   -5.583  1.00 19.22 ? 58  TRP A CZ3   1 
ATOM   476  C CH2   . TRP A 1 58  ? -7.930  1.558   -4.332  1.00 20.98 ? 58  TRP A CH2   1 
ATOM   477  N N     . ARG A 1 59  ? -12.209 -0.962  -8.944  1.00 28.18 ? 59  ARG A N     1 
ATOM   478  C CA    . ARG A 1 59  ? -13.285 -1.932  -8.760  1.00 30.65 ? 59  ARG A CA    1 
ATOM   479  C C     . ARG A 1 59  ? -13.385 -2.413  -7.309  1.00 27.82 ? 59  ARG A C     1 
ATOM   480  O O     . ARG A 1 59  ? -13.998 -3.438  -7.038  1.00 28.62 ? 59  ARG A O     1 
ATOM   481  C CB    . ARG A 1 59  ? -13.128 -3.116  -9.722  1.00 29.99 ? 59  ARG A CB    1 
ATOM   482  C CG    . ARG A 1 59  ? -13.225 -2.736  -11.191 1.00 30.33 ? 59  ARG A CG    1 
ATOM   483  C CD    . ARG A 1 59  ? -14.628 -2.250  -11.534 1.00 42.25 ? 59  ARG A CD    1 
ATOM   484  N NE    . ARG A 1 59  ? -14.754 -1.824  -12.928 1.00 41.95 ? 59  ARG A NE    1 
ATOM   485  C CZ    . ARG A 1 59  ? -15.017 -0.576  -13.309 1.00 40.35 ? 59  ARG A CZ    1 
ATOM   486  N NH1   . ARG A 1 59  ? -15.187 0.386   -12.409 1.00 36.52 ? 59  ARG A NH1   1 
ATOM   487  N NH2   . ARG A 1 59  ? -15.115 -0.291  -14.596 1.00 40.32 ? 59  ARG A NH2   1 
ATOM   488  N N     . GLY A 1 60  ? -12.793 -1.659  -6.382  1.00 31.30 ? 60  GLY A N     1 
ATOM   489  C CA    . GLY A 1 60  ? -12.857 -1.986  -4.961  1.00 21.03 ? 60  GLY A CA    1 
ATOM   490  C C     . GLY A 1 60  ? -11.483 -2.313  -4.428  1.00 23.47 ? 60  GLY A C     1 
ATOM   491  O O     . GLY A 1 60  ? -10.526 -2.404  -5.215  1.00 25.03 ? 60  GLY A O     1 
ATOM   492  N N     . PRO A 1 61  ? -11.365 -2.500  -3.101  1.00 17.47 ? 61  PRO A N     1 
ATOM   493  C CA    . PRO A 1 61  ? -12.461 -2.431  -2.126  1.00 16.11 ? 61  PRO A CA    1 
ATOM   494  C C     . PRO A 1 61  ? -13.009 -1.022  -1.942  1.00 17.90 ? 61  PRO A C     1 
ATOM   495  O O     . PRO A 1 61  ? -12.314 -0.027  -2.183  1.00 19.40 ? 61  PRO A O     1 
ATOM   496  C CB    . PRO A 1 61  ? -11.807 -2.912  -0.817  1.00 20.46 ? 61  PRO A CB    1 
ATOM   497  C CG    . PRO A 1 61  ? -10.340 -2.685  -1.005  1.00 18.96 ? 61  PRO A CG    1 
ATOM   498  C CD    . PRO A 1 61  ? -10.097 -2.917  -2.475  1.00 19.02 ? 61  PRO A CD    1 
ATOM   499  N N     . PHE A 1 62  ? -14.264 -0.945  -1.521  1.00 14.89 ? 62  PHE A N     1 
ATOM   500  C CA    . PHE A 1 62  ? -14.902 0.335   -1.296  1.00 15.91 ? 62  PHE A CA    1 
ATOM   501  C C     . PHE A 1 62  ? -14.877 0.664   0.186   1.00 17.98 ? 62  PHE A C     1 
ATOM   502  O O     . PHE A 1 62  ? -14.575 -0.201  1.002   1.00 17.10 ? 62  PHE A O     1 
ATOM   503  C CB    . PHE A 1 62  ? -16.309 0.331   -1.895  1.00 19.45 ? 62  PHE A CB    1 
ATOM   504  C CG    . PHE A 1 62  ? -16.306 0.108   -3.376  1.00 19.07 ? 62  PHE A CG    1 
ATOM   505  C CD1   . PHE A 1 62  ? -15.886 1.116   -4.229  1.00 18.00 ? 62  PHE A CD1   1 
ATOM   506  C CD2   . PHE A 1 62  ? -16.654 -1.123  -3.913  1.00 20.00 ? 62  PHE A CD2   1 
ATOM   507  C CE1   . PHE A 1 62  ? -15.847 0.920   -5.594  1.00 19.80 ? 62  PHE A CE1   1 
ATOM   508  C CE2   . PHE A 1 62  ? -16.615 -1.325  -5.287  1.00 20.88 ? 62  PHE A CE2   1 
ATOM   509  C CZ    . PHE A 1 62  ? -16.211 -0.301  -6.123  1.00 20.17 ? 62  PHE A CZ    1 
ATOM   510  N N     . GLY A 1 63  ? -15.168 1.914   0.532   1.00 16.19 ? 63  GLY A N     1 
ATOM   511  C CA    . GLY A 1 63  ? -14.937 2.387   1.889   1.00 16.99 ? 63  GLY A CA    1 
ATOM   512  C C     . GLY A 1 63  ? -13.457 2.584   2.221   1.00 15.47 ? 63  GLY A C     1 
ATOM   513  O O     . GLY A 1 63  ? -12.613 2.686   1.325   1.00 12.83 ? 63  GLY A O     1 
ATOM   514  N N     . ARG A 1 64  ? -13.150 2.618   3.514   1.00 14.07 ? 64  ARG A N     1 
ATOM   515  C CA    . ARG A 1 64  ? -11.818 2.980   3.997   1.00 16.42 ? 64  ARG A CA    1 
ATOM   516  C C     . ARG A 1 64  ? -10.876 1.780   4.101   1.00 16.23 ? 64  ARG A C     1 
ATOM   517  O O     . ARG A 1 64  ? -10.464 1.401   5.201   1.00 15.25 ? 64  ARG A O     1 
ATOM   518  C CB    . ARG A 1 64  ? -11.916 3.672   5.364   1.00 17.16 ? 64  ARG A CB    1 
ATOM   519  C CG    . ARG A 1 64  ? -12.839 4.875   5.401   1.00 16.03 ? 64  ARG A CG    1 
ATOM   520  C CD    . ARG A 1 64  ? -12.729 5.572   6.739   1.00 18.99 ? 64  ARG A CD    1 
ATOM   521  N NE    . ARG A 1 64  ? -13.746 6.590   6.952   1.00 17.29 ? 64  ARG A NE    1 
ATOM   522  C CZ    . ARG A 1 64  ? -13.626 7.856   6.567   1.00 21.36 ? 64  ARG A CZ    1 
ATOM   523  N NH1   . ARG A 1 64  ? -12.534 8.266   5.917   1.00 20.19 ? 64  ARG A NH1   1 
ATOM   524  N NH2   . ARG A 1 64  ? -14.602 8.711   6.824   1.00 18.22 ? 64  ARG A NH2   1 
ATOM   525  N N     . PHE A 1 65  ? -10.507 1.213   2.956   1.00 14.79 ? 65  PHE A N     1 
ATOM   526  C CA    . PHE A 1 65  ? -9.778  -0.064  2.937   1.00 16.99 ? 65  PHE A CA    1 
ATOM   527  C C     . PHE A 1 65  ? -8.416  -0.053  2.249   1.00 16.02 ? 65  PHE A C     1 
ATOM   528  O O     . PHE A 1 65  ? -7.719  -1.065  2.262   1.00 17.33 ? 65  PHE A O     1 
ATOM   529  C CB    . PHE A 1 65  ? -10.645 -1.175  2.328   1.00 16.92 ? 65  PHE A CB    1 
ATOM   530  C CG    . PHE A 1 65  ? -11.637 -1.749  3.287   1.00 17.59 ? 65  PHE A CG    1 
ATOM   531  C CD1   . PHE A 1 65  ? -12.859 -1.134  3.487   1.00 19.06 ? 65  PHE A CD1   1 
ATOM   532  C CD2   . PHE A 1 65  ? -11.335 -2.887  4.017   1.00 20.55 ? 65  PHE A CD2   1 
ATOM   533  C CE1   . PHE A 1 65  ? -13.776 -1.657  4.392   1.00 25.24 ? 65  PHE A CE1   1 
ATOM   534  C CE2   . PHE A 1 65  ? -12.245 -3.415  4.912   1.00 21.86 ? 65  PHE A CE2   1 
ATOM   535  C CZ    . PHE A 1 65  ? -13.467 -2.800  5.100   1.00 22.10 ? 65  PHE A CZ    1 
ATOM   536  N N     . SER A 1 66  ? -8.030  1.073   1.657   1.00 14.82 ? 66  SER A N     1 
ATOM   537  C CA    . SER A 1 66  ? -6.762  1.139   0.939   1.00 15.83 ? 66  SER A CA    1 
ATOM   538  C C     . SER A 1 66  ? -5.900  2.331   1.353   1.00 15.67 ? 66  SER A C     1 
ATOM   539  O O     . SER A 1 66  ? -6.415  3.350   1.800   1.00 17.77 ? 66  SER A O     1 
ATOM   540  C CB    . SER A 1 66  ? -7.020  1.169   -0.568  1.00 13.99 ? 66  SER A CB    1 
ATOM   541  O OG    . SER A 1 66  ? -7.779  0.042   -0.945  1.00 17.14 ? 66  SER A OG    1 
ATOM   542  N N     . ILE A 1 67  ? -4.592  2.195   1.187   1.00 15.36 ? 67  ILE A N     1 
ATOM   543  C CA    . ILE A 1 67  ? -3.667  3.270   1.532   1.00 17.46 ? 67  ILE A CA    1 
ATOM   544  C C     . ILE A 1 67  ? -2.780  3.627   0.339   1.00 17.98 ? 67  ILE A C     1 
ATOM   545  O O     . ILE A 1 67  ? -2.306  2.749   -0.383  1.00 14.94 ? 67  ILE A O     1 
ATOM   546  C CB    . ILE A 1 67  ? -2.791  2.876   2.738   1.00 19.22 ? 67  ILE A CB    1 
ATOM   547  C CG1   . ILE A 1 67  ? -2.058  4.095   3.323   1.00 18.38 ? 67  ILE A CG1   1 
ATOM   548  C CG2   . ILE A 1 67  ? -1.842  1.718   2.371   1.00 12.80 ? 67  ILE A CG2   1 
ATOM   549  C CD1   . ILE A 1 67  ? -1.244  3.734   4.588   1.00 19.35 ? 67  ILE A CD1   1 
ATOM   550  N N     . ARG A 1 68  ? -2.591  4.923   0.119   1.00 18.85 ? 68  ARG A N     1 
ATOM   551  C CA    . ARG A 1 68  ? -1.704  5.381   -0.932  1.00 16.30 ? 68  ARG A CA    1 
ATOM   552  C C     . ARG A 1 68  ? -0.259  5.261   -0.466  1.00 16.44 ? 68  ARG A C     1 
ATOM   553  O O     . ARG A 1 68  ? 0.059   5.577   0.680   1.00 16.70 ? 68  ARG A O     1 
ATOM   554  C CB    . ARG A 1 68  ? -2.009  6.826   -1.320  1.00 16.71 ? 68  ARG A CB    1 
ATOM   555  C CG    . ARG A 1 68  ? -0.972  7.408   -2.276  1.00 18.22 ? 68  ARG A CG    1 
ATOM   556  C CD    . ARG A 1 68  ? -1.499  8.657   -2.953  1.00 21.63 ? 68  ARG A CD    1 
ATOM   557  N NE    . ARG A 1 68  ? -1.889  9.630   -1.961  1.00 29.52 ? 68  ARG A NE    1 
ATOM   558  C CZ    . ARG A 1 68  ? -3.003  10.346  -2.006  1.00 29.49 ? 68  ARG A CZ    1 
ATOM   559  N NH1   . ARG A 1 68  ? -3.845  10.220  -3.023  1.00 31.25 ? 68  ARG A NH1   1 
ATOM   560  N NH2   . ARG A 1 68  ? -3.257  11.197  -1.024  1.00 31.54 ? 68  ARG A NH2   1 
ATOM   561  N N     . CYS A 1 69  ? 0.607   4.799   -1.359  1.00 16.06 ? 69  CYS A N     1 
ATOM   562  C CA    . CYS A 1 69  ? 2.034   4.663   -1.066  1.00 14.45 ? 69  CYS A CA    1 
ATOM   563  C C     . CYS A 1 69  ? 2.835   5.436   -2.114  1.00 15.61 ? 69  CYS A C     1 
ATOM   564  O O     . CYS A 1 69  ? 2.763   5.118   -3.297  1.00 16.89 ? 69  CYS A O     1 
ATOM   565  C CB    . CYS A 1 69  ? 2.458   3.190   -1.093  1.00 13.16 ? 69  CYS A CB    1 
ATOM   566  S SG    . CYS A 1 69  ? 1.615   2.042   0.054   1.00 14.58 ? 69  CYS A SG    1 
ATOM   567  N N     . ILE A 1 70  ? 3.586   6.451   -1.689  1.00 15.34 ? 70  ILE A N     1 
ATOM   568  C CA    . ILE A 1 70  ? 4.376   7.246   -2.623  1.00 16.73 ? 70  ILE A CA    1 
ATOM   569  C C     . ILE A 1 70  ? 5.819   6.737   -2.640  1.00 17.74 ? 70  ILE A C     1 
ATOM   570  O O     . ILE A 1 70  ? 6.495   6.787   -1.619  1.00 15.12 ? 70  ILE A O     1 
ATOM   571  C CB    . ILE A 1 70  ? 4.423   8.750   -2.237  1.00 17.04 ? 70  ILE A CB    1 
ATOM   572  C CG1   . ILE A 1 70  ? 3.025   9.294   -1.943  1.00 21.97 ? 70  ILE A CG1   1 
ATOM   573  C CG2   . ILE A 1 70  ? 5.101   9.562   -3.352  1.00 18.67 ? 70  ILE A CG2   1 
ATOM   574  C CD1   . ILE A 1 70  ? 2.098   9.248   -3.109  1.00 20.88 ? 70  ILE A CD1   1 
ATOM   575  N N     . LEU A 1 71  ? 6.278   6.252   -3.794  1.00 14.66 ? 71  LEU A N     1 
ATOM   576  C CA    . LEU A 1 71  ? 7.644   5.746   -3.922  1.00 19.09 ? 71  LEU A CA    1 
ATOM   577  C C     . LEU A 1 71  ? 8.555   6.747   -4.634  1.00 19.45 ? 71  LEU A C     1 
ATOM   578  O O     . LEU A 1 71  ? 8.280   7.166   -5.759  1.00 16.26 ? 71  LEU A O     1 
ATOM   579  C CB    . LEU A 1 71  ? 7.684   4.391   -4.644  1.00 16.19 ? 71  LEU A CB    1 
ATOM   580  C CG    . LEU A 1 71  ? 7.326   3.108   -3.869  1.00 15.72 ? 71  LEU A CG    1 
ATOM   581  C CD1   . LEU A 1 71  ? 5.974   3.217   -3.160  1.00 16.14 ? 71  LEU A CD1   1 
ATOM   582  C CD2   . LEU A 1 71  ? 7.313   1.921   -4.805  1.00 15.06 ? 71  LEU A CD2   1 
ATOM   583  N N     . TRP A 1 72  ? 9.644   7.107   -3.960  1.00 17.09 ? 72  TRP A N     1 
ATOM   584  C CA    . TRP A 1 72  ? 10.610  8.063   -4.483  1.00 18.75 ? 72  TRP A CA    1 
ATOM   585  C C     . TRP A 1 72  ? 11.946  7.399   -4.869  1.00 18.89 ? 72  TRP A C     1 
ATOM   586  O O     . TRP A 1 72  ? 12.347  6.393   -4.286  1.00 17.01 ? 72  TRP A O     1 
ATOM   587  C CB    . TRP A 1 72  ? 10.902  9.139   -3.428  1.00 17.90 ? 72  TRP A CB    1 
ATOM   588  C CG    . TRP A 1 72  ? 9.749   10.014  -3.033  1.00 21.06 ? 72  TRP A CG    1 
ATOM   589  C CD1   . TRP A 1 72  ? 9.052   9.964   -1.864  1.00 20.53 ? 72  TRP A CD1   1 
ATOM   590  C CD2   . TRP A 1 72  ? 9.188   11.101  -3.786  1.00 23.37 ? 72  TRP A CD2   1 
ATOM   591  N NE1   . TRP A 1 72  ? 8.084   10.945  -1.843  1.00 20.36 ? 72  TRP A NE1   1 
ATOM   592  C CE2   . TRP A 1 72  ? 8.149   11.658  -3.011  1.00 22.42 ? 72  TRP A CE2   1 
ATOM   593  C CE3   . TRP A 1 72  ? 9.468   11.662  -5.037  1.00 19.77 ? 72  TRP A CE3   1 
ATOM   594  C CZ2   . TRP A 1 72  ? 7.375   12.727  -3.455  1.00 24.17 ? 72  TRP A CZ2   1 
ATOM   595  C CZ3   . TRP A 1 72  ? 8.698   12.722  -5.477  1.00 22.50 ? 72  TRP A CZ3   1 
ATOM   596  C CH2   . TRP A 1 72  ? 7.665   13.244  -4.691  1.00 24.17 ? 72  TRP A CH2   1 
ATOM   597  N N     . ASP A 1 73  ? 12.654  7.995   -5.823  1.00 19.33 ? 73  ASP A N     1 
ATOM   598  C CA    . ASP A 1 73  ? 14.040  7.598   -6.094  1.00 23.79 ? 73  ASP A CA    1 
ATOM   599  C C     . ASP A 1 73  ? 14.192  6.099   -6.397  1.00 19.00 ? 73  ASP A C     1 
ATOM   600  O O     . ASP A 1 73  ? 13.490  5.580   -7.254  1.00 20.67 ? 73  ASP A O     1 
ATOM   601  C CB    . ASP A 1 73  ? 14.937  8.016   -4.925  1.00 20.03 ? 73  ASP A CB    1 
ATOM   602  C CG    . ASP A 1 73  ? 14.815  9.501   -4.602  1.00 24.51 ? 73  ASP A CG    1 
ATOM   603  O OD1   . ASP A 1 73  ? 14.891  10.331  -5.540  1.00 22.06 ? 73  ASP A OD1   1 
ATOM   604  O OD2   . ASP A 1 73  ? 14.646  9.840   -3.406  1.00 24.36 ? 73  ASP A OD2   1 
ATOM   605  N N     . GLU A 1 74  ? 15.104  5.407   -5.709  1.00 21.18 ? 74  GLU A N     1 
ATOM   606  C CA    . GLU A 1 74  ? 15.369  3.983   -6.018  1.00 21.73 ? 74  GLU A CA    1 
ATOM   607  C C     . GLU A 1 74  ? 14.126  3.085   -5.869  1.00 20.81 ? 74  GLU A C     1 
ATOM   608  O O     . GLU A 1 74  ? 13.943  2.115   -6.612  1.00 17.48 ? 74  GLU A O     1 
ATOM   609  C CB    . GLU A 1 74  ? 16.566  3.425   -5.215  1.00 19.49 ? 74  GLU A CB    1 
ATOM   610  C CG    . GLU A 1 74  ? 16.328  3.169   -3.722  1.00 17.92 ? 74  GLU A CG    1 
ATOM   611  C CD    . GLU A 1 74  ? 16.661  4.358   -2.837  1.00 20.64 ? 74  GLU A CD    1 
ATOM   612  O OE1   . GLU A 1 74  ? 16.820  5.477   -3.362  1.00 22.72 ? 74  GLU A OE1   1 
ATOM   613  O OE2   . GLU A 1 74  ? 16.782  4.166   -1.609  1.00 23.04 ? 74  GLU A OE2   1 
ATOM   614  N N     . HIS A 1 75  ? 13.261  3.428   -4.920  1.00 19.03 ? 75  HIS A N     1 
ATOM   615  C CA    . HIS A 1 75  ? 12.013  2.692   -4.735  1.00 17.42 ? 75  HIS A CA    1 
ATOM   616  C C     . HIS A 1 75  ? 11.139  2.841   -5.964  1.00 15.75 ? 75  HIS A C     1 
ATOM   617  O O     . HIS A 1 75  ? 10.570  1.870   -6.449  1.00 17.05 ? 75  HIS A O     1 
ATOM   618  C CB    . HIS A 1 75  ? 11.306  3.171   -3.465  1.00 16.75 ? 75  HIS A CB    1 
ATOM   619  C CG    . HIS A 1 75  ? 12.235  3.313   -2.295  1.00 18.20 ? 75  HIS A CG    1 
ATOM   620  N ND1   . HIS A 1 75  ? 12.730  2.229   -1.606  1.00 20.99 ? 75  HIS A ND1   1 
ATOM   621  C CD2   . HIS A 1 75  ? 12.771  4.411   -1.712  1.00 20.80 ? 75  HIS A CD2   1 
ATOM   622  C CE1   . HIS A 1 75  ? 13.523  2.655   -0.637  1.00 21.18 ? 75  HIS A CE1   1 
ATOM   623  N NE2   . HIS A 1 75  ? 13.559  3.973   -0.677  1.00 18.17 ? 75  HIS A NE2   1 
ATOM   624  N N     . ASP A 1 76  ? 11.070  4.067   -6.473  1.00 16.51 ? 76  ASP A N     1 
ATOM   625  C CA    . ASP A 1 76  ? 10.369  4.395   -7.714  1.00 15.58 ? 76  ASP A CA    1 
ATOM   626  C C     . ASP A 1 76  ? 10.934  3.612   -8.921  1.00 19.30 ? 76  ASP A C     1 
ATOM   627  O O     . ASP A 1 76  ? 10.209  2.866   -9.594  1.00 17.66 ? 76  ASP A O     1 
ATOM   628  C CB    . ASP A 1 76  ? 10.506  5.897   -7.933  1.00 16.38 ? 76  ASP A CB    1 
ATOM   629  C CG    . ASP A 1 76  ? 9.914   6.370   -9.238  1.00 17.30 ? 76  ASP A CG    1 
ATOM   630  O OD1   . ASP A 1 76  ? 9.311   5.567   -9.977  1.00 18.53 ? 76  ASP A OD1   1 
ATOM   631  O OD2   . ASP A 1 76  ? 10.034  7.586   -9.503  1.00 18.48 ? 76  ASP A OD2   1 
ATOM   632  N N     . PHE A 1 77  ? 12.229  3.784   -9.174  1.00 18.39 ? 77  PHE A N     1 
ATOM   633  C CA    . PHE A 1 77  ? 12.902  3.189   -10.329 1.00 17.17 ? 77  PHE A CA    1 
ATOM   634  C C     . PHE A 1 77  ? 12.831  1.675   -10.295 1.00 18.23 ? 77  PHE A C     1 
ATOM   635  O O     . PHE A 1 77  ? 12.697  1.026   -11.337 1.00 17.50 ? 77  PHE A O     1 
ATOM   636  C CB    . PHE A 1 77  ? 14.366  3.618   -10.366 1.00 16.26 ? 77  PHE A CB    1 
ATOM   637  C CG    . PHE A 1 77  ? 14.566  5.104   -10.246 1.00 21.77 ? 77  PHE A CG    1 
ATOM   638  C CD1   . PHE A 1 77  ? 13.636  5.981   -10.766 1.00 23.50 ? 77  PHE A CD1   1 
ATOM   639  C CD2   . PHE A 1 77  ? 15.684  5.620   -9.608  1.00 22.13 ? 77  PHE A CD2   1 
ATOM   640  C CE1   . PHE A 1 77  ? 13.810  7.346   -10.652 1.00 25.65 ? 77  PHE A CE1   1 
ATOM   641  C CE2   . PHE A 1 77  ? 15.871  6.979   -9.498  1.00 24.86 ? 77  PHE A CE2   1 
ATOM   642  C CZ    . PHE A 1 77  ? 14.926  7.846   -10.014 1.00 26.42 ? 77  PHE A CZ    1 
ATOM   643  N N     . TYR A 1 78  ? 12.925  1.104   -9.098  1.00 17.13 ? 78  TYR A N     1 
ATOM   644  C CA    . TYR A 1 78  ? 12.861  -0.347  -8.983  1.00 18.77 ? 78  TYR A CA    1 
ATOM   645  C C     . TYR A 1 78  ? 11.473  -0.865  -9.316  1.00 17.20 ? 78  TYR A C     1 
ATOM   646  O O     . TYR A 1 78  ? 11.340  -1.815  -10.064 1.00 18.93 ? 78  TYR A O     1 
ATOM   647  C CB    . TYR A 1 78  ? 13.267  -0.822  -7.587  1.00 15.96 ? 78  TYR A CB    1 
ATOM   648  C CG    . TYR A 1 78  ? 13.125  -2.320  -7.395  1.00 17.43 ? 78  TYR A CG    1 
ATOM   649  C CD1   . TYR A 1 78  ? 13.727  -3.214  -8.279  1.00 19.11 ? 78  TYR A CD1   1 
ATOM   650  C CD2   . TYR A 1 78  ? 12.405  -2.844  -6.320  1.00 18.52 ? 78  TYR A CD2   1 
ATOM   651  C CE1   . TYR A 1 78  ? 13.608  -4.597  -8.107  1.00 18.71 ? 78  TYR A CE1   1 
ATOM   652  C CE2   . TYR A 1 78  ? 12.284  -4.226  -6.140  1.00 20.25 ? 78  TYR A CE2   1 
ATOM   653  C CZ    . TYR A 1 78  ? 12.888  -5.092  -7.038  1.00 19.67 ? 78  TYR A CZ    1 
ATOM   654  O OH    . TYR A 1 78  ? 12.783  -6.455  -6.868  1.00 18.00 ? 78  TYR A OH    1 
ATOM   655  N N     . CYS A 1 79  ? 10.448  -0.227  -8.755  1.00 19.52 ? 79  CYS A N     1 
ATOM   656  C CA    . CYS A 1 79  ? 9.079   -0.738  -8.825  1.00 18.12 ? 79  CYS A CA    1 
ATOM   657  C C     . CYS A 1 79  ? 8.294   -0.340  -10.067 1.00 17.93 ? 79  CYS A C     1 
ATOM   658  O O     . CYS A 1 79  ? 7.340   -1.030  -10.440 1.00 18.15 ? 79  CYS A O     1 
ATOM   659  C CB    . CYS A 1 79  ? 8.276   -0.309  -7.589  1.00 13.24 ? 79  CYS A CB    1 
ATOM   660  S SG    . CYS A 1 79  ? 8.812   -1.098  -6.032  1.00 16.28 ? 79  CYS A SG    1 
ATOM   661  N N     . ARG A 1 80  ? 8.651   0.778   -10.691 1.00 17.09 ? 80  ARG A N     1 
ATOM   662  C CA    . ARG A 1 80  ? 7.736   1.356   -11.685 1.00 17.06 ? 80  ARG A CA    1 
ATOM   663  C C     . ARG A 1 80  ? 7.450   0.452   -12.884 1.00 18.86 ? 80  ARG A C     1 
ATOM   664  O O     . ARG A 1 80  ? 6.359   0.515   -13.457 1.00 18.83 ? 80  ARG A O     1 
ATOM   665  C CB    . ARG A 1 80  ? 8.174   2.745   -12.136 1.00 15.80 ? 80  ARG A CB    1 
ATOM   666  C CG    . ARG A 1 80  ? 9.483   2.756   -12.894 1.00 20.87 ? 80  ARG A CG    1 
ATOM   667  C CD    . ARG A 1 80  ? 9.991   4.187   -13.100 1.00 20.40 ? 80  ARG A CD    1 
ATOM   668  N NE    . ARG A 1 80  ? 9.203   4.937   -14.082 1.00 19.79 ? 80  ARG A NE    1 
ATOM   669  C CZ    . ARG A 1 80  ? 8.385   5.949   -13.785 1.00 23.93 ? 80  ARG A CZ    1 
ATOM   670  N NH1   . ARG A 1 80  ? 8.227   6.337   -12.521 1.00 17.36 ? 80  ARG A NH1   1 
ATOM   671  N NH2   . ARG A 1 80  ? 7.736   6.593   -14.755 1.00 17.75 ? 80  ARG A NH2   1 
ATOM   672  N N     . ASN A 1 81  ? 8.404   -0.391  -13.259 1.00 15.90 ? 81  ASN A N     1 
ATOM   673  C CA    . ASN A 1 81  ? 8.160   -1.340  -14.352 1.00 18.98 ? 81  ASN A CA    1 
ATOM   674  C C     . ASN A 1 81  ? 8.118   -2.784  -13.865 1.00 19.54 ? 81  ASN A C     1 
ATOM   675  O O     . ASN A 1 81  ? 8.379   -3.732  -14.621 1.00 21.52 ? 81  ASN A O     1 
ATOM   676  C CB    . ASN A 1 81  ? 9.205   -1.179  -15.469 1.00 18.34 ? 81  ASN A CB    1 
ATOM   677  C CG    . ASN A 1 81  ? 9.300   0.255   -15.986 1.00 19.69 ? 81  ASN A CG    1 
ATOM   678  O OD1   . ASN A 1 81  ? 10.259  0.967   -15.696 1.00 19.49 ? 81  ASN A OD1   1 
ATOM   679  N ND2   . ASN A 1 81  ? 8.299   0.681   -16.762 1.00 19.92 ? 81  ASN A ND2   1 
ATOM   680  N N     . TYR A 1 82  ? 7.752   -2.959  -12.603 1.00 18.80 ? 82  TYR A N     1 
ATOM   681  C CA    . TYR A 1 82  ? 7.858   -4.268  -11.966 1.00 18.01 ? 82  TYR A CA    1 
ATOM   682  C C     . TYR A 1 82  ? 6.622   -4.642  -11.131 1.00 20.80 ? 82  TYR A C     1 
ATOM   683  O O     . TYR A 1 82  ? 6.036   -5.719  -11.307 1.00 17.94 ? 82  TYR A O     1 
ATOM   684  C CB    . TYR A 1 82  ? 9.129   -4.277  -11.103 1.00 18.12 ? 82  TYR A CB    1 
ATOM   685  C CG    . TYR A 1 82  ? 9.400   -5.555  -10.348 1.00 22.96 ? 82  TYR A CG    1 
ATOM   686  C CD1   . TYR A 1 82  ? 9.533   -6.772  -11.011 1.00 20.10 ? 82  TYR A CD1   1 
ATOM   687  C CD2   . TYR A 1 82  ? 9.551   -5.539  -8.966  1.00 23.70 ? 82  TYR A CD2   1 
ATOM   688  C CE1   . TYR A 1 82  ? 9.791   -7.941  -10.310 1.00 21.36 ? 82  TYR A CE1   1 
ATOM   689  C CE2   . TYR A 1 82  ? 9.808   -6.693  -8.260  1.00 22.39 ? 82  TYR A CE2   1 
ATOM   690  C CZ    . TYR A 1 82  ? 9.924   -7.892  -8.935  1.00 24.99 ? 82  TYR A CZ    1 
ATOM   691  O OH    . TYR A 1 82  ? 10.186  -9.036  -8.220  1.00 26.59 ? 82  TYR A OH    1 
ATOM   692  N N     . ILE A 1 83  ? 6.238   -3.767  -10.207 1.00 18.30 ? 83  ILE A N     1 
ATOM   693  C CA    . ILE A 1 83  ? 5.072   -4.027  -9.368  1.00 21.76 ? 83  ILE A CA    1 
ATOM   694  C C     . ILE A 1 83  ? 3.853   -3.647  -10.192 1.00 23.36 ? 83  ILE A C     1 
ATOM   695  O O     . ILE A 1 83  ? 3.765   -2.511  -10.687 1.00 23.12 ? 83  ILE A O     1 
ATOM   696  C CB    . ILE A 1 83  ? 5.063   -3.176  -8.057  1.00 21.34 ? 83  ILE A CB    1 
ATOM   697  C CG1   . ILE A 1 83  ? 6.351   -3.360  -7.237  1.00 14.82 ? 83  ILE A CG1   1 
ATOM   698  C CG2   . ILE A 1 83  ? 3.794   -3.477  -7.231  1.00 19.72 ? 83  ILE A CG2   1 
ATOM   699  C CD1   . ILE A 1 83  ? 6.560   -4.754  -6.664  1.00 19.69 ? 83  ILE A CD1   1 
ATOM   700  N N     . LYS A 1 84  ? 2.927   -4.591  -10.345 1.00 20.62 ? 84  LYS A N     1 
ATOM   701  C CA    . LYS A 1 84  ? 1.744   -4.408  -11.182 1.00 20.41 ? 84  LYS A CA    1 
ATOM   702  C C     . LYS A 1 84  ? 0.491   -4.564  -10.339 1.00 21.43 ? 84  LYS A C     1 
ATOM   703  O O     . LYS A 1 84  ? 0.523   -5.238  -9.307  1.00 19.09 ? 84  LYS A O     1 
ATOM   704  C CB    . LYS A 1 84  ? 1.716   -5.466  -12.284 1.00 26.06 ? 84  LYS A CB    1 
ATOM   705  C CG    . LYS A 1 84  ? 3.034   -5.628  -13.056 1.00 27.36 ? 84  LYS A CG    1 
ATOM   706  C CD    . LYS A 1 84  ? 3.232   -4.502  -14.044 1.00 35.42 ? 84  LYS A CD    1 
ATOM   707  C CE    . LYS A 1 84  ? 4.413   -4.760  -14.977 1.00 34.37 ? 84  LYS A CE    1 
ATOM   708  N NZ    . LYS A 1 84  ? 4.699   -3.538  -15.776 1.00 40.57 ? 84  LYS A NZ    1 
ATOM   709  N N     . GLU A 1 85  ? -0.608  -3.951  -10.784 1.00 17.88 ? 85  GLU A N     1 
ATOM   710  C CA    . GLU A 1 85  ? -1.906  -4.111  -10.129 1.00 19.55 ? 85  GLU A CA    1 
ATOM   711  C C     . GLU A 1 85  ? -2.222  -5.602  -9.972  1.00 23.25 ? 85  GLU A C     1 
ATOM   712  O O     . GLU A 1 85  ? -2.009  -6.395  -10.895 1.00 20.65 ? 85  GLU A O     1 
ATOM   713  C CB    . GLU A 1 85  ? -3.006  -3.400  -10.930 1.00 19.48 ? 85  GLU A CB    1 
ATOM   714  C CG    . GLU A 1 85  ? -2.711  -1.917  -11.156 1.00 18.06 ? 85  GLU A CG    1 
ATOM   715  C CD    . GLU A 1 85  ? -3.849  -1.138  -11.803 1.00 21.49 ? 85  GLU A CD    1 
ATOM   716  O OE1   . GLU A 1 85  ? -4.770  -1.742  -12.398 1.00 20.14 ? 85  GLU A OE1   1 
ATOM   717  O OE2   . GLU A 1 85  ? -3.803  0.104   -11.730 1.00 20.40 ? 85  GLU A OE2   1 
ATOM   718  N N     . GLY A 1 86  ? -2.694  -5.988  -8.791  1.00 20.96 ? 86  GLY A N     1 
ATOM   719  C CA    . GLY A 1 86  ? -2.970  -7.383  -8.509  1.00 20.57 ? 86  GLY A CA    1 
ATOM   720  C C     . GLY A 1 86  ? -1.832  -8.133  -7.825  1.00 23.20 ? 86  GLY A C     1 
ATOM   721  O O     . GLY A 1 86  ? -2.062  -9.162  -7.196  1.00 23.17 ? 86  GLY A O     1 
ATOM   722  N N     . ASP A 1 87  ? -0.603  -7.642  -7.945  1.00 19.76 ? 87  ASP A N     1 
ATOM   723  C CA    . ASP A 1 87  ? 0.520   -8.307  -7.281  1.00 21.66 ? 87  ASP A CA    1 
ATOM   724  C C     . ASP A 1 87  ? 0.315   -8.229  -5.785  1.00 22.92 ? 87  ASP A C     1 
ATOM   725  O O     . ASP A 1 87  ? -0.407  -7.360  -5.302  1.00 19.75 ? 87  ASP A O     1 
ATOM   726  C CB    . ASP A 1 87  ? 1.855   -7.634  -7.586  1.00 19.08 ? 87  ASP A CB    1 
ATOM   727  C CG    . ASP A 1 87  ? 2.292   -7.801  -9.015  1.00 22.17 ? 87  ASP A CG    1 
ATOM   728  O OD1   . ASP A 1 87  ? 1.775   -8.697  -9.711  1.00 18.20 ? 87  ASP A OD1   1 
ATOM   729  O OD2   . ASP A 1 87  ? 3.186   -7.031  -9.432  1.00 22.90 ? 87  ASP A OD2   1 
ATOM   730  N N     . TYR A 1 88  ? 0.977   -9.125  -5.059  1.00 20.30 ? 88  TYR A N     1 
ATOM   731  C CA    . TYR A 1 88  ? 1.047   -9.034  -3.610  1.00 23.06 ? 88  TYR A CA    1 
ATOM   732  C C     . TYR A 1 88  ? 2.437   -8.553  -3.258  1.00 21.35 ? 88  TYR A C     1 
ATOM   733  O O     . TYR A 1 88  ? 3.420   -8.901  -3.927  1.00 22.77 ? 88  TYR A O     1 
ATOM   734  C CB    . TYR A 1 88  ? 0.769   -10.389 -2.946  1.00 21.40 ? 88  TYR A CB    1 
ATOM   735  C CG    . TYR A 1 88  ? -0.631  -10.915 -3.184  1.00 23.61 ? 88  TYR A CG    1 
ATOM   736  C CD1   . TYR A 1 88  ? -0.921  -11.718 -4.287  1.00 26.91 ? 88  TYR A CD1   1 
ATOM   737  C CD2   . TYR A 1 88  ? -1.661  -10.627 -2.291  1.00 23.56 ? 88  TYR A CD2   1 
ATOM   738  C CE1   . TYR A 1 88  ? -2.209  -12.208 -4.502  1.00 25.26 ? 88  TYR A CE1   1 
ATOM   739  C CE2   . TYR A 1 88  ? -2.942  -11.114 -2.493  1.00 24.45 ? 88  TYR A CE2   1 
ATOM   740  C CZ    . TYR A 1 88  ? -3.207  -11.902 -3.599  1.00 25.70 ? 88  TYR A CZ    1 
ATOM   741  O OH    . TYR A 1 88  ? -4.480  -12.366 -3.797  1.00 24.90 ? 88  TYR A OH    1 
ATOM   742  N N     . VAL A 1 89  ? 2.524   -7.749  -2.211  1.00 18.22 ? 89  VAL A N     1 
ATOM   743  C CA    . VAL A 1 89  ? 3.797   -7.167  -1.819  1.00 19.24 ? 89  VAL A CA    1 
ATOM   744  C C     . VAL A 1 89  ? 4.014   -7.216  -0.311  1.00 19.45 ? 89  VAL A C     1 
ATOM   745  O O     . VAL A 1 89  ? 3.064   -7.238  0.462   1.00 18.55 ? 89  VAL A O     1 
ATOM   746  C CB    . VAL A 1 89  ? 3.899   -5.693  -2.276  1.00 22.17 ? 89  VAL A CB    1 
ATOM   747  C CG1   . VAL A 1 89  ? 3.930   -5.596  -3.801  1.00 19.70 ? 89  VAL A CG1   1 
ATOM   748  C CG2   . VAL A 1 89  ? 2.753   -4.880  -1.701  1.00 17.75 ? 89  VAL A CG2   1 
ATOM   749  N N     . VAL A 1 90  ? 5.278   -7.244  0.102   1.00 22.22 ? 90  VAL A N     1 
ATOM   750  C CA    . VAL A 1 90  ? 5.611   -7.035  1.496   1.00 18.79 ? 90  VAL A CA    1 
ATOM   751  C C     . VAL A 1 90  ? 6.446   -5.764  1.616   1.00 21.88 ? 90  VAL A C     1 
ATOM   752  O O     . VAL A 1 90  ? 7.467   -5.607  0.946   1.00 21.48 ? 90  VAL A O     1 
ATOM   753  C CB    . VAL A 1 90  ? 6.327   -8.257  2.131   1.00 24.13 ? 90  VAL A CB    1 
ATOM   754  C CG1   . VAL A 1 90  ? 7.596   -8.617  1.370   1.00 22.22 ? 90  VAL A CG1   1 
ATOM   755  C CG2   . VAL A 1 90  ? 6.619   -7.990  3.609   1.00 22.14 ? 90  VAL A CG2   1 
ATOM   756  N N     . MET A 1 91  ? 5.984   -4.833  2.442   1.00 18.41 ? 91  MET A N     1 
ATOM   757  C CA    . MET A 1 91  ? 6.695   -3.573  2.596   1.00 21.38 ? 91  MET A CA    1 
ATOM   758  C C     . MET A 1 91  ? 7.225   -3.465  4.013   1.00 20.20 ? 91  MET A C     1 
ATOM   759  O O     . MET A 1 91  ? 6.495   -3.663  4.980   1.00 19.66 ? 91  MET A O     1 
ATOM   760  C CB    . MET A 1 91  ? 5.797   -2.395  2.211   1.00 22.11 ? 91  MET A CB    1 
ATOM   761  C CG    . MET A 1 91  ? 5.195   -2.555  0.807   1.00 19.51 ? 91  MET A CG    1 
ATOM   762  S SD    . MET A 1 91  ? 3.993   -1.300  0.318   1.00 26.73 ? 91  MET A SD    1 
ATOM   763  C CE    . MET A 1 91  ? 5.047   0.147   0.254   1.00 20.00 ? 91  MET A CE    1 
ATOM   764  N N     . LYS A 1 92  ? 8.517   -3.197  4.130   1.00 19.35 ? 92  LYS A N     1 
ATOM   765  C CA    . LYS A 1 92  ? 9.148   -3.236  5.434   1.00 20.73 ? 92  LYS A CA    1 
ATOM   766  C C     . LYS A 1 92  ? 9.724   -1.883  5.804   1.00 21.53 ? 92  LYS A C     1 
ATOM   767  O O     . LYS A 1 92  ? 10.354  -1.208  4.977   1.00 20.12 ? 92  LYS A O     1 
ATOM   768  C CB    . LYS A 1 92  ? 10.239  -4.307  5.463   1.00 21.51 ? 92  LYS A CB    1 
ATOM   769  C CG    . LYS A 1 92  ? 9.740   -5.697  5.134   1.00 21.70 ? 92  LYS A CG    1 
ATOM   770  C CD    . LYS A 1 92  ? 10.903  -6.690  5.128   1.00 25.78 ? 92  LYS A CD    1 
ATOM   771  C CE    . LYS A 1 92  ? 10.417  -8.096  4.858   1.00 27.53 ? 92  LYS A CE    1 
ATOM   772  N NZ    . LYS A 1 92  ? 11.535  -9.061  4.686   1.00 35.28 ? 92  LYS A NZ    1 
ATOM   773  N N     . ASN A 1 93  ? 9.477   -1.495  7.053   1.00 19.24 ? 93  ASN A N     1 
ATOM   774  C CA    . ASN A 1 93  ? 10.043  -0.289  7.638   1.00 22.78 ? 93  ASN A CA    1 
ATOM   775  C C     . ASN A 1 93  ? 9.744   0.991   6.859   1.00 22.35 ? 93  ASN A C     1 
ATOM   776  O O     . ASN A 1 93  ? 10.600  1.862   6.746   1.00 19.29 ? 93  ASN A O     1 
ATOM   777  C CB    . ASN A 1 93  ? 11.548  -0.463  7.863   1.00 22.38 ? 93  ASN A CB    1 
ATOM   778  C CG    . ASN A 1 93  ? 11.869  -1.721  8.663   1.00 30.02 ? 93  ASN A CG    1 
ATOM   779  O OD1   . ASN A 1 93  ? 11.235  -2.000  9.689   1.00 24.79 ? 93  ASN A OD1   1 
ATOM   780  N ND2   . ASN A 1 93  ? 12.842  -2.497  8.186   1.00 26.73 ? 93  ASN A ND2   1 
ATOM   781  N N     . VAL A 1 94  ? 8.517   1.110   6.346   1.00 18.97 ? 94  VAL A N     1 
ATOM   782  C CA    . VAL A 1 94  ? 8.121   2.319   5.617   1.00 20.77 ? 94  VAL A CA    1 
ATOM   783  C C     . VAL A 1 94  ? 7.551   3.371   6.560   1.00 23.61 ? 94  VAL A C     1 
ATOM   784  O O     . VAL A 1 94  ? 7.130   3.052   7.664   1.00 21.64 ? 94  VAL A O     1 
ATOM   785  C CB    . VAL A 1 94  ? 7.139   2.017   4.465   1.00 19.08 ? 94  VAL A CB    1 
ATOM   786  C CG1   . VAL A 1 94  ? 7.762   0.994   3.515   1.00 21.87 ? 94  VAL A CG1   1 
ATOM   787  C CG2   . VAL A 1 94  ? 5.821   1.509   5.004   1.00 19.59 ? 94  VAL A CG2   1 
ATOM   788  N N     . ARG A 1 95  ? 7.562   4.629   6.132   1.00 21.22 ? 95  ARG A N     1 
ATOM   789  C CA    . ARG A 1 95  ? 7.155   5.722   7.002   1.00 21.56 ? 95  ARG A CA    1 
ATOM   790  C C     . ARG A 1 95  ? 5.717   6.136   6.710   1.00 20.08 ? 95  ARG A C     1 
ATOM   791  O O     . ARG A 1 95  ? 5.322   6.207   5.556   1.00 21.92 ? 95  ARG A O     1 
ATOM   792  C CB    . ARG A 1 95  ? 8.079   6.936   6.804   1.00 23.83 ? 95  ARG A CB    1 
ATOM   793  C CG    . ARG A 1 95  ? 7.332   8.269   6.927   1.00 29.60 ? 95  ARG A CG    1 
ATOM   794  C CD    . ARG A 1 95  ? 8.251   9.478   6.868   1.00 38.79 ? 95  ARG A CD    1 
ATOM   795  N NE    . ARG A 1 95  ? 9.212   9.442   7.966   1.00 48.04 ? 95  ARG A NE    1 
ATOM   796  C CZ    . ARG A 1 95  ? 10.460  9.888   7.886   1.00 41.09 ? 95  ARG A CZ    1 
ATOM   797  N NH1   . ARG A 1 95  ? 10.905  10.418  6.752   1.00 39.70 ? 95  ARG A NH1   1 
ATOM   798  N NH2   . ARG A 1 95  ? 11.258  9.800   8.942   1.00 39.64 ? 95  ARG A NH2   1 
ATOM   799  N N     . THR A 1 96  ? 4.933   6.428   7.745   1.00 21.14 ? 96  THR A N     1 
ATOM   800  C CA    . THR A 1 96  ? 3.575   6.918   7.530   1.00 18.34 ? 96  THR A CA    1 
ATOM   801  C C     . THR A 1 96  ? 3.455   8.407   7.890   1.00 24.48 ? 96  THR A C     1 
ATOM   802  O O     . THR A 1 96  ? 4.189   8.936   8.734   1.00 16.28 ? 96  THR A O     1 
ATOM   803  C CB    . THR A 1 96  ? 2.542   6.148   8.359   1.00 22.81 ? 96  THR A CB    1 
ATOM   804  O OG1   . THR A 1 96  ? 2.800   6.368   9.750   1.00 19.80 ? 96  THR A OG1   1 
ATOM   805  C CG2   . THR A 1 96  ? 2.597   4.650   8.047   1.00 19.91 ? 96  THR A CG2   1 
ATOM   806  N N     . LYS A 1 97  ? 2.522   9.080   7.236   1.00 18.06 ? 97  LYS A N     1 
ATOM   807  C CA    . LYS A 1 97  ? 2.274   10.484  7.505   1.00 24.20 ? 97  LYS A CA    1 
ATOM   808  C C     . LYS A 1 97  ? 0.806   10.739  7.181   1.00 24.31 ? 97  LYS A C     1 
ATOM   809  O O     . LYS A 1 97  ? 0.067   9.812   6.822   1.00 18.27 ? 97  LYS A O     1 
ATOM   810  C CB    . LYS A 1 97  ? 3.169   11.364  6.631   1.00 21.37 ? 97  LYS A CB    1 
ATOM   811  C CG    . LYS A 1 97  ? 2.874   11.214  5.134   1.00 25.21 ? 97  LYS A CG    1 
ATOM   812  C CD    . LYS A 1 97  ? 3.783   12.088  4.270   1.00 26.19 ? 97  LYS A CD    1 
ATOM   813  C CE    . LYS A 1 97  ? 3.552   13.566  4.503   1.00 27.21 ? 97  LYS A CE    1 
ATOM   814  N NZ    . LYS A 1 97  ? 3.059   14.263  3.294   1.00 30.72 ? 97  LYS A NZ    1 
ATOM   815  N N     . ILE A 1 98  ? 0.393   11.995  7.289   1.00 23.62 ? 98  ILE A N     1 
ATOM   816  C CA    . ILE A 1 98  ? -0.972  12.384  6.951   1.00 24.49 ? 98  ILE A CA    1 
ATOM   817  C C     . ILE A 1 98  ? -0.905  13.378  5.817   1.00 31.89 ? 98  ILE A C     1 
ATOM   818  O O     . ILE A 1 98  ? -0.112  14.323  5.869   1.00 34.72 ? 98  ILE A O     1 
ATOM   819  C CB    . ILE A 1 98  ? -1.663  13.049  8.149   1.00 31.41 ? 98  ILE A CB    1 
ATOM   820  C CG1   . ILE A 1 98  ? -1.948  12.018  9.234   1.00 26.12 ? 98  ILE A CG1   1 
ATOM   821  C CG2   . ILE A 1 98  ? -2.943  13.720  7.724   1.00 35.87 ? 98  ILE A CG2   1 
ATOM   822  C CD1   . ILE A 1 98  ? -2.852  10.894  8.764   1.00 30.78 ? 98  ILE A CD1   1 
ATOM   823  N N     . ASP A 1 99  ? -1.717  13.176  4.784   1.00 26.65 ? 99  ASP A N     1 
ATOM   824  C CA    . ASP A 1 99  ? -1.724  14.134  3.692   1.00 27.75 ? 99  ASP A CA    1 
ATOM   825  C C     . ASP A 1 99  ? -2.406  15.438  4.103   1.00 31.23 ? 99  ASP A C     1 
ATOM   826  O O     . ASP A 1 99  ? -2.751  15.629  5.276   1.00 28.92 ? 99  ASP A O     1 
ATOM   827  C CB    . ASP A 1 99  ? -2.333  13.547  2.418   1.00 28.60 ? 99  ASP A CB    1 
ATOM   828  C CG    . ASP A 1 99  ? -3.843  13.411  2.487   1.00 21.60 ? 99  ASP A CG    1 
ATOM   829  O OD1   . ASP A 1 99  ? -4.466  13.881  3.453   1.00 24.50 ? 99  ASP A OD1   1 
ATOM   830  O OD2   . ASP A 1 99  ? -4.404  12.822  1.558   1.00 25.74 ? 99  ASP A OD2   1 
ATOM   831  N N     . HIS A 1 100 ? -2.591  16.332  3.139   1.00 33.87 ? 100 HIS A N     1 
ATOM   832  C CA    . HIS A 1 100 ? -3.135  17.660  3.423   1.00 38.27 ? 100 HIS A CA    1 
ATOM   833  C C     . HIS A 1 100 ? -4.570  17.640  3.966   1.00 34.70 ? 100 HIS A C     1 
ATOM   834  O O     . HIS A 1 100 ? -4.981  18.548  4.692   1.00 30.88 ? 100 HIS A O     1 
ATOM   835  C CB    . HIS A 1 100 ? -3.008  18.560  2.187   1.00 36.93 ? 100 HIS A CB    1 
ATOM   836  C CG    . HIS A 1 100 ? -1.615  19.065  1.956   1.00 39.05 ? 100 HIS A CG    1 
ATOM   837  N ND1   . HIS A 1 100 ? -1.218  19.659  0.778   1.00 41.78 ? 100 HIS A ND1   1 
ATOM   838  C CD2   . HIS A 1 100 ? -0.529  19.072  2.766   1.00 39.08 ? 100 HIS A CD2   1 
ATOM   839  C CE1   . HIS A 1 100 ? 0.055   20.004  0.868   1.00 42.25 ? 100 HIS A CE1   1 
ATOM   840  N NE2   . HIS A 1 100 ? 0.496   19.660  2.065   1.00 41.04 ? 100 HIS A NE2   1 
ATOM   841  N N     . LEU A 1 101 ? -5.312  16.584  3.645   1.00 32.44 ? 101 LEU A N     1 
ATOM   842  C CA    . LEU A 1 101 ? -6.716  16.496  4.040   1.00 29.81 ? 101 LEU A CA    1 
ATOM   843  C C     . LEU A 1 101 ? -6.928  15.534  5.198   1.00 30.06 ? 101 LEU A C     1 
ATOM   844  O O     . LEU A 1 101 ? -8.063  15.167  5.506   1.00 26.77 ? 101 LEU A O     1 
ATOM   845  C CB    . LEU A 1 101 ? -7.590  16.082  2.855   1.00 28.13 ? 101 LEU A CB    1 
ATOM   846  C CG    . LEU A 1 101 ? -7.166  16.679  1.512   1.00 34.06 ? 101 LEU A CG    1 
ATOM   847  C CD1   . LEU A 1 101 ? -8.129  16.259  0.407   1.00 32.22 ? 101 LEU A CD1   1 
ATOM   848  C CD2   . LEU A 1 101 ? -7.084  18.190  1.607   1.00 40.35 ? 101 LEU A CD2   1 
ATOM   849  N N     . GLY A 1 102 ? -5.831  15.124  5.832   1.00 29.19 ? 102 GLY A N     1 
ATOM   850  C CA    . GLY A 1 102 ? -5.906  14.311  7.035   1.00 27.72 ? 102 GLY A CA    1 
ATOM   851  C C     . GLY A 1 102 ? -5.935  12.799  6.832   1.00 28.32 ? 102 GLY A C     1 
ATOM   852  O O     . GLY A 1 102 ? -6.269  12.055  7.759   1.00 27.73 ? 102 GLY A O     1 
ATOM   853  N N     . TYR A 1 103 ? -5.584  12.336  5.634   1.00 24.19 ? 103 TYR A N     1 
ATOM   854  C CA    . TYR A 1 103 ? -5.653  10.910  5.338   1.00 23.31 ? 103 TYR A CA    1 
ATOM   855  C C     . TYR A 1 103 ? -4.294  10.252  5.546   1.00 22.62 ? 103 TYR A C     1 
ATOM   856  O O     . TYR A 1 103 ? -3.272  10.848  5.252   1.00 18.77 ? 103 TYR A O     1 
ATOM   857  C CB    . TYR A 1 103 ? -6.150  10.664  3.912   1.00 18.79 ? 103 TYR A CB    1 
ATOM   858  C CG    . TYR A 1 103 ? -7.568  11.132  3.680   1.00 23.79 ? 103 TYR A CG    1 
ATOM   859  C CD1   . TYR A 1 103 ? -8.651  10.375  4.121   1.00 20.80 ? 103 TYR A CD1   1 
ATOM   860  C CD2   . TYR A 1 103 ? -7.829  12.339  3.034   1.00 24.82 ? 103 TYR A CD2   1 
ATOM   861  C CE1   . TYR A 1 103 ? -9.957  10.800  3.924   1.00 23.05 ? 103 TYR A CE1   1 
ATOM   862  C CE2   . TYR A 1 103 ? -9.142  12.781  2.829   1.00 25.13 ? 103 TYR A CE2   1 
ATOM   863  C CZ    . TYR A 1 103 ? -10.193 12.006  3.279   1.00 24.34 ? 103 TYR A CZ    1 
ATOM   864  O OH    . TYR A 1 103 ? -11.480 12.431  3.082   1.00 29.05 ? 103 TYR A OH    1 
ATOM   865  N N     . LEU A 1 104 ? -4.294  9.020   6.049   1.00 17.12 ? 104 LEU A N     1 
ATOM   866  C CA    . LEU A 1 104 ? -3.060  8.291   6.268   1.00 17.13 ? 104 LEU A CA    1 
ATOM   867  C C     . LEU A 1 104 ? -2.454  8.027   4.910   1.00 17.99 ? 104 LEU A C     1 
ATOM   868  O O     . LEU A 1 104 ? -3.152  7.904   3.920   1.00 20.19 ? 104 LEU A O     1 
ATOM   869  C CB    . LEU A 1 104 ? -3.323  6.955   6.941   1.00 18.25 ? 104 LEU A CB    1 
ATOM   870  C CG    . LEU A 1 104 ? -2.712  6.609   8.291   1.00 22.56 ? 104 LEU A CG    1 
ATOM   871  C CD1   . LEU A 1 104 ? -3.104  5.179   8.658   1.00 17.09 ? 104 LEU A CD1   1 
ATOM   872  C CD2   . LEU A 1 104 ? -1.205  6.785   8.295   1.00 18.52 ? 104 LEU A CD2   1 
ATOM   873  N N     . GLU A 1 105 ? -1.143  7.883   4.888   1.00 17.33 ? 105 GLU A N     1 
ATOM   874  C CA    . GLU A 1 105 ? -0.417  7.775   3.651   1.00 18.82 ? 105 GLU A CA    1 
ATOM   875  C C     . GLU A 1 105 ? 0.944   7.241   4.018   1.00 19.95 ? 105 GLU A C     1 
ATOM   876  O O     . GLU A 1 105 ? 1.446   7.508   5.107   1.00 17.03 ? 105 GLU A O     1 
ATOM   877  C CB    . GLU A 1 105 ? -0.331  9.173   3.052   1.00 25.07 ? 105 GLU A CB    1 
ATOM   878  C CG    . GLU A 1 105 ? 0.726   9.433   2.055   1.00 25.13 ? 105 GLU A CG    1 
ATOM   879  C CD    . GLU A 1 105 ? 0.347   10.636  1.207   1.00 27.27 ? 105 GLU A CD    1 
ATOM   880  O OE1   . GLU A 1 105 ? 0.833   11.753  1.484   1.00 25.40 ? 105 GLU A OE1   1 
ATOM   881  O OE2   . GLU A 1 105 ? -0.467  10.451  0.281   1.00 30.43 ? 105 GLU A OE2   1 
ATOM   882  N N     . CYS A 1 106 ? 1.539   6.474   3.117   1.00 20.30 ? 106 CYS A N     1 
ATOM   883  C CA    . CYS A 1 106 ? 2.824   5.855   3.398   1.00 18.83 ? 106 CYS A CA    1 
ATOM   884  C C     . CYS A 1 106 ? 3.830   6.296   2.340   1.00 18.15 ? 106 CYS A C     1 
ATOM   885  O O     . CYS A 1 106 ? 3.458   6.552   1.202   1.00 17.61 ? 106 CYS A O     1 
ATOM   886  C CB    . CYS A 1 106 ? 2.636   4.329   3.495   1.00 22.60 ? 106 CYS A CB    1 
ATOM   887  S SG    . CYS A 1 106 ? 3.863   3.310   2.744   1.00 40.76 ? 106 CYS A SG    1 
ATOM   888  N N     . ILE A 1 107 ? 5.099   6.413   2.731   1.00 19.59 ? 107 ILE A N     1 
ATOM   889  C CA    . ILE A 1 107 ? 6.115   7.086   1.923   1.00 17.90 ? 107 ILE A CA    1 
ATOM   890  C C     . ILE A 1 107 ? 7.454   6.348   1.973   1.00 21.45 ? 107 ILE A C     1 
ATOM   891  O O     . ILE A 1 107 ? 7.941   6.004   3.054   1.00 22.78 ? 107 ILE A O     1 
ATOM   892  C CB    . ILE A 1 107 ? 6.396   8.535   2.430   1.00 22.51 ? 107 ILE A CB    1 
ATOM   893  C CG1   . ILE A 1 107 ? 5.101   9.311   2.695   1.00 22.36 ? 107 ILE A CG1   1 
ATOM   894  C CG2   . ILE A 1 107 ? 7.320   9.281   1.450   1.00 23.15 ? 107 ILE A CG2   1 
ATOM   895  C CD1   . ILE A 1 107 ? 4.384   9.796   1.453   1.00 18.24 ? 107 ILE A CD1   1 
ATOM   896  N N     . LEU A 1 108 ? 8.039   6.119   0.799   1.00 20.52 ? 108 LEU A N     1 
ATOM   897  C CA    . LEU A 1 108 ? 9.390   5.586   0.687   1.00 18.26 ? 108 LEU A CA    1 
ATOM   898  C C     . LEU A 1 108 ? 10.335  6.629   0.056   1.00 18.69 ? 108 LEU A C     1 
ATOM   899  O O     . LEU A 1 108 ? 10.453  6.721   -1.165  1.00 18.14 ? 108 LEU A O     1 
ATOM   900  C CB    . LEU A 1 108 ? 9.385   4.267   -0.112  1.00 18.52 ? 108 LEU A CB    1 
ATOM   901  C CG    . LEU A 1 108 ? 8.746   3.024   0.556   1.00 20.58 ? 108 LEU A CG    1 
ATOM   902  C CD1   . LEU A 1 108 ? 7.218   3.122   0.657   1.00 15.95 ? 108 LEU A CD1   1 
ATOM   903  C CD2   . LEU A 1 108 ? 9.140   1.744   -0.164  1.00 20.39 ? 108 LEU A CD2   1 
ATOM   904  N N     . HIS A 1 109 ? 11.000  7.417   0.895   1.00 19.62 ? 109 HIS A N     1 
ATOM   905  C CA    . HIS A 1 109 ? 12.019  8.366   0.435   1.00 21.36 ? 109 HIS A CA    1 
ATOM   906  C C     . HIS A 1 109 ? 13.290  7.666   -0.050  1.00 18.99 ? 109 HIS A C     1 
ATOM   907  O O     . HIS A 1 109 ? 13.590  6.557   0.358   1.00 20.45 ? 109 HIS A O     1 
ATOM   908  C CB    . HIS A 1 109 ? 12.413  9.344   1.556   1.00 22.56 ? 109 HIS A CB    1 
ATOM   909  C CG    . HIS A 1 109 ? 11.326  10.290  1.965   1.00 26.33 ? 109 HIS A CG    1 
ATOM   910  N ND1   . HIS A 1 109 ? 10.893  11.327  1.164   1.00 24.01 ? 109 HIS A ND1   1 
ATOM   911  C CD2   . HIS A 1 109 ? 10.608  10.376  3.109   1.00 26.61 ? 109 HIS A CD2   1 
ATOM   912  C CE1   . HIS A 1 109 ? 9.951   12.005  1.792   1.00 24.40 ? 109 HIS A CE1   1 
ATOM   913  N NE2   . HIS A 1 109 ? 9.760   11.447  2.974   1.00 27.66 ? 109 HIS A NE2   1 
ATOM   914  N N     . GLY A 1 110 ? 14.041  8.327   -0.922  1.00 20.50 ? 110 GLY A N     1 
ATOM   915  C CA    . GLY A 1 110 ? 15.348  7.830   -1.300  1.00 23.97 ? 110 GLY A CA    1 
ATOM   916  C C     . GLY A 1 110 ? 16.215  7.703   -0.056  1.00 28.19 ? 110 GLY A C     1 
ATOM   917  O O     . GLY A 1 110 ? 16.217  8.586   0.802   1.00 28.00 ? 110 GLY A O     1 
ATOM   918  N N     . ASP A 1 111 ? 16.932  6.590   0.055   1.00 26.94 ? 111 ASP A N     1 
ATOM   919  C CA    . ASP A 1 111 ? 17.704  6.298   1.253   1.00 31.31 ? 111 ASP A CA    1 
ATOM   920  C C     . ASP A 1 111 ? 19.007  5.627   0.854   1.00 34.39 ? 111 ASP A C     1 
ATOM   921  O O     . ASP A 1 111 ? 19.225  4.441   1.125   1.00 34.95 ? 111 ASP A O     1 
ATOM   922  C CB    . ASP A 1 111 ? 16.899  5.409   2.209   1.00 30.20 ? 111 ASP A CB    1 
ATOM   923  C CG    . ASP A 1 111 ? 17.695  4.998   3.444   1.00 35.72 ? 111 ASP A CG    1 
ATOM   924  O OD1   . ASP A 1 111 ? 18.636  5.723   3.834   1.00 37.37 ? 111 ASP A OD1   1 
ATOM   925  O OD2   . ASP A 1 111 ? 17.379  3.944   4.023   1.00 33.01 ? 111 ASP A OD2   1 
ATOM   926  N N     . SER A 1 112 ? 19.861  6.399   0.188   1.00 37.25 ? 112 SER A N     1 
ATOM   927  C CA    . SER A 1 112 ? 21.163  5.909   -0.262  1.00 42.09 ? 112 SER A CA    1 
ATOM   928  C C     . SER A 1 112 ? 22.023  5.428   0.905   1.00 45.30 ? 112 SER A C     1 
ATOM   929  O O     . SER A 1 112 ? 22.626  4.355   0.845   1.00 48.73 ? 112 SER A O     1 
ATOM   930  C CB    . SER A 1 112 ? 21.900  7.004   -1.029  1.00 39.76 ? 112 SER A CB    1 
ATOM   931  O OG    . SER A 1 112 ? 21.189  7.379   -2.196  1.00 53.44 ? 112 SER A OG    1 
ATOM   932  N N     . ALA A 1 113 ? 22.066  6.230   1.965   1.00 47.48 ? 113 ALA A N     1 
ATOM   933  C CA    . ALA A 1 113 ? 22.851  5.919   3.157   1.00 45.68 ? 113 ALA A CA    1 
ATOM   934  C C     . ALA A 1 113 ? 22.406  4.616   3.806   1.00 46.60 ? 113 ALA A C     1 
ATOM   935  O O     . ALA A 1 113 ? 23.002  4.171   4.788   1.00 52.35 ? 113 ALA A O     1 
ATOM   936  C CB    . ALA A 1 113 ? 22.757  7.064   4.164   1.00 42.28 ? 113 ALA A CB    1 
ATOM   937  N N     . LYS A 1 114 ? 21.355  4.013   3.262   1.00 42.90 ? 114 LYS A N     1 
ATOM   938  C CA    . LYS A 1 114 ? 20.793  2.801   3.835   1.00 38.92 ? 114 LYS A CA    1 
ATOM   939  C C     . LYS A 1 114 ? 20.656  2.923   5.356   1.00 43.26 ? 114 LYS A C     1 
ATOM   940  O O     . LYS A 1 114 ? 21.101  2.050   6.104   1.00 44.24 ? 114 LYS A O     1 
ATOM   941  C CB    . LYS A 1 114 ? 21.640  1.581   3.448   1.00 48.03 ? 114 LYS A CB    1 
ATOM   942  C CG    . LYS A 1 114 ? 21.635  1.267   1.940   1.00 48.89 ? 114 LYS A CG    1 
ATOM   943  C CD    . LYS A 1 114 ? 22.491  0.040   1.590   1.00 57.84 ? 114 LYS A CD    1 
ATOM   944  C CE    . LYS A 1 114 ? 22.356  -0.345  0.105   1.00 58.39 ? 114 LYS A CE    1 
ATOM   945  N NZ    . LYS A 1 114 ? 23.166  -1.551  -0.299  1.00 44.93 ? 114 LYS A NZ    1 
ATOM   946  N N     . ARG A 1 115 ? 20.036  4.014   5.805   1.00 42.99 ? 115 ARG A N     1 
ATOM   947  C CA    . ARG A 1 115 ? 19.779  4.221   7.229   1.00 42.21 ? 115 ARG A CA    1 
ATOM   948  C C     . ARG A 1 115 ? 18.561  3.455   7.745   1.00 42.81 ? 115 ARG A C     1 
ATOM   949  O O     . ARG A 1 115 ? 18.563  2.980   8.883   1.00 35.26 ? 115 ARG A O     1 
ATOM   950  C CB    . ARG A 1 115 ? 19.627  5.710   7.563   1.00 43.87 ? 115 ARG A CB    1 
ATOM   951  C CG    . ARG A 1 115 ? 19.310  5.956   9.034   1.00 46.71 ? 115 ARG A CG    1 
ATOM   952  C CD    . ARG A 1 115 ? 19.482  7.414   9.468   1.00 48.49 ? 115 ARG A CD    1 
ATOM   953  N NE    . ARG A 1 115 ? 19.482  7.500   10.931  1.00 57.09 ? 115 ARG A NE    1 
ATOM   954  C CZ    . ARG A 1 115 ? 19.452  8.629   11.635  1.00 51.02 ? 115 ARG A CZ    1 
ATOM   955  N NH1   . ARG A 1 115 ? 19.409  9.808   11.022  1.00 49.06 ? 115 ARG A NH1   1 
ATOM   956  N NH2   . ARG A 1 115 ? 19.456  8.577   12.962  1.00 45.84 ? 115 ARG A NH2   1 
ATOM   957  N N     . TYR A 1 116 ? 17.529  3.315   6.913   1.00 39.93 ? 116 TYR A N     1 
ATOM   958  C CA    . TYR A 1 116 ? 16.249  2.800   7.405   1.00 36.95 ? 116 TYR A CA    1 
ATOM   959  C C     . TYR A 1 116 ? 15.935  1.330   7.136   1.00 33.80 ? 116 TYR A C     1 
ATOM   960  O O     . TYR A 1 116 ? 15.087  0.749   7.811   1.00 31.01 ? 116 TYR A O     1 
ATOM   961  C CB    . TYR A 1 116 ? 15.092  3.698   6.965   1.00 38.78 ? 116 TYR A CB    1 
ATOM   962  C CG    . TYR A 1 116 ? 15.200  5.073   7.567   1.00 41.47 ? 116 TYR A CG    1 
ATOM   963  C CD1   . TYR A 1 116 ? 14.841  5.299   8.891   1.00 45.56 ? 116 TYR A CD1   1 
ATOM   964  C CD2   . TYR A 1 116 ? 15.697  6.138   6.830   1.00 39.06 ? 116 TYR A CD2   1 
ATOM   965  C CE1   . TYR A 1 116 ? 14.953  6.557   9.457   1.00 43.98 ? 116 TYR A CE1   1 
ATOM   966  C CE2   . TYR A 1 116 ? 15.815  7.397   7.384   1.00 43.75 ? 116 TYR A CE2   1 
ATOM   967  C CZ    . TYR A 1 116 ? 15.442  7.603   8.699   1.00 44.75 ? 116 TYR A CZ    1 
ATOM   968  O OH    . TYR A 1 116 ? 15.556  8.862   9.252   1.00 48.33 ? 116 TYR A OH    1 
ATOM   969  N N     . ASN A 1 117 ? 16.628  0.720   6.188   1.00 29.08 ? 117 ASN A N     1 
ATOM   970  C CA    . ASN A 1 117 ? 16.388  -0.687  5.896   1.00 33.00 ? 117 ASN A CA    1 
ATOM   971  C C     . ASN A 1 117 ? 14.987  -0.895  5.289   1.00 30.54 ? 117 ASN A C     1 
ATOM   972  O O     . ASN A 1 117 ? 14.343  -1.912  5.530   1.00 31.07 ? 117 ASN A O     1 
ATOM   973  C CB    . ASN A 1 117 ? 16.563  -1.528  7.169   1.00 31.98 ? 117 ASN A CB    1 
ATOM   974  C CG    . ASN A 1 117 ? 16.688  -3.021  6.881   1.00 42.51 ? 117 ASN A CG    1 
ATOM   975  O OD1   . ASN A 1 117 ? 16.919  -3.427  5.746   1.00 42.31 ? 117 ASN A OD1   1 
ATOM   976  N ND2   . ASN A 1 117 ? 16.539  -3.840  7.914   1.00 46.95 ? 117 ASN A ND2   1 
ATOM   977  N N     . MET A 1 118 ? 14.519  0.085   4.520   1.00 27.72 ? 118 MET A N     1 
ATOM   978  C CA    . MET A 1 118 ? 13.217  0.005   3.868   1.00 25.93 ? 118 MET A CA    1 
ATOM   979  C C     . MET A 1 118 ? 13.250  -0.902  2.668   1.00 26.31 ? 118 MET A C     1 
ATOM   980  O O     . MET A 1 118 ? 14.261  -1.014  1.987   1.00 29.61 ? 118 MET A O     1 
ATOM   981  C CB    . MET A 1 118 ? 12.774  1.376   3.384   1.00 26.52 ? 118 MET A CB    1 
ATOM   982  C CG    . MET A 1 118 ? 12.370  2.330   4.464   1.00 27.16 ? 118 MET A CG    1 
ATOM   983  S SD    . MET A 1 118 ? 11.600  3.772   3.722   1.00 31.44 ? 118 MET A SD    1 
ATOM   984  C CE    . MET A 1 118 ? 13.028  4.608   3.039   1.00 26.65 ? 118 MET A CE    1 
ATOM   985  N N     . SER A 1 119 ? 12.133  -1.541  2.376   1.00 21.85 ? 119 SER A N     1 
ATOM   986  C CA    . SER A 1 119 ? 12.111  -2.368  1.190   1.00 23.70 ? 119 SER A CA    1 
ATOM   987  C C     . SER A 1 119 ? 10.699  -2.733  0.807   1.00 21.17 ? 119 SER A C     1 
ATOM   988  O O     . SER A 1 119 ? 9.783   -2.691  1.626   1.00 23.31 ? 119 SER A O     1 
ATOM   989  C CB    . SER A 1 119 ? 12.962  -3.634  1.379   1.00 22.13 ? 119 SER A CB    1 
ATOM   990  O OG    . SER A 1 119 ? 12.316  -4.531  2.262   1.00 22.11 ? 119 SER A OG    1 
ATOM   991  N N     . ILE A 1 120 ? 10.541  -3.088  -0.458  1.00 22.70 ? 120 ILE A N     1 
ATOM   992  C CA    . ILE A 1 120 ? 9.292   -3.636  -0.957  1.00 23.47 ? 120 ILE A CA    1 
ATOM   993  C C     . ILE A 1 120 ? 9.607   -4.709  -1.988  1.00 24.03 ? 120 ILE A C     1 
ATOM   994  O O     . ILE A 1 120 ? 10.330  -4.473  -2.957  1.00 28.02 ? 120 ILE A O     1 
ATOM   995  C CB    . ILE A 1 120 ? 8.393   -2.547  -1.549  1.00 23.15 ? 120 ILE A CB    1 
ATOM   996  C CG1   . ILE A 1 120 ? 7.463   -3.131  -2.619  1.00 24.81 ? 120 ILE A CG1   1 
ATOM   997  C CG2   . ILE A 1 120 ? 9.229   -1.411  -2.115  1.00 28.51 ? 120 ILE A CG2   1 
ATOM   998  C CD1   . ILE A 1 120 ? 6.410   -2.137  -3.084  1.00 22.17 ? 120 ILE A CD1   1 
ATOM   999  N N     . GLU A 1 121 ? 9.102   -5.912  -1.765  1.00 24.44 ? 121 GLU A N     1 
ATOM   1000 C CA    . GLU A 1 121 ? 9.278   -6.959  -2.759  1.00 27.30 ? 121 GLU A CA    1 
ATOM   1001 C C     . GLU A 1 121 ? 7.927   -7.612  -3.037  1.00 24.05 ? 121 GLU A C     1 
ATOM   1002 O O     . GLU A 1 121 ? 7.022   -7.548  -2.200  1.00 25.23 ? 121 GLU A O     1 
ATOM   1003 C CB    . GLU A 1 121 ? 10.340  -7.984  -2.308  1.00 26.66 ? 121 GLU A CB    1 
ATOM   1004 C CG    . GLU A 1 121 ? 11.803  -7.444  -2.225  1.00 29.45 ? 121 GLU A CG    1 
ATOM   1005 C CD    . GLU A 1 121 ? 12.462  -7.192  -3.598  1.00 37.58 ? 121 GLU A CD    1 
ATOM   1006 O OE1   . GLU A 1 121 ? 11.733  -7.136  -4.619  1.00 28.68 ? 121 GLU A OE1   1 
ATOM   1007 O OE2   . GLU A 1 121 ? 13.718  -7.055  -3.658  1.00 34.70 ? 121 GLU A OE2   1 
ATOM   1008 N N     . LYS A 1 122 ? 7.781   -8.195  -4.225  1.00 21.25 ? 122 LYS A N     1 
ATOM   1009 C CA    . LYS A 1 122 ? 6.607   -8.992  -4.539  1.00 25.38 ? 122 LYS A CA    1 
ATOM   1010 C C     . LYS A 1 122 ? 6.650   -10.231 -3.682  1.00 25.19 ? 122 LYS A C     1 
ATOM   1011 O O     . LYS A 1 122 ? 7.722   -10.734 -3.360  1.00 28.74 ? 122 LYS A O     1 
ATOM   1012 C CB    . LYS A 1 122 ? 6.609   -9.480  -5.988  1.00 25.02 ? 122 LYS A CB    1 
ATOM   1013 C CG    . LYS A 1 122 ? 6.552   -8.440  -7.039  1.00 26.20 ? 122 LYS A CG    1 
ATOM   1014 C CD    . LYS A 1 122 ? 6.222   -9.103  -8.380  1.00 25.11 ? 122 LYS A CD    1 
ATOM   1015 C CE    . LYS A 1 122 ? 6.539   -8.151  -9.527  1.00 24.63 ? 122 LYS A CE    1 
ATOM   1016 N NZ    . LYS A 1 122 ? 5.829   -8.480  -10.806 1.00 28.64 ? 122 LYS A NZ    1 
ATOM   1017 N N     . VAL A 1 123 ? 5.481   -10.735 -3.330  1.00 26.47 ? 123 VAL A N     1 
ATOM   1018 C CA    . VAL A 1 123 ? 5.386   -12.009 -2.638  1.00 30.78 ? 123 VAL A CA    1 
ATOM   1019 C C     . VAL A 1 123 ? 4.664   -12.947 -3.580  1.00 31.41 ? 123 VAL A C     1 
ATOM   1020 O O     . VAL A 1 123 ? 3.727   -12.531 -4.259  1.00 30.92 ? 123 VAL A O     1 
ATOM   1021 C CB    . VAL A 1 123 ? 4.606   -11.847 -1.337  1.00 28.10 ? 123 VAL A CB    1 
ATOM   1022 C CG1   . VAL A 1 123 ? 4.386   -13.186 -0.664  1.00 25.87 ? 123 VAL A CG1   1 
ATOM   1023 C CG2   . VAL A 1 123 ? 5.356   -10.889 -0.427  1.00 24.21 ? 123 VAL A CG2   1 
ATOM   1024 N N     . ASP A 1 124 ? 5.107   -14.197 -3.668  1.00 38.67 ? 124 ASP A N     1 
ATOM   1025 C CA    . ASP A 1 124 ? 4.464   -15.112 -4.601  1.00 37.90 ? 124 ASP A CA    1 
ATOM   1026 C C     . ASP A 1 124 ? 3.029   -15.314 -4.175  1.00 37.25 ? 124 ASP A C     1 
ATOM   1027 O O     . ASP A 1 124 ? 2.748   -15.584 -3.005  1.00 37.70 ? 124 ASP A O     1 
ATOM   1028 C CB    . ASP A 1 124 ? 5.184   -16.456 -4.713  1.00 45.45 ? 124 ASP A CB    1 
ATOM   1029 C CG    . ASP A 1 124 ? 4.424   -17.445 -5.589  1.00 47.85 ? 124 ASP A CG    1 
ATOM   1030 O OD1   . ASP A 1 124 ? 4.424   -17.270 -6.828  1.00 53.67 ? 124 ASP A OD1   1 
ATOM   1031 O OD2   . ASP A 1 124 ? 3.815   -18.386 -5.039  1.00 49.11 ? 124 ASP A OD2   1 
ATOM   1032 N N     . SER A 1 125 ? 2.131   -15.178 -5.144  1.00 41.12 ? 125 SER A N     1 
ATOM   1033 C CA    . SER A 1 125 ? 0.697   -15.238 -4.919  1.00 38.79 ? 125 SER A CA    1 
ATOM   1034 C C     . SER A 1 125 ? 0.260   -16.395 -4.027  1.00 42.05 ? 125 SER A C     1 
ATOM   1035 O O     . SER A 1 125 ? -0.831  -16.359 -3.477  1.00 39.95 ? 125 SER A O     1 
ATOM   1036 C CB    . SER A 1 125 ? -0.033  -15.308 -6.259  1.00 42.27 ? 125 SER A CB    1 
ATOM   1037 O OG    . SER A 1 125 ? 0.479   -16.364 -7.059  1.00 47.99 ? 125 SER A OG    1 
ATOM   1038 N N     . GLU A 1 126 ? 1.112   -17.408 -3.879  1.00 42.20 ? 126 GLU A N     1 
ATOM   1039 C CA    . GLU A 1 126 ? 0.757   -18.614 -3.125  1.00 44.36 ? 126 GLU A CA    1 
ATOM   1040 C C     . GLU A 1 126 ? 1.353   -18.705 -1.711  1.00 42.90 ? 126 GLU A C     1 
ATOM   1041 O O     . GLU A 1 126 ? 1.038   -19.636 -0.969  1.00 41.65 ? 126 GLU A O     1 
ATOM   1042 C CB    . GLU A 1 126 ? 1.118   -19.873 -3.924  1.00 49.16 ? 126 GLU A CB    1 
ATOM   1043 C CG    . GLU A 1 126 ? 0.536   -19.896 -5.332  1.00 50.96 ? 126 GLU A CG    1 
ATOM   1044 C CD    . GLU A 1 126 ? -0.960  -19.619 -5.351  1.00 53.23 ? 126 GLU A CD    1 
ATOM   1045 O OE1   . GLU A 1 126 ? -1.657  -20.003 -4.384  1.00 53.01 ? 126 GLU A OE1   1 
ATOM   1046 O OE2   . GLU A 1 126 ? -1.442  -19.008 -6.333  1.00 57.74 ? 126 GLU A OE2   1 
ATOM   1047 N N     . GLU A 1 127 ? 2.207   -17.752 -1.340  1.00 39.20 ? 127 GLU A N     1 
ATOM   1048 C CA    . GLU A 1 127 ? 2.735   -17.707 0.021   1.00 36.30 ? 127 GLU A CA    1 
ATOM   1049 C C     . GLU A 1 127 ? 1.600   -17.725 1.022   1.00 38.06 ? 127 GLU A C     1 
ATOM   1050 O O     . GLU A 1 127 ? 0.602   -17.025 0.843   1.00 37.20 ? 127 GLU A O     1 
ATOM   1051 C CB    . GLU A 1 127 ? 3.603   -16.471 0.255   1.00 36.36 ? 127 GLU A CB    1 
ATOM   1052 C CG    . GLU A 1 127 ? 4.989   -16.596 -0.313  1.00 38.80 ? 127 GLU A CG    1 
ATOM   1053 C CD    . GLU A 1 127 ? 5.592   -17.960 -0.059  1.00 45.67 ? 127 GLU A CD    1 
ATOM   1054 O OE1   . GLU A 1 127 ? 5.787   -18.317 1.128   1.00 43.60 ? 127 GLU A OE1   1 
ATOM   1055 O OE2   . GLU A 1 127 ? 5.867   -18.676 -1.047  1.00 47.77 ? 127 GLU A OE2   1 
ATOM   1056 N N     . PRO A 1 128 ? 1.750   -18.524 2.090   1.00 40.63 ? 128 PRO A N     1 
ATOM   1057 C CA    . PRO A 1 128 ? 0.684   -18.691 3.079   1.00 36.43 ? 128 PRO A CA    1 
ATOM   1058 C C     . PRO A 1 128 ? 0.554   -17.448 3.946   1.00 33.28 ? 128 PRO A C     1 
ATOM   1059 O O     . PRO A 1 128 ? -0.457  -17.279 4.627   1.00 35.84 ? 128 PRO A O     1 
ATOM   1060 C CB    . PRO A 1 128 ? 1.166   -19.887 3.902   1.00 38.40 ? 128 PRO A CB    1 
ATOM   1061 C CG    . PRO A 1 128 ? 2.633   -19.786 3.854   1.00 36.26 ? 128 PRO A CG    1 
ATOM   1062 C CD    . PRO A 1 128 ? 2.978   -19.235 2.488   1.00 40.42 ? 128 PRO A CD    1 
ATOM   1063 N N     . GLU A 1 129 ? 1.564   -16.584 3.906   1.00 34.57 ? 129 GLU A N     1 
ATOM   1064 C CA    . GLU A 1 129 ? 1.489   -15.284 4.563   1.00 37.14 ? 129 GLU A CA    1 
ATOM   1065 C C     . GLU A 1 129 ? 0.383   -14.417 3.961   1.00 31.62 ? 129 GLU A C     1 
ATOM   1066 O O     . GLU A 1 129 ? -0.013  -13.413 4.549   1.00 33.64 ? 129 GLU A O     1 
ATOM   1067 C CB    . GLU A 1 129 ? 2.832   -14.556 4.486   1.00 32.82 ? 129 GLU A CB    1 
ATOM   1068 C CG    . GLU A 1 129 ? 3.882   -15.098 5.456   1.00 37.34 ? 129 GLU A CG    1 
ATOM   1069 C CD    . GLU A 1 129 ? 4.778   -16.165 4.846   1.00 37.87 ? 129 GLU A CD    1 
ATOM   1070 O OE1   . GLU A 1 129 ? 4.375   -16.798 3.845   1.00 33.91 ? 129 GLU A OE1   1 
ATOM   1071 O OE2   . GLU A 1 129 ? 5.899   -16.361 5.372   1.00 39.99 ? 129 GLU A OE2   1 
ATOM   1072 N N     . LEU A 1 130 ? -0.117  -14.818 2.794   1.00 32.72 ? 130 LEU A N     1 
ATOM   1073 C CA    . LEU A 1 130 ? -1.167  -14.073 2.107   1.00 30.30 ? 130 LEU A CA    1 
ATOM   1074 C C     . LEU A 1 130 ? -2.553  -14.624 2.425   1.00 31.69 ? 130 LEU A C     1 
ATOM   1075 O O     . LEU A 1 130 ? -3.566  -14.051 2.029   1.00 28.78 ? 130 LEU A O     1 
ATOM   1076 C CB    . LEU A 1 130 ? -0.929  -14.087 0.597   1.00 28.48 ? 130 LEU A CB    1 
ATOM   1077 C CG    . LEU A 1 130 ? 0.370   -13.434 0.118   1.00 28.84 ? 130 LEU A CG    1 
ATOM   1078 C CD1   . LEU A 1 130 ? 0.491   -13.504 -1.398  1.00 26.43 ? 130 LEU A CD1   1 
ATOM   1079 C CD2   . LEU A 1 130 ? 0.470   -11.983 0.603   1.00 24.74 ? 130 LEU A CD2   1 
ATOM   1080 N N     . ASN A 1 131 ? -2.594  -15.732 3.154   1.00 30.56 ? 131 ASN A N     1 
ATOM   1081 C CA    . ASN A 1 131 ? -3.850  -16.430 3.403   1.00 33.11 ? 131 ASN A CA    1 
ATOM   1082 C C     . ASN A 1 131 ? -4.930  -15.577 4.046   1.00 32.11 ? 131 ASN A C     1 
ATOM   1083 O O     . ASN A 1 131 ? -6.106  -15.729 3.723   1.00 34.40 ? 131 ASN A O     1 
ATOM   1084 C CB    . ASN A 1 131 ? -3.616  -17.701 4.225   1.00 34.86 ? 131 ASN A CB    1 
ATOM   1085 C CG    . ASN A 1 131 ? -3.058  -18.830 3.385   1.00 34.44 ? 131 ASN A CG    1 
ATOM   1086 O OD1   . ASN A 1 131 ? -3.140  -18.791 2.162   1.00 31.04 ? 131 ASN A OD1   1 
ATOM   1087 N ND2   . ASN A 1 131 ? -2.495  -19.842 4.036   1.00 36.91 ? 131 ASN A ND2   1 
ATOM   1088 N N     . GLU A 1 132 ? -4.529  -14.691 4.955   1.00 34.23 ? 132 GLU A N     1 
ATOM   1089 C CA    . GLU A 1 132 ? -5.474  -13.829 5.662   1.00 30.41 ? 132 GLU A CA    1 
ATOM   1090 C C     . GLU A 1 132 ? -6.078  -12.788 4.717   1.00 33.35 ? 132 GLU A C     1 
ATOM   1091 O O     . GLU A 1 132 ? -7.294  -12.572 4.698   1.00 30.77 ? 132 GLU A O     1 
ATOM   1092 C CB    . GLU A 1 132 ? -4.790  -13.134 6.841   1.00 35.36 ? 132 GLU A CB    1 
ATOM   1093 C CG    . GLU A 1 132 ? -4.411  -14.065 7.993   1.00 42.98 ? 132 GLU A CG    1 
ATOM   1094 C CD    . GLU A 1 132 ? -5.626  -14.574 8.753   1.00 49.06 ? 132 GLU A CD    1 
ATOM   1095 O OE1   . GLU A 1 132 ? -5.932  -14.009 9.831   1.00 41.11 ? 132 GLU A OE1   1 
ATOM   1096 O OE2   . GLU A 1 132 ? -6.275  -15.534 8.271   1.00 46.75 ? 132 GLU A OE2   1 
ATOM   1097 N N     . ILE A 1 133 ? -5.221  -12.142 3.933   1.00 31.86 ? 133 ILE A N     1 
ATOM   1098 C CA    . ILE A 1 133 ? -5.696  -11.182 2.950   1.00 29.32 ? 133 ILE A CA    1 
ATOM   1099 C C     . ILE A 1 133 ? -6.694  -11.857 2.014   1.00 29.05 ? 133 ILE A C     1 
ATOM   1100 O O     . ILE A 1 133 ? -7.723  -11.282 1.651   1.00 26.85 ? 133 ILE A O     1 
ATOM   1101 C CB    . ILE A 1 133 ? -4.525  -10.553 2.154   1.00 28.68 ? 133 ILE A CB    1 
ATOM   1102 C CG1   . ILE A 1 133 ? -3.767  -9.544  3.031   1.00 23.51 ? 133 ILE A CG1   1 
ATOM   1103 C CG2   . ILE A 1 133 ? -5.038  -9.867  0.893   1.00 26.24 ? 133 ILE A CG2   1 
ATOM   1104 C CD1   . ILE A 1 133 ? -2.344  -9.289  2.580   1.00 21.02 ? 133 ILE A CD1   1 
ATOM   1105 N N     . LYS A 1 134 ? -6.398  -13.099 1.655   1.00 28.11 ? 134 LYS A N     1 
ATOM   1106 C CA    . LYS A 1 134 ? -7.223  -13.831 0.705   1.00 29.55 ? 134 LYS A CA    1 
ATOM   1107 C C     . LYS A 1 134 ? -8.586  -14.192 1.300   1.00 32.21 ? 134 LYS A C     1 
ATOM   1108 O O     . LYS A 1 134 ? -9.612  -14.104 0.625   1.00 33.92 ? 134 LYS A O     1 
ATOM   1109 C CB    . LYS A 1 134 ? -6.494  -15.082 0.208   1.00 28.29 ? 134 LYS A CB    1 
ATOM   1110 C CG    . LYS A 1 134 ? -5.447  -14.800 -0.846  1.00 29.93 ? 134 LYS A CG    1 
ATOM   1111 C CD    . LYS A 1 134 ? -4.708  -16.061 -1.229  1.00 33.47 ? 134 LYS A CD    1 
ATOM   1112 C CE    . LYS A 1 134 ? -3.670  -15.791 -2.300  1.00 34.83 ? 134 LYS A CE    1 
ATOM   1113 N NZ    . LYS A 1 134 ? -2.933  -17.036 -2.640  1.00 36.92 ? 134 LYS A NZ    1 
ATOM   1114 N N     . SER A 1 135 ? -8.596  -14.586 2.565   1.00 30.17 ? 135 SER A N     1 
ATOM   1115 C CA    . SER A 1 135 ? -9.847  -14.941 3.223   1.00 33.19 ? 135 SER A CA    1 
ATOM   1116 C C     . SER A 1 135 ? -10.711 -13.702 3.476   1.00 34.29 ? 135 SER A C     1 
ATOM   1117 O O     . SER A 1 135 ? -11.905 -13.712 3.186   1.00 34.69 ? 135 SER A O     1 
ATOM   1118 C CB    . SER A 1 135 ? -9.591  -15.700 4.528   1.00 36.92 ? 135 SER A CB    1 
ATOM   1119 O OG    . SER A 1 135 ? -9.000  -14.849 5.495   1.00 45.46 ? 135 SER A OG    1 
ATOM   1120 N N     . ARG A 1 136 ? -10.112 -12.639 4.012   1.00 31.26 ? 136 ARG A N     1 
ATOM   1121 C CA    . ARG A 1 136 ? -10.842 -11.382 4.183   1.00 27.37 ? 136 ARG A CA    1 
ATOM   1122 C C     . ARG A 1 136 ? -11.398 -10.875 2.848   1.00 27.04 ? 136 ARG A C     1 
ATOM   1123 O O     . ARG A 1 136 ? -12.546 -10.443 2.776   1.00 28.68 ? 136 ARG A O     1 
ATOM   1124 C CB    . ARG A 1 136 ? -9.983  -10.318 4.878   1.00 28.88 ? 136 ARG A CB    1 
ATOM   1125 C CG    . ARG A 1 136 ? -9.785  -10.561 6.368   1.00 26.26 ? 136 ARG A CG    1 
ATOM   1126 C CD    . ARG A 1 136 ? -9.055  -9.404  7.022   1.00 28.49 ? 136 ARG A CD    1 
ATOM   1127 N NE    . ARG A 1 136 ? -7.757  -9.141  6.394   1.00 26.97 ? 136 ARG A NE    1 
ATOM   1128 C CZ    . ARG A 1 136 ? -6.582  -9.488  6.911   1.00 25.70 ? 136 ARG A CZ    1 
ATOM   1129 N NH1   . ARG A 1 136 ? -6.515  -10.123 8.079   1.00 29.03 ? 136 ARG A NH1   1 
ATOM   1130 N NH2   . ARG A 1 136 ? -5.467  -9.192  6.262   1.00 20.75 ? 136 ARG A NH2   1 
ATOM   1131 N N     . LYS A 1 137 ? -10.605 -10.959 1.785   1.00 26.37 ? 137 LYS A N     1 
ATOM   1132 C CA    . LYS A 1 137 ? -11.094 -10.558 0.472   1.00 29.15 ? 137 LYS A CA    1 
ATOM   1133 C C     . LYS A 1 137 ? -12.385 -11.287 0.099   1.00 29.74 ? 137 LYS A C     1 
ATOM   1134 O O     . LYS A 1 137 ? -13.250 -10.721 -0.563  1.00 33.11 ? 137 LYS A O     1 
ATOM   1135 C CB    . LYS A 1 137 ? -10.044 -10.784 -0.620  1.00 30.35 ? 137 LYS A CB    1 
ATOM   1136 C CG    . LYS A 1 137 ? -10.573 -10.425 -2.001  1.00 29.38 ? 137 LYS A CG    1 
ATOM   1137 C CD    . LYS A 1 137 ? -9.470  -10.264 -3.044  1.00 35.41 ? 137 LYS A CD    1 
ATOM   1138 C CE    . LYS A 1 137 ? -10.074 -9.786  -4.374  1.00 32.61 ? 137 LYS A CE    1 
ATOM   1139 N NZ    . LYS A 1 137 ? -9.078  -9.683  -5.484  1.00 30.73 ? 137 LYS A NZ    1 
ATOM   1140 N N     . ARG A 1 138 ? -12.510 -12.540 0.518   1.00 29.16 ? 138 ARG A N     1 
ATOM   1141 C CA    . ARG A 1 138 ? -13.701 -13.322 0.205   1.00 30.69 ? 138 ARG A CA    1 
ATOM   1142 C C     . ARG A 1 138 ? -14.970 -12.676 0.760   1.00 36.11 ? 138 ARG A C     1 
ATOM   1143 O O     . ARG A 1 138 ? -16.061 -12.906 0.241   1.00 35.41 ? 138 ARG A O     1 
ATOM   1144 C CB    . ARG A 1 138 ? -13.570 -14.767 0.708   1.00 33.55 ? 138 ARG A CB    1 
ATOM   1145 C CG    . ARG A 1 138 ? -12.638 -15.642 -0.130  1.00 35.28 ? 138 ARG A CG    1 
ATOM   1146 C CD    . ARG A 1 138 ? -12.873 -17.150 0.094   1.00 41.34 ? 138 ARG A CD    1 
ATOM   1147 N NE    . ARG A 1 138 ? -12.361 -17.655 1.372   1.00 44.61 ? 138 ARG A NE    1 
ATOM   1148 C CZ    . ARG A 1 138 ? -11.094 -18.011 1.589   1.00 48.81 ? 138 ARG A CZ    1 
ATOM   1149 N NH1   . ARG A 1 138 ? -10.190 -17.898 0.620   1.00 47.68 ? 138 ARG A NH1   1 
ATOM   1150 N NH2   . ARG A 1 138 ? -10.719 -18.469 2.781   1.00 44.81 ? 138 ARG A NH2   1 
ATOM   1151 N N     . LEU A 1 139 ? -14.825 -11.863 1.805   1.00 36.91 ? 139 LEU A N     1 
ATOM   1152 C CA    . LEU A 1 139 ? -15.974 -11.238 2.456   1.00 29.95 ? 139 LEU A CA    1 
ATOM   1153 C C     . LEU A 1 139 ? -16.509 -10.057 1.652   1.00 34.03 ? 139 LEU A C     1 
ATOM   1154 O O     . LEU A 1 139 ? -17.668 -9.669  1.807   1.00 32.14 ? 139 LEU A O     1 
ATOM   1155 C CB    . LEU A 1 139 ? -15.610 -10.778 3.870   1.00 34.78 ? 139 LEU A CB    1 
ATOM   1156 C CG    . LEU A 1 139 ? -15.163 -11.832 4.887   1.00 33.86 ? 139 LEU A CG    1 
ATOM   1157 C CD1   . LEU A 1 139 ? -14.746 -11.160 6.175   1.00 36.15 ? 139 LEU A CD1   1 
ATOM   1158 C CD2   . LEU A 1 139 ? -16.275 -12.820 5.145   1.00 33.87 ? 139 LEU A CD2   1 
ATOM   1159 N N     . TYR A 1 140 ? -15.663 -9.502  0.786   1.00 31.13 ? 140 TYR A N     1 
ATOM   1160 C CA    . TYR A 1 140 ? -15.985 -8.278  0.061   1.00 33.05 ? 140 TYR A CA    1 
ATOM   1161 C C     . TYR A 1 140 ? -16.231 -8.504  -1.433  1.00 39.23 ? 140 TYR A C     1 
ATOM   1162 O O     . TYR A 1 140 ? -16.522 -7.559  -2.170  1.00 45.29 ? 140 TYR A O     1 
ATOM   1163 C CB    . TYR A 1 140 ? -14.897 -7.207  0.289   1.00 28.92 ? 140 TYR A CB    1 
ATOM   1164 C CG    . TYR A 1 140 ? -14.714 -6.886  1.756   1.00 29.21 ? 140 TYR A CG    1 
ATOM   1165 C CD1   . TYR A 1 140 ? -15.610 -6.061  2.429   1.00 27.11 ? 140 TYR A CD1   1 
ATOM   1166 C CD2   . TYR A 1 140 ? -13.687 -7.457  2.482   1.00 30.19 ? 140 TYR A CD2   1 
ATOM   1167 C CE1   . TYR A 1 140 ? -15.463 -5.798  3.777   1.00 26.78 ? 140 TYR A CE1   1 
ATOM   1168 C CE2   . TYR A 1 140 ? -13.538 -7.203  3.829   1.00 25.91 ? 140 TYR A CE2   1 
ATOM   1169 C CZ    . TYR A 1 140 ? -14.424 -6.377  4.475   1.00 29.56 ? 140 TYR A CZ    1 
ATOM   1170 O OH    . TYR A 1 140 ? -14.256 -6.122  5.823   1.00 31.35 ? 140 TYR A OH    1 
ATOM   1171 N N     . VAL A 1 141 ? -16.119 -9.750  -1.877  1.00 36.21 ? 141 VAL A N     1 
ATOM   1172 C CA    . VAL A 1 141 ? -16.455 -10.089 -3.255  1.00 43.32 ? 141 VAL A CA    1 
ATOM   1173 C C     . VAL A 1 141 ? -17.602 -11.093 -3.300  1.00 43.06 ? 141 VAL A C     1 
ATOM   1174 O O     . VAL A 1 141 ? -18.381 -11.197 -2.350  1.00 46.73 ? 141 VAL A O     1 
ATOM   1175 C CB    . VAL A 1 141 ? -15.245 -10.659 -4.020  1.00 46.25 ? 141 VAL A CB    1 
ATOM   1176 C CG1   . VAL A 1 141 ? -14.090 -9.662  -3.997  1.00 45.36 ? 141 VAL A CG1   1 
ATOM   1177 C CG2   . VAL A 1 141 ? -14.824 -11.996 -3.429  1.00 41.39 ? 141 VAL A CG2   1 
ATOM   1178 O "O5'" . DA  B 2 1   ? 10.989  21.181  -1.570  1.00 60.83 ? 1   DA  B "O5'" 1 
ATOM   1179 C "C5'" . DA  B 2 1   ? 11.800  21.235  -2.737  1.00 66.83 ? 1   DA  B "C5'" 1 
ATOM   1180 C "C4'" . DA  B 2 1   ? 13.228  21.638  -2.401  1.00 74.08 ? 1   DA  B "C4'" 1 
ATOM   1181 O "O4'" . DA  B 2 1   ? 13.338  22.161  -1.047  1.00 76.28 ? 1   DA  B "O4'" 1 
ATOM   1182 C "C3'" . DA  B 2 1   ? 14.278  20.532  -2.363  1.00 75.82 ? 1   DA  B "C3'" 1 
ATOM   1183 O "O3'" . DA  B 2 1   ? 14.547  19.929  -3.640  1.00 72.44 ? 1   DA  B "O3'" 1 
ATOM   1184 C "C2'" . DA  B 2 1   ? 15.433  21.370  -1.820  1.00 75.08 ? 1   DA  B "C2'" 1 
ATOM   1185 C "C1'" . DA  B 2 1   ? 14.706  22.055  -0.660  1.00 76.07 ? 1   DA  B "C1'" 1 
ATOM   1186 N N9    . DA  B 2 1   ? 14.864  21.287  0.577   1.00 75.73 ? 1   DA  B N9    1 
ATOM   1187 C C8    . DA  B 2 1   ? 13.951  20.493  1.220   1.00 71.96 ? 1   DA  B C8    1 
ATOM   1188 N N7    . DA  B 2 1   ? 14.420  19.918  2.309   1.00 67.06 ? 1   DA  B N7    1 
ATOM   1189 C C5    . DA  B 2 1   ? 15.733  20.363  2.385   1.00 70.59 ? 1   DA  B C5    1 
ATOM   1190 C C6    . DA  B 2 1   ? 16.781  20.126  3.307   1.00 69.89 ? 1   DA  B C6    1 
ATOM   1191 N N6    . DA  B 2 1   ? 16.659  19.348  4.383   1.00 58.83 ? 1   DA  B N6    1 
ATOM   1192 N N1    . DA  B 2 1   ? 17.971  20.727  3.083   1.00 70.22 ? 1   DA  B N1    1 
ATOM   1193 C C2    . DA  B 2 1   ? 18.099  21.513  2.005   1.00 76.67 ? 1   DA  B C2    1 
ATOM   1194 N N3    . DA  B 2 1   ? 17.195  21.813  1.072   1.00 75.27 ? 1   DA  B N3    1 
ATOM   1195 C C4    . DA  B 2 1   ? 16.023  21.202  1.323   1.00 75.79 ? 1   DA  B C4    1 
ATOM   1196 P P     . DC  B 2 2   ? 13.889  18.507  -4.016  1.00 79.59 ? 2   DC  B P     1 
ATOM   1197 O OP1   . DC  B 2 2   ? 13.983  18.333  -5.484  1.00 77.17 ? 2   DC  B OP1   1 
ATOM   1198 O OP2   . DC  B 2 2   ? 12.556  18.447  -3.381  1.00 66.29 ? 2   DC  B OP2   1 
ATOM   1199 O "O5'" . DC  B 2 2   ? 14.863  17.432  -3.310  1.00 70.73 ? 2   DC  B "O5'" 1 
ATOM   1200 C "C5'" . DC  B 2 2   ? 14.988  17.295  -1.878  1.00 66.83 ? 2   DC  B "C5'" 1 
ATOM   1201 C "C4'" . DC  B 2 2   ? 13.682  16.824  -1.248  1.00 57.84 ? 2   DC  B "C4'" 1 
ATOM   1202 O "O4'" . DC  B 2 2   ? 13.828  15.531  -0.623  1.00 45.16 ? 2   DC  B "O4'" 1 
ATOM   1203 C "C3'" . DC  B 2 2   ? 13.060  17.733  -0.186  1.00 59.64 ? 2   DC  B "C3'" 1 
ATOM   1204 O "O3'" . DC  B 2 2   ? 11.860  18.236  -0.779  1.00 63.73 ? 2   DC  B "O3'" 1 
ATOM   1205 C "C2'" . DC  B 2 2   ? 12.864  16.824  1.026   1.00 55.81 ? 2   DC  B "C2'" 1 
ATOM   1206 C "C1'" . DC  B 2 2   ? 12.849  15.447  0.380   1.00 43.71 ? 2   DC  B "C1'" 1 
ATOM   1207 N N1    . DC  B 2 2   ? 13.214  14.346  1.296   1.00 43.75 ? 2   DC  B N1    1 
ATOM   1208 C C2    . DC  B 2 2   ? 14.197  13.418  0.921   1.00 42.55 ? 2   DC  B C2    1 
ATOM   1209 O O2    . DC  B 2 2   ? 14.771  13.507  -0.174  1.00 48.16 ? 2   DC  B O2    1 
ATOM   1210 N N3    . DC  B 2 2   ? 14.505  12.419  1.776   1.00 41.75 ? 2   DC  B N3    1 
ATOM   1211 C C4    . DC  B 2 2   ? 13.884  12.322  2.949   1.00 40.06 ? 2   DC  B C4    1 
ATOM   1212 N N4    . DC  B 2 2   ? 14.252  11.306  3.745   1.00 44.30 ? 2   DC  B N4    1 
ATOM   1213 C C5    . DC  B 2 2   ? 12.883  13.255  3.352   1.00 41.23 ? 2   DC  B C5    1 
ATOM   1214 C C6    . DC  B 2 2   ? 12.579  14.244  2.500   1.00 41.24 ? 2   DC  B C6    1 
ATOM   1215 P P     . DG  B 2 3   ? 10.476  18.296  0.046   1.00 73.88 ? 3   DG  B P     1 
ATOM   1216 O OP1   . DG  B 2 3   ? 10.419  19.603  0.746   1.00 67.91 ? 3   DG  B OP1   1 
ATOM   1217 O OP2   . DG  B 2 3   ? 10.333  17.033  0.818   1.00 56.56 ? 3   DG  B OP2   1 
ATOM   1218 O "O5'" . DG  B 2 3   ? 9.364   18.304  -1.118  1.00 60.23 ? 3   DG  B "O5'" 1 
ATOM   1219 C "C5'" . DG  B 2 3   ? 9.600   19.077  -2.306  1.00 55.91 ? 3   DG  B "C5'" 1 
ATOM   1220 C "C4'" . DG  B 2 3   ? 9.643   18.263  -3.590  1.00 51.69 ? 3   DG  B "C4'" 1 
ATOM   1221 O "O4'" . DG  B 2 3   ? 10.524  17.109  -3.463  1.00 45.70 ? 3   DG  B "O4'" 1 
ATOM   1222 C "C3'" . DG  B 2 3   ? 8.293   17.701  -3.993  1.00 46.45 ? 3   DG  B "C3'" 1 
ATOM   1223 O "O3'" . DG  B 2 3   ? 8.218   17.615  -5.409  1.00 48.21 ? 3   DG  B "O3'" 1 
ATOM   1224 C "C2'" . DG  B 2 3   ? 8.333   16.326  -3.337  1.00 37.99 ? 3   DG  B "C2'" 1 
ATOM   1225 C "C1'" . DG  B 2 3   ? 9.768   15.938  -3.664  1.00 35.53 ? 3   DG  B "C1'" 1 
ATOM   1226 N N9    . DG  B 2 3   ? 10.240  14.854  -2.817  1.00 33.71 ? 3   DG  B N9    1 
ATOM   1227 C C8    . DG  B 2 3   ? 9.791   14.542  -1.563  1.00 29.97 ? 3   DG  B C8    1 
ATOM   1228 N N7    . DG  B 2 3   ? 10.399  13.504  -1.055  1.00 29.89 ? 3   DG  B N7    1 
ATOM   1229 C C5    . DG  B 2 3   ? 11.296  13.102  -2.030  1.00 24.68 ? 3   DG  B C5    1 
ATOM   1230 C C6    . DG  B 2 3   ? 12.223  12.031  -2.038  1.00 22.95 ? 3   DG  B C6    1 
ATOM   1231 O O6    . DG  B 2 3   ? 12.437  11.191  -1.147  1.00 23.83 ? 3   DG  B O6    1 
ATOM   1232 N N1    . DG  B 2 3   ? 12.946  11.993  -3.224  1.00 22.52 ? 3   DG  B N1    1 
ATOM   1233 C C2    . DG  B 2 3   ? 12.783  12.876  -4.272  1.00 25.15 ? 3   DG  B C2    1 
ATOM   1234 N N2    . DG  B 2 3   ? 13.548  12.700  -5.358  1.00 19.48 ? 3   DG  B N2    1 
ATOM   1235 N N3    . DG  B 2 3   ? 11.920  13.878  -4.263  1.00 25.33 ? 3   DG  B N3    1 
ATOM   1236 C C4    . DG  B 2 3   ? 11.212  13.928  -3.119  1.00 27.63 ? 3   DG  B C4    1 
ATOM   1237 P P     . DG  B 2 4   ? 6.856   18.000  -6.170  1.00 52.63 ? 4   DG  B P     1 
ATOM   1238 O OP1   . DG  B 2 4   ? 7.219   18.604  -7.472  1.00 55.35 ? 4   DG  B OP1   1 
ATOM   1239 O OP2   . DG  B 2 4   ? 6.003   18.757  -5.221  1.00 43.98 ? 4   DG  B OP2   1 
ATOM   1240 O "O5'" . DG  B 2 4   ? 6.174   16.575  -6.455  1.00 51.11 ? 4   DG  B "O5'" 1 
ATOM   1241 C "C5'" . DG  B 2 4   ? 5.197   16.440  -7.488  1.00 48.79 ? 4   DG  B "C5'" 1 
ATOM   1242 C "C4'" . DG  B 2 4   ? 3.817   16.230  -6.901  1.00 51.07 ? 4   DG  B "C4'" 1 
ATOM   1243 O "O4'" . DG  B 2 4   ? 3.912   15.074  -6.029  1.00 47.90 ? 4   DG  B "O4'" 1 
ATOM   1244 C "C3'" . DG  B 2 4   ? 3.293   17.349  -5.995  1.00 53.75 ? 4   DG  B "C3'" 1 
ATOM   1245 O "O3'" . DG  B 2 4   ? 2.592   18.397  -6.681  1.00 61.14 ? 4   DG  B "O3'" 1 
ATOM   1246 C "C2'" . DG  B 2 4   ? 2.312   16.589  -5.120  1.00 46.34 ? 4   DG  B "C2'" 1 
ATOM   1247 C "C1'" . DG  B 2 4   ? 2.987   15.235  -4.965  1.00 45.15 ? 4   DG  B "C1'" 1 
ATOM   1248 N N9    . DG  B 2 4   ? 3.595   15.026  -3.647  1.00 35.80 ? 4   DG  B N9    1 
ATOM   1249 C C8    . DG  B 2 4   ? 4.827   15.382  -3.171  1.00 32.95 ? 4   DG  B C8    1 
ATOM   1250 N N7    . DG  B 2 4   ? 5.017   15.009  -1.933  1.00 35.99 ? 4   DG  B N7    1 
ATOM   1251 C C5    . DG  B 2 4   ? 3.841   14.363  -1.568  1.00 35.55 ? 4   DG  B C5    1 
ATOM   1252 C C6    . DG  B 2 4   ? 3.445   13.744  -0.359  1.00 30.30 ? 4   DG  B C6    1 
ATOM   1253 O O6    . DG  B 2 4   ? 4.065   13.618  0.700   1.00 29.22 ? 4   DG  B O6    1 
ATOM   1254 N N1    . DG  B 2 4   ? 2.159   13.221  -0.443  1.00 35.60 ? 4   DG  B N1    1 
ATOM   1255 C C2    . DG  B 2 4   ? 1.350   13.281  -1.553  1.00 40.05 ? 4   DG  B C2    1 
ATOM   1256 N N2    . DG  B 2 4   ? 0.133   12.726  -1.442  1.00 36.51 ? 4   DG  B N2    1 
ATOM   1257 N N3    . DG  B 2 4   ? 1.711   13.854  -2.694  1.00 32.82 ? 4   DG  B N3    1 
ATOM   1258 C C4    . DG  B 2 4   ? 2.961   14.370  -2.620  1.00 36.63 ? 4   DG  B C4    1 
ATOM   1259 P P     . DT  B 2 5   ? 2.032   19.675  -5.864  1.00 75.22 ? 5   DT  B P     1 
ATOM   1260 O OP1   . DT  B 2 5   ? 1.325   20.557  -6.824  1.00 71.71 ? 5   DT  B OP1   1 
ATOM   1261 O OP2   . DT  B 2 5   ? 3.135   20.199  -5.019  1.00 56.33 ? 5   DT  B OP2   1 
ATOM   1262 O "O5'" . DT  B 2 5   ? 0.924   19.051  -4.888  1.00 55.44 ? 5   DT  B "O5'" 1 
ATOM   1263 C "C5'" . DT  B 2 5   ? -0.455  19.321  -5.095  1.00 55.57 ? 5   DT  B "C5'" 1 
ATOM   1264 C "C4'" . DT  B 2 5   ? -1.269  18.116  -5.547  1.00 48.10 ? 5   DT  B "C4'" 1 
ATOM   1265 O "O4'" . DT  B 2 5   ? -0.785  16.877  -4.968  1.00 51.33 ? 5   DT  B "O4'" 1 
ATOM   1266 C "C3'" . DT  B 2 5   ? -2.709  18.228  -5.086  1.00 42.61 ? 5   DT  B "C3'" 1 
ATOM   1267 O "O3'" . DT  B 2 5   ? -3.618  17.621  -6.003  1.00 43.30 ? 5   DT  B "O3'" 1 
ATOM   1268 C "C2'" . DT  B 2 5   ? -2.674  17.542  -3.718  1.00 44.94 ? 5   DT  B "C2'" 1 
ATOM   1269 C "C1'" . DT  B 2 5   ? -1.464  16.612  -3.745  1.00 42.61 ? 5   DT  B "C1'" 1 
ATOM   1270 N N1    . DT  B 2 5   ? -0.519  16.675  -2.525  1.00 42.83 ? 5   DT  B N1    1 
ATOM   1271 C C2    . DT  B 2 5   ? -0.829  15.976  -1.374  1.00 43.98 ? 5   DT  B C2    1 
ATOM   1272 O O2    . DT  B 2 5   ? -1.843  15.307  -1.261  1.00 49.01 ? 5   DT  B O2    1 
ATOM   1273 N N3    . DT  B 2 5   ? 0.082   16.088  -0.342  1.00 40.86 ? 5   DT  B N3    1 
ATOM   1274 C C4    . DT  B 2 5   ? 1.268   16.807  -0.344  1.00 46.32 ? 5   DT  B C4    1 
ATOM   1275 O O4    . DT  B 2 5   ? 2.045   16.860  0.617   1.00 47.70 ? 5   DT  B O4    1 
ATOM   1276 C C5    . DT  B 2 5   ? 1.543   17.503  -1.568  1.00 39.91 ? 5   DT  B C5    1 
ATOM   1277 C C7    . DT  B 2 5   ? 2.800   18.313  -1.672  1.00 43.79 ? 5   DT  B C7    1 
ATOM   1278 C C6    . DT  B 2 5   ? 0.659   17.404  -2.574  1.00 45.14 ? 5   DT  B C6    1 
ATOM   1279 P P     . DT  B 2 6   ? -5.040  18.315  -6.311  1.00 36.00 ? 6   DT  B P     1 
ATOM   1280 O OP1   . DT  B 2 6   ? -4.965  18.939  -7.647  1.00 38.11 ? 6   DT  B OP1   1 
ATOM   1281 O OP2   . DT  B 2 6   ? -5.400  19.162  -5.156  1.00 34.25 ? 6   DT  B OP2   1 
ATOM   1282 O "O5'" . DT  B 2 6   ? -6.056  17.085  -6.345  1.00 35.26 ? 6   DT  B "O5'" 1 
ATOM   1283 C "C5'" . DT  B 2 6   ? -5.731  15.879  -7.004  1.00 37.01 ? 6   DT  B "C5'" 1 
ATOM   1284 C "C4'" . DT  B 2 6   ? -6.291  14.696  -6.232  1.00 33.66 ? 6   DT  B "C4'" 1 
ATOM   1285 O "O4'" . DT  B 2 6   ? -5.534  14.470  -5.013  1.00 35.21 ? 6   DT  B "O4'" 1 
ATOM   1286 C "C3'" . DT  B 2 6   ? -7.752  14.820  -5.814  1.00 30.83 ? 6   DT  B "C3'" 1 
ATOM   1287 O "O3'" . DT  B 2 6   ? -8.343  13.582  -6.129  1.00 41.01 ? 6   DT  B "O3'" 1 
ATOM   1288 C "C2'" . DT  B 2 6   ? -7.705  15.016  -4.301  1.00 32.35 ? 6   DT  B "C2'" 1 
ATOM   1289 C "C1'" . DT  B 2 6   ? -6.421  14.274  -3.934  1.00 34.39 ? 6   DT  B "C1'" 1 
ATOM   1290 N N1    . DT  B 2 6   ? -5.763  14.779  -2.703  1.00 36.32 ? 6   DT  B N1    1 
ATOM   1291 C C2    . DT  B 2 6   ? -5.435  13.879  -1.711  1.00 36.44 ? 6   DT  B C2    1 
ATOM   1292 O O2    . DT  B 2 6   ? -5.649  12.688  -1.784  1.00 35.23 ? 6   DT  B O2    1 
ATOM   1293 N N3    . DT  B 2 6   ? -4.835  14.424  -0.612  1.00 34.57 ? 6   DT  B N3    1 
ATOM   1294 C C4    . DT  B 2 6   ? -4.528  15.753  -0.415  1.00 33.56 ? 6   DT  B C4    1 
ATOM   1295 O O4    . DT  B 2 6   ? -3.980  16.140  0.606   1.00 34.56 ? 6   DT  B O4    1 
ATOM   1296 C C5    . DT  B 2 6   ? -4.896  16.649  -1.482  1.00 40.36 ? 6   DT  B C5    1 
ATOM   1297 C C7    . DT  B 2 6   ? -4.606  18.120  -1.342  1.00 39.07 ? 6   DT  B C7    1 
ATOM   1298 C C6    . DT  B 2 6   ? -5.489  16.128  -2.567  1.00 37.01 ? 6   DT  B C6    1 
ATOM   1299 P P     . DA  B 2 7   ? -9.931  13.463  -6.358  1.00 40.25 ? 7   DA  B P     1 
ATOM   1300 O OP1   . DA  B 2 7   ? -10.252 14.047  -7.683  1.00 39.18 ? 7   DA  B OP1   1 
ATOM   1301 O OP2   . DA  B 2 7   ? -10.606 13.919  -5.129  1.00 34.88 ? 7   DA  B OP2   1 
ATOM   1302 O "O5'" . DA  B 2 7   ? -10.160 11.892  -6.459  1.00 34.09 ? 7   DA  B "O5'" 1 
ATOM   1303 C "C5'" . DA  B 2 7   ? -9.292  11.082  -7.226  1.00 36.06 ? 7   DA  B "C5'" 1 
ATOM   1304 C "C4'" . DA  B 2 7   ? -9.638  9.689   -6.785  1.00 34.27 ? 7   DA  B "C4'" 1 
ATOM   1305 O "O4'" . DA  B 2 7   ? -8.754  9.286   -5.715  1.00 28.47 ? 7   DA  B "O4'" 1 
ATOM   1306 C "C3'" . DA  B 2 7   ? -11.039 9.769   -6.207  1.00 32.12 ? 7   DA  B "C3'" 1 
ATOM   1307 O "O3'" . DA  B 2 7   ? -12.029 9.394   -7.205  1.00 49.88 ? 7   DA  B "O3'" 1 
ATOM   1308 C "C2'" . DA  B 2 7   ? -11.003 9.001   -4.888  1.00 32.38 ? 7   DA  B "C2'" 1 
ATOM   1309 C "C1'" . DA  B 2 7   ? -9.505  8.890   -4.576  1.00 30.76 ? 7   DA  B "C1'" 1 
ATOM   1310 N N9    . DA  B 2 7   ? -8.999  9.714   -3.492  1.00 30.76 ? 7   DA  B N9    1 
ATOM   1311 C C8    . DA  B 2 7   ? -9.286  11.023  -3.227  1.00 29.42 ? 7   DA  B C8    1 
ATOM   1312 N N7    . DA  B 2 7   ? -8.638  11.500  -2.194  1.00 29.23 ? 7   DA  B N7    1 
ATOM   1313 C C5    . DA  B 2 7   ? -7.869  10.431  -1.760  1.00 27.56 ? 7   DA  B C5    1 
ATOM   1314 C C6    . DA  B 2 7   ? -6.972  10.282  -0.691  1.00 27.28 ? 7   DA  B C6    1 
ATOM   1315 N N6    . DA  B 2 7   ? -6.681  11.280  0.158   1.00 35.76 ? 7   DA  B N6    1 
ATOM   1316 N N1    . DA  B 2 7   ? -6.378  9.075   -0.535  1.00 30.27 ? 7   DA  B N1    1 
ATOM   1317 C C2    . DA  B 2 7   ? -6.680  8.081   -1.385  1.00 28.25 ? 7   DA  B C2    1 
ATOM   1318 N N3    . DA  B 2 7   ? -7.517  8.106   -2.425  1.00 27.80 ? 7   DA  B N3    1 
ATOM   1319 C C4    . DA  B 2 7   ? -8.084  9.318   -2.549  1.00 24.87 ? 7   DA  B C4    1 
ATOM   1320 P P     . DC  B 2 8   ? -12.296 7.852   -7.565  1.00 32.42 ? 8   DC  B P     1 
ATOM   1321 O OP1   . DC  B 2 8   ? -13.674 7.532   -7.150  1.00 28.60 ? 8   DC  B OP1   1 
ATOM   1322 O OP2   . DC  B 2 8   ? -11.183 7.069   -7.005  1.00 36.27 ? 8   DC  B OP2   1 
ATOM   1323 O "O5'" . DC  B 2 8   ? -12.257 7.839   -9.162  1.00 32.84 ? 8   DC  B "O5'" 1 
ATOM   1324 C "C5'" . DC  B 2 8   ? -11.059 8.056   -9.901  1.00 33.61 ? 8   DC  B "C5'" 1 
ATOM   1325 C "C4'" . DC  B 2 8   ? -11.181 9.229   -10.856 1.00 34.64 ? 8   DC  B "C4'" 1 
ATOM   1326 O "O4'" . DC  B 2 8   ? -10.255 10.261  -10.436 1.00 35.40 ? 8   DC  B "O4'" 1 
ATOM   1327 C "C3'" . DC  B 2 8   ? -10.784 8.943   -12.296 1.00 31.91 ? 8   DC  B "C3'" 1 
ATOM   1328 O "O3'" . DC  B 2 8   ? -11.354 9.938   -13.176 1.00 30.61 ? 8   DC  B "O3'" 1 
ATOM   1329 C "C2'" . DC  B 2 8   ? -9.263  9.050   -12.177 1.00 27.70 ? 8   DC  B "C2'" 1 
ATOM   1330 C "C1'" . DC  B 2 8   ? -9.127  10.283  -11.290 1.00 30.94 ? 8   DC  B "C1'" 1 
ATOM   1331 N N1    . DC  B 2 8   ? -7.946  10.371  -10.376 1.00 26.26 ? 8   DC  B N1    1 
ATOM   1332 C C2    . DC  B 2 8   ? -7.327  11.613  -10.211 1.00 33.56 ? 8   DC  B C2    1 
ATOM   1333 O O2    . DC  B 2 8   ? -7.762  12.586  -10.844 1.00 37.87 ? 8   DC  B O2    1 
ATOM   1334 N N3    . DC  B 2 8   ? -6.263  11.722  -9.375  1.00 30.31 ? 8   DC  B N3    1 
ATOM   1335 C C4    . DC  B 2 8   ? -5.819  10.661  -8.699  1.00 27.19 ? 8   DC  B C4    1 
ATOM   1336 N N4    . DC  B 2 8   ? -4.764  10.842  -7.879  1.00 24.34 ? 8   DC  B N4    1 
ATOM   1337 C C5    . DC  B 2 8   ? -6.446  9.385   -8.843  1.00 29.43 ? 8   DC  B C5    1 
ATOM   1338 C C6    . DC  B 2 8   ? -7.496  9.285   -9.684  1.00 28.41 ? 8   DC  B C6    1 
ATOM   1339 P P     . DG  B 2 9   ? -11.516 9.632   -14.748 1.00 31.94 ? 9   DG  B P     1 
ATOM   1340 O OP1   . DG  B 2 9   ? -12.356 10.695  -15.337 1.00 38.82 ? 9   DG  B OP1   1 
ATOM   1341 O OP2   . DG  B 2 9   ? -11.900 8.220   -14.906 1.00 33.87 ? 9   DG  B OP2   1 
ATOM   1342 O "O5'" . DG  B 2 9   ? -10.012 9.761   -15.311 1.00 32.23 ? 9   DG  B "O5'" 1 
ATOM   1343 C "C5'" . DG  B 2 9   ? -9.477  11.043  -15.612 1.00 29.24 ? 9   DG  B "C5'" 1 
ATOM   1344 C "C4'" . DG  B 2 9   ? -7.979  10.955  -15.854 1.00 27.50 ? 9   DG  B "C4'" 1 
ATOM   1345 O "O4'" . DG  B 2 9   ? -7.288  10.736  -14.601 1.00 21.24 ? 9   DG  B "O4'" 1 
ATOM   1346 C "C3'" . DG  B 2 9   ? -7.536  9.851   -16.810 1.00 25.68 ? 9   DG  B "C3'" 1 
ATOM   1347 O "O3'" . DG  B 2 9   ? -6.781  10.437  -17.885 1.00 26.26 ? 9   DG  B "O3'" 1 
ATOM   1348 C "C2'" . DG  B 2 9   ? -6.698  8.929   -15.927 1.00 24.91 ? 9   DG  B "C2'" 1 
ATOM   1349 C "C1'" . DG  B 2 9   ? -6.191  9.900   -14.867 1.00 23.87 ? 9   DG  B "C1'" 1 
ATOM   1350 N N9    . DG  B 2 9   ? -5.705  9.268   -13.640 1.00 22.28 ? 9   DG  B N9    1 
ATOM   1351 C C8    . DG  B 2 9   ? -6.055  8.030   -13.152 1.00 25.08 ? 9   DG  B C8    1 
ATOM   1352 N N7    . DG  B 2 9   ? -5.449  7.711   -12.047 1.00 21.09 ? 9   DG  B N7    1 
ATOM   1353 C C5    . DG  B 2 9   ? -4.650  8.809   -11.776 1.00 21.23 ? 9   DG  B C5    1 
ATOM   1354 C C6    . DG  B 2 9   ? -3.763  9.044   -10.699 1.00 22.27 ? 9   DG  B C6    1 
ATOM   1355 O O6    . DG  B 2 9   ? -3.518  8.288   -9.764  1.00 15.76 ? 9   DG  B O6    1 
ATOM   1356 N N1    . DG  B 2 9   ? -3.124  10.291  -10.790 1.00 24.68 ? 9   DG  B N1    1 
ATOM   1357 C C2    . DG  B 2 9   ? -3.334  11.191  -11.810 1.00 19.88 ? 9   DG  B C2    1 
ATOM   1358 N N2    . DG  B 2 9   ? -2.643  12.340  -11.747 1.00 19.48 ? 9   DG  B N2    1 
ATOM   1359 N N3    . DG  B 2 9   ? -4.166  10.975  -12.820 1.00 16.66 ? 9   DG  B N3    1 
ATOM   1360 C C4    . DG  B 2 9   ? -4.783  9.773   -12.749 1.00 21.40 ? 9   DG  B C4    1 
ATOM   1361 P P     . DG  B 2 10  ? -6.655  9.678   -19.298 1.00 31.19 ? 10  DG  B P     1 
ATOM   1362 O OP1   . DG  B 2 10  ? -5.887  10.547  -20.224 1.00 27.19 ? 10  DG  B OP1   1 
ATOM   1363 O OP2   . DG  B 2 10  ? -7.989  9.154   -19.653 1.00 30.99 ? 10  DG  B OP2   1 
ATOM   1364 O "O5'" . DG  B 2 10  ? -5.670  8.467   -18.981 1.00 31.37 ? 10  DG  B "O5'" 1 
ATOM   1365 C "C5'" . DG  B 2 10  ? -6.005  7.159   -19.322 1.00 30.16 ? 10  DG  B "C5'" 1 
ATOM   1366 C "C4'" . DG  B 2 10  ? -4.851  6.286   -18.866 1.00 33.01 ? 10  DG  B "C4'" 1 
ATOM   1367 O "O4'" . DG  B 2 10  ? -4.848  6.177   -17.412 1.00 28.12 ? 10  DG  B "O4'" 1 
ATOM   1368 C "C3'" . DG  B 2 10  ? -4.951  4.859   -19.369 1.00 28.97 ? 10  DG  B "C3'" 1 
ATOM   1369 O "O3'" . DG  B 2 10  ? -3.652  4.299   -19.351 1.00 31.29 ? 10  DG  B "O3'" 1 
ATOM   1370 C "C2'" . DG  B 2 10  ? -5.890  4.263   -18.326 1.00 30.49 ? 10  DG  B "C2'" 1 
ATOM   1371 C "C1'" . DG  B 2 10  ? -5.327  4.885   -17.050 1.00 28.43 ? 10  DG  B "C1'" 1 
ATOM   1372 N N9    . DG  B 2 10  ? -6.247  4.993   -15.915 1.00 26.09 ? 10  DG  B N9    1 
ATOM   1373 C C8    . DG  B 2 10  ? -5.946  4.597   -14.641 1.00 23.75 ? 10  DG  B C8    1 
ATOM   1374 N N7    . DG  B 2 10  ? -6.908  4.788   -13.787 1.00 22.94 ? 10  DG  B N7    1 
ATOM   1375 C C5    . DG  B 2 10  ? -7.931  5.350   -14.534 1.00 25.79 ? 10  DG  B C5    1 
ATOM   1376 C C6    . DG  B 2 10  ? -9.232  5.775   -14.133 1.00 27.50 ? 10  DG  B C6    1 
ATOM   1377 O O6    . DG  B 2 10  ? -9.743  5.745   -13.008 1.00 28.26 ? 10  DG  B O6    1 
ATOM   1378 N N1    . DG  B 2 10  ? -9.967  6.303   -15.190 1.00 29.63 ? 10  DG  B N1    1 
ATOM   1379 C C2    . DG  B 2 10  ? -9.496  6.391   -16.479 1.00 30.45 ? 10  DG  B C2    1 
ATOM   1380 N N2    . DG  B 2 10  ? -10.346 6.918   -17.373 1.00 37.49 ? 10  DG  B N2    1 
ATOM   1381 N N3    . DG  B 2 10  ? -8.289  5.994   -16.869 1.00 30.17 ? 10  DG  B N3    1 
ATOM   1382 C C4    . DG  B 2 10  ? -7.545  5.483   -15.852 1.00 29.12 ? 10  DG  B C4    1 
ATOM   1383 P P     . DT  B 2 11  ? -2.801  4.187   -20.707 1.00 31.94 ? 11  DT  B P     1 
ATOM   1384 O OP1   . DT  B 2 11  ? -3.723  4.413   -21.841 1.00 32.10 ? 11  DT  B OP1   1 
ATOM   1385 O OP2   . DT  B 2 11  ? -1.961  2.970   -20.621 1.00 39.61 ? 11  DT  B OP2   1 
ATOM   1386 O "O5'" . DT  B 2 11  ? -1.756  5.397   -20.611 1.00 31.90 ? 11  DT  B "O5'" 1 
ATOM   1387 C "C5'" . DT  B 2 11  ? -1.932  6.606   -21.336 1.00 29.91 ? 11  DT  B "C5'" 1 
ATOM   1388 C "C4'" . DT  B 2 11  ? -0.933  7.652   -20.876 1.00 26.92 ? 11  DT  B "C4'" 1 
ATOM   1389 O "O4'" . DT  B 2 11  ? -1.261  8.061   -19.525 1.00 26.65 ? 11  DT  B "O4'" 1 
ATOM   1390 C "C3'" . DT  B 2 11  ? 0.502   7.158   -20.758 1.00 30.92 ? 11  DT  B "C3'" 1 
ATOM   1391 O "O3'" . DT  B 2 11  ? 1.177   7.260   -22.002 1.00 34.49 ? 11  DT  B "O3'" 1 
ATOM   1392 C "C2'" . DT  B 2 11  ? 1.095   8.133   -19.747 1.00 23.32 ? 11  DT  B "C2'" 1 
ATOM   1393 C "C1'" . DT  B 2 11  ? -0.083  8.342   -18.805 1.00 23.77 ? 11  DT  B "C1'" 1 
ATOM   1394 N N1    . DT  B 2 11  ? -0.002  7.465   -17.606 1.00 24.35 ? 11  DT  B N1    1 
ATOM   1395 C C2    . DT  B 2 11  ? 0.714   7.926   -16.541 1.00 19.37 ? 11  DT  B C2    1 
ATOM   1396 O O2    . DT  B 2 11  ? 1.266   9.008   -16.539 1.00 22.42 ? 11  DT  B O2    1 
ATOM   1397 N N3    . DT  B 2 11  ? 0.765   7.074   -15.471 1.00 20.83 ? 11  DT  B N3    1 
ATOM   1398 C C4    . DT  B 2 11  ? 0.173   5.835   -15.361 1.00 20.88 ? 11  DT  B C4    1 
ATOM   1399 O O4    . DT  B 2 11  ? 0.288   5.153   -14.344 1.00 19.52 ? 11  DT  B O4    1 
ATOM   1400 C C5    . DT  B 2 11  ? -0.564  5.408   -16.527 1.00 24.32 ? 11  DT  B C5    1 
ATOM   1401 C C7    . DT  B 2 11  ? -1.254  4.076   -16.548 1.00 22.93 ? 11  DT  B C7    1 
ATOM   1402 C C6    . DT  B 2 11  ? -0.613  6.232   -17.584 1.00 23.55 ? 11  DT  B C6    1 
HETATM 1403 O O     . HOH C 3 .   ? 2.844   8.694   -9.179  1.00 16.89 ? 201 HOH A O     1 
HETATM 1404 O O     . HOH C 3 .   ? -15.593 -3.336  -0.959  1.00 18.16 ? 202 HOH A O     1 
HETATM 1405 O O     . HOH C 3 .   ? -6.784  6.126   1.497   1.00 16.54 ? 203 HOH A O     1 
HETATM 1406 O O     . HOH C 3 .   ? -9.531  3.534   0.563   1.00 14.55 ? 204 HOH A O     1 
HETATM 1407 O O     . HOH C 3 .   ? 0.360   2.424   -13.807 1.00 16.98 ? 205 HOH A O     1 
HETATM 1408 O O     . HOH C 3 .   ? -2.494  -9.856  6.572   1.00 21.18 ? 206 HOH A O     1 
HETATM 1409 O O     . HOH C 3 .   ? -1.678  -7.401  6.021   1.00 15.83 ? 207 HOH A O     1 
HETATM 1410 O O     . HOH C 3 .   ? -10.486 0.981   -0.378  1.00 16.97 ? 208 HOH A O     1 
HETATM 1411 O O     . HOH C 3 .   ? -16.588 4.335   11.545  1.00 25.37 ? 209 HOH A O     1 
HETATM 1412 O O     . HOH C 3 .   ? -15.011 7.481   10.515  1.00 29.72 ? 210 HOH A O     1 
HETATM 1413 O O     . HOH C 3 .   ? 10.400  7.075   3.751   1.00 19.63 ? 211 HOH A O     1 
HETATM 1414 O O     . HOH C 3 .   ? -9.903  -14.284 -1.957  1.00 31.93 ? 212 HOH A O     1 
HETATM 1415 O O     . HOH C 3 .   ? 11.454  9.349   -7.992  1.00 20.00 ? 213 HOH A O     1 
HETATM 1416 O O     . HOH C 3 .   ? -11.499 -4.579  8.988   1.00 23.52 ? 214 HOH A O     1 
HETATM 1417 O O     . HOH C 3 .   ? -0.458  -8.775  -11.148 1.00 26.36 ? 215 HOH A O     1 
HETATM 1418 O O     . HOH C 3 .   ? 4.518   -1.600  -13.008 1.00 25.16 ? 216 HOH A O     1 
HETATM 1419 O O     . HOH C 3 .   ? -3.893  3.571   -12.499 1.00 22.57 ? 217 HOH A O     1 
HETATM 1420 O O     . HOH C 3 .   ? -14.479 4.283   -7.708  1.00 18.26 ? 218 HOH A O     1 
HETATM 1421 O O     . HOH C 3 .   ? -6.513  -2.429  3.918   1.00 18.14 ? 219 HOH A O     1 
HETATM 1422 O O     . HOH C 3 .   ? 10.306  -8.891  -5.447  1.00 23.88 ? 220 HOH A O     1 
HETATM 1423 O O     . HOH C 3 .   ? -2.296  -12.271 5.028   1.00 31.75 ? 221 HOH A O     1 
HETATM 1424 O O     . HOH C 3 .   ? 10.058  8.932   -11.851 1.00 18.48 ? 222 HOH A O     1 
HETATM 1425 O O     . HOH C 3 .   ? 2.452   -11.372 -6.321  1.00 28.02 ? 223 HOH A O     1 
HETATM 1426 O O     . HOH C 3 .   ? -2.319  1.184   -13.894 1.00 20.52 ? 224 HOH A O     1 
HETATM 1427 O O     . HOH C 3 .   ? 0.642   11.708  14.563  1.00 21.43 ? 225 HOH A O     1 
HETATM 1428 O O     . HOH C 3 .   ? -1.817  -1.630  -14.959 1.00 32.35 ? 226 HOH A O     1 
HETATM 1429 O O     . HOH C 3 .   ? 10.893  -1.868  -12.765 1.00 17.35 ? 227 HOH A O     1 
HETATM 1430 O O     . HOH C 3 .   ? 7.921   4.198   14.693  1.00 28.43 ? 228 HOH A O     1 
HETATM 1431 O O     . HOH C 3 .   ? -4.184  7.078   1.562   1.00 19.31 ? 229 HOH A O     1 
HETATM 1432 O O     . HOH C 3 .   ? -12.128 -6.638  7.179   1.00 27.93 ? 230 HOH A O     1 
HETATM 1433 O O     . HOH C 3 .   ? 12.405  7.967   5.813   1.00 38.70 ? 231 HOH A O     1 
HETATM 1434 O O     . HOH C 3 .   ? 12.339  0.426   -14.103 1.00 18.13 ? 232 HOH A O     1 
HETATM 1435 O O     . HOH C 3 .   ? 18.841  8.429   4.320   1.00 36.89 ? 233 HOH A O     1 
HETATM 1436 O O     . HOH C 3 .   ? -15.441 2.290   -9.227  1.00 27.34 ? 234 HOH A O     1 
HETATM 1437 O O     . HOH C 3 .   ? 10.769  3.791   -16.404 1.00 27.55 ? 235 HOH A O     1 
HETATM 1438 O O     . HOH C 3 .   ? 10.103  -5.825  1.675   1.00 21.06 ? 236 HOH A O     1 
HETATM 1439 O O     . HOH C 3 .   ? -6.349  -4.315  -9.238  1.00 24.74 ? 237 HOH A O     1 
HETATM 1440 O O     . HOH C 3 .   ? -7.738  4.650   -1.055  1.00 19.98 ? 238 HOH A O     1 
HETATM 1441 O O     . HOH C 3 .   ? 5.070   1.400   -15.507 1.00 24.37 ? 239 HOH A O     1 
HETATM 1442 O O     . HOH C 3 .   ? 4.844   -2.695  11.698  1.00 26.43 ? 240 HOH A O     1 
HETATM 1443 O O     . HOH C 3 .   ? -0.217  -7.177  14.123  1.00 38.94 ? 241 HOH A O     1 
HETATM 1444 O O     . HOH C 3 .   ? -16.089 9.357   -0.946  1.00 17.81 ? 242 HOH A O     1 
HETATM 1445 O O     . HOH C 3 .   ? -8.766  3.044   12.288  1.00 21.72 ? 243 HOH A O     1 
HETATM 1446 O O     . HOH C 3 .   ? 0.440   -7.166  7.514   1.00 20.56 ? 244 HOH A O     1 
HETATM 1447 O O     . HOH C 3 .   ? -15.632 10.104  -3.651  1.00 30.66 ? 245 HOH A O     1 
HETATM 1448 O O     . HOH C 3 .   ? -7.881  -0.522  -9.808  1.00 25.86 ? 246 HOH A O     1 
HETATM 1449 O O     . HOH C 3 .   ? -10.435 -4.069  11.721  1.00 30.56 ? 247 HOH A O     1 
HETATM 1450 O O     . HOH C 3 .   ? 13.984  -4.281  4.364   1.00 29.93 ? 248 HOH A O     1 
HETATM 1451 O O     . HOH C 3 .   ? -14.625 -2.871  1.441   1.00 20.18 ? 249 HOH A O     1 
HETATM 1452 O O     . HOH C 3 .   ? -10.610 -1.470  11.542  1.00 28.32 ? 250 HOH A O     1 
HETATM 1453 O O     . HOH C 3 .   ? 0.905   12.285  -12.376 1.00 23.55 ? 251 HOH A O     1 
HETATM 1454 O O     . HOH C 3 .   ? -6.116  4.741   12.370  1.00 25.05 ? 252 HOH A O     1 
HETATM 1455 O O     . HOH C 3 .   ? -13.025 8.862   9.911   1.00 32.07 ? 253 HOH A O     1 
HETATM 1456 O O     . HOH C 3 .   ? 4.961   -0.563  13.503  1.00 35.54 ? 254 HOH A O     1 
HETATM 1457 O O     . HOH C 3 .   ? 6.514   9.024   -16.522 1.00 27.09 ? 255 HOH A O     1 
HETATM 1458 O O     . HOH C 3 .   ? 1.753   -0.296  13.636  1.00 29.99 ? 256 HOH A O     1 
HETATM 1459 O O     . HOH C 3 .   ? 10.925  4.754   -18.767 1.00 34.35 ? 257 HOH A O     1 
HETATM 1460 O O     . HOH C 3 .   ? -0.130  -2.561  -13.211 1.00 24.47 ? 258 HOH A O     1 
HETATM 1461 O O     . HOH C 3 .   ? 1.456   11.653  16.975  1.00 27.21 ? 259 HOH A O     1 
HETATM 1462 O O     . HOH C 3 .   ? 1.851   1.012   -15.422 1.00 21.91 ? 260 HOH A O     1 
HETATM 1463 O O     . HOH C 3 .   ? 18.823  1.519   -0.439  1.00 32.00 ? 261 HOH A O     1 
HETATM 1464 O O     . HOH C 3 .   ? 2.061   -1.313  -13.873 1.00 27.42 ? 262 HOH A O     1 
HETATM 1465 O O     . HOH C 3 .   ? -5.277  2.536   13.307  1.00 22.96 ? 263 HOH A O     1 
HETATM 1466 O O     . HOH C 3 .   ? 4.864   -9.587  13.340  1.00 37.04 ? 264 HOH A O     1 
HETATM 1467 O O     . HOH C 3 .   ? 16.495  1.967   0.110   1.00 27.83 ? 265 HOH A O     1 
HETATM 1468 O O     . HOH C 3 .   ? 16.161  1.801   2.906   1.00 28.28 ? 266 HOH A O     1 
HETATM 1469 O O     . HOH C 3 .   ? 8.174   -2.835  11.505  1.00 34.36 ? 267 HOH A O     1 
HETATM 1470 O O     . HOH C 3 .   ? 7.987   12.528  4.746   1.00 30.65 ? 268 HOH A O     1 
HETATM 1471 O O     . HOH C 3 .   ? -8.829  0.205   13.047  1.00 30.87 ? 269 HOH A O     1 
HETATM 1472 O O     . HOH C 3 .   ? -8.272  -5.647  11.547  1.00 28.83 ? 270 HOH A O     1 
HETATM 1473 O O     . HOH C 3 .   ? 11.600  12.995  -8.435  1.00 32.97 ? 271 HOH A O     1 
HETATM 1474 O O     . HOH C 3 .   ? -7.919  -13.481 -3.611  1.00 28.56 ? 272 HOH A O     1 
HETATM 1475 O O     . HOH C 3 .   ? 1.085   0.789   -17.952 1.00 31.69 ? 273 HOH A O     1 
HETATM 1476 O O     . HOH C 3 .   ? -7.861  -12.629 9.495   1.00 31.74 ? 274 HOH A O     1 
HETATM 1477 O O     . HOH C 3 .   ? 11.607  -8.186  0.987   1.00 36.03 ? 275 HOH A O     1 
HETATM 1478 O O     . HOH C 3 .   ? -4.027  1.949   -15.698 1.00 27.92 ? 276 HOH A O     1 
HETATM 1479 O O     . HOH C 3 .   ? -0.666  10.385  18.009  1.00 23.73 ? 277 HOH A O     1 
HETATM 1480 O O     . HOH C 3 .   ? 0.790   2.993   -19.193 1.00 29.94 ? 278 HOH A O     1 
HETATM 1481 O O     . HOH C 3 .   ? 17.310  13.943  -4.672  1.00 43.26 ? 279 HOH A O     1 
HETATM 1482 O O     . HOH C 3 .   ? 13.388  10.599  -9.084  1.00 32.46 ? 280 HOH A O     1 
HETATM 1483 O O     . HOH C 3 .   ? -13.458 1.575   12.623  1.00 27.30 ? 281 HOH A O     1 
HETATM 1484 O O     . HOH C 3 .   ? -13.519 -16.121 4.319   1.00 43.07 ? 282 HOH A O     1 
HETATM 1485 O O     . HOH C 3 .   ? -11.594 -8.757  9.119   1.00 36.85 ? 283 HOH A O     1 
HETATM 1486 O O     . HOH C 3 .   ? -13.228 -1.251  12.392  1.00 38.03 ? 284 HOH A O     1 
HETATM 1487 O O     . HOH C 3 .   ? 17.133  11.745  -2.536  1.00 34.79 ? 285 HOH A O     1 
HETATM 1488 O O     . HOH C 3 .   ? -17.845 1.290   -9.140  1.00 29.87 ? 286 HOH A O     1 
HETATM 1489 O O     . HOH C 3 .   ? -2.361  -5.756  -13.890 1.00 35.27 ? 287 HOH A O     1 
HETATM 1490 O O     . HOH C 3 .   ? -10.042 -2.048  -8.343  1.00 33.68 ? 288 HOH A O     1 
HETATM 1491 O O     . HOH C 3 .   ? 5.982   2.688   15.963  1.00 33.92 ? 289 HOH A O     1 
HETATM 1492 O O     . HOH C 3 .   ? 3.709   -9.800  -11.001 1.00 36.38 ? 290 HOH A O     1 
HETATM 1493 O O     . HOH C 3 .   ? -1.204  -11.896 -7.933  1.00 36.94 ? 291 HOH A O     1 
HETATM 1494 O O     . HOH C 3 .   ? -6.220  12.989  10.425  1.00 31.24 ? 292 HOH A O     1 
HETATM 1495 O O     . HOH C 3 .   ? -15.939 2.112   -15.194 1.00 34.54 ? 293 HOH A O     1 
HETATM 1496 O O     . HOH C 3 .   ? -6.264  -11.508 -2.463  1.00 31.79 ? 294 HOH A O     1 
HETATM 1497 O O     . HOH C 3 .   ? -6.444  -6.603  -7.167  1.00 32.76 ? 295 HOH A O     1 
HETATM 1498 O O     . HOH C 3 .   ? -17.662 9.484   -6.237  1.00 34.47 ? 296 HOH A O     1 
HETATM 1499 O O     . HOH C 3 .   ? 0.116   14.678  -12.889 1.00 32.00 ? 297 HOH A O     1 
HETATM 1500 O O     . HOH C 3 .   ? -5.166  1.175   -20.105 1.00 40.37 ? 298 HOH A O     1 
HETATM 1501 O O     . HOH C 3 .   ? 0.278   10.134  -6.618  1.00 30.00 ? 299 HOH A O     1 
HETATM 1502 O O     . HOH C 3 .   ? 6.039   10.501  9.138   1.00 33.42 ? 300 HOH A O     1 
HETATM 1503 O O     . HOH C 3 .   ? 7.334   10.006  11.641  1.00 25.01 ? 301 HOH A O     1 
HETATM 1504 O O     . HOH C 3 .   ? -11.647 14.395  1.253   1.00 35.13 ? 302 HOH A O     1 
HETATM 1505 O O     . HOH C 3 .   ? -13.073 11.243  4.843   1.00 31.27 ? 303 HOH A O     1 
HETATM 1506 O O     . HOH C 3 .   ? -15.034 11.336  5.935   1.00 28.69 ? 304 HOH A O     1 
HETATM 1507 O O     . HOH C 3 .   ? -6.735  -2.550  14.506  1.00 31.50 ? 305 HOH A O     1 
HETATM 1508 O O     . HOH C 3 .   ? -6.631  -10.873 -6.869  1.00 34.38 ? 306 HOH A O     1 
HETATM 1509 O O     . HOH C 3 .   ? 7.063   6.976   -18.508 1.00 36.14 ? 307 HOH A O     1 
HETATM 1510 O O     . HOH C 3 .   ? -3.036  -10.646 -10.789 1.00 44.22 ? 308 HOH A O     1 
HETATM 1511 O O     . HOH C 3 .   ? -6.340  -0.944  -19.657 1.00 43.50 ? 309 HOH A O     1 
HETATM 1512 O O     . HOH C 3 .   ? -17.178 13.561  5.627   1.00 38.85 ? 310 HOH A O     1 
HETATM 1513 O O     . HOH C 3 .   ? 11.390  0.115   12.964  1.00 45.96 ? 311 HOH A O     1 
HETATM 1514 O O     . HOH C 3 .   ? 12.107  5.889   -15.009 1.00 34.33 ? 312 HOH A O     1 
HETATM 1515 O O     . HOH D 3 .   ? -7.690  2.207   -10.967 1.00 24.81 ? 101 HOH B O     1 
HETATM 1516 O O     . HOH D 3 .   ? -7.812  5.658   -3.560  1.00 28.55 ? 102 HOH B O     1 
HETATM 1517 O O     . HOH D 3 .   ? 6.684   12.601  0.333   1.00 23.27 ? 103 HOH B O     1 
HETATM 1518 O O     . HOH D 3 .   ? -8.722  4.666   -10.754 1.00 23.36 ? 104 HOH B O     1 
HETATM 1519 O O     . HOH D 3 .   ? -14.157 7.719   -4.486  1.00 19.47 ? 105 HOH B O     1 
HETATM 1520 O O     . HOH D 3 .   ? -10.293 10.424  -19.431 1.00 32.59 ? 106 HOH B O     1 
HETATM 1521 O O     . HOH D 3 .   ? -1.905  8.344   -7.807  1.00 20.38 ? 107 HOH B O     1 
HETATM 1522 O O     . HOH D 3 .   ? -1.040  11.492  -9.099  1.00 24.46 ? 108 HOH B O     1 
HETATM 1523 O O     . HOH D 3 .   ? -9.242  5.804   -8.517  1.00 22.25 ? 109 HOH B O     1 
HETATM 1524 O O     . HOH D 3 .   ? 11.808  15.268  -6.569  1.00 32.50 ? 110 HOH B O     1 
HETATM 1525 O O     . HOH D 3 .   ? -7.152  18.460  -3.187  1.00 37.43 ? 111 HOH B O     1 
HETATM 1526 O O     . HOH D 3 .   ? -2.823  1.459   -18.014 1.00 29.60 ? 112 HOH B O     1 
HETATM 1527 O O     . HOH D 3 .   ? 3.890   9.849   -16.637 1.00 24.81 ? 113 HOH B O     1 
HETATM 1528 O O     . HOH D 3 .   ? 6.094   19.368  -2.833  1.00 41.81 ? 114 HOH B O     1 
HETATM 1529 O O     . HOH D 3 .   ? -9.418  6.788   -20.033 1.00 30.09 ? 115 HOH B O     1 
HETATM 1530 O O     . HOH D 3 .   ? -9.986  14.216  -1.090  1.00 37.01 ? 116 HOH B O     1 
HETATM 1531 O O     . HOH D 3 .   ? -3.187  13.538  -7.940  1.00 34.90 ? 117 HOH B O     1 
HETATM 1532 O O     . HOH D 3 .   ? -14.391 10.496  -7.443  1.00 33.76 ? 118 HOH B O     1 
HETATM 1533 O O     . HOH D 3 .   ? 8.173   14.713  1.422   1.00 41.07 ? 119 HOH B O     1 
HETATM 1534 O O     . HOH D 3 .   ? -7.526  6.465   -6.725  1.00 26.22 ? 120 HOH B O     1 
HETATM 1535 O O     . HOH D 3 .   ? 1.106   16.358  -8.273  1.00 43.01 ? 121 HOH B O     1 
HETATM 1536 O O     . HOH D 3 .   ? -5.458  14.364  -10.539 1.00 29.34 ? 122 HOH B O     1 
HETATM 1537 O O     . HOH D 3 .   ? 0.509   12.700  -5.343  1.00 34.35 ? 123 HOH B O     1 
HETATM 1538 O O     . HOH D 3 .   ? 1.561   11.674  -9.280  1.00 33.57 ? 124 HOH B O     1 
HETATM 1539 O O     . HOH D 3 .   ? 0.930   4.812   -23.100 1.00 35.68 ? 125 HOH B O     1 
HETATM 1540 O O     . HOH D 3 .   ? -6.116  8.912   -5.411  1.00 32.69 ? 126 HOH B O     1 
# 
loop_
_pdbx_poly_seq_scheme.asym_id 
_pdbx_poly_seq_scheme.entity_id 
_pdbx_poly_seq_scheme.seq_id 
_pdbx_poly_seq_scheme.mon_id 
_pdbx_poly_seq_scheme.ndb_seq_num 
_pdbx_poly_seq_scheme.pdb_seq_num 
_pdbx_poly_seq_scheme.auth_seq_num 
_pdbx_poly_seq_scheme.pdb_mon_id 
_pdbx_poly_seq_scheme.auth_mon_id 
_pdbx_poly_seq_scheme.pdb_strand_id 
_pdbx_poly_seq_scheme.pdb_ins_code 
_pdbx_poly_seq_scheme.hetero 
A 1 1   MET 1   1   ?   ?   ?   A . n 
A 1 2   SER 2   2   ?   ?   ?   A . n 
A 1 3   ASP 3   3   3   ASP ASP A . n 
A 1 4   SER 4   4   4   SER SER A . n 
A 1 5   PHE 5   5   5   PHE PHE A . n 
A 1 6   SER 6   6   6   SER SER A . n 
A 1 7   LEU 7   7   7   LEU LEU A . n 
A 1 8   LEU 8   8   8   LEU LEU A . n 
A 1 9   SER 9   9   9   SER SER A . n 
A 1 10  GLN 10  10  10  GLN GLN A . n 
A 1 11  ILE 11  11  11  ILE ILE A . n 
A 1 12  THR 12  12  12  THR THR A . n 
A 1 13  PRO 13  13  13  PRO PRO A . n 
A 1 14  HIS 14  14  14  HIS HIS A . n 
A 1 15  GLN 15  15  15  GLN GLN A . n 
A 1 16  ARG 16  16  16  ARG ARG A . n 
A 1 17  CYS 17  17  17  CYS CYS A . n 
A 1 18  SER 18  18  18  SER SER A . n 
A 1 19  PHE 19  19  19  PHE PHE A . n 
A 1 20  TYR 20  20  20  TYR TYR A . n 
A 1 21  ALA 21  21  21  ALA ALA A . n 
A 1 22  GLN 22  22  22  GLN GLN A . n 
A 1 23  VAL 23  23  23  VAL VAL A . n 
A 1 24  ILE 24  24  24  ILE ILE A . n 
A 1 25  LYS 25  25  25  LYS LYS A . n 
A 1 26  THR 26  26  26  THR THR A . n 
A 1 27  TRP 27  27  27  TRP TRP A . n 
A 1 28  TYR 28  28  28  TYR TYR A . n 
A 1 29  SER 29  29  29  SER SER A . n 
A 1 30  ASP 30  30  30  ASP ASP A . n 
A 1 31  LYS 31  31  31  LYS LYS A . n 
A 1 32  ASN 32  32  32  ASN ASN A . n 
A 1 33  PHE 33  33  33  PHE PHE A . n 
A 1 34  THR 34  34  34  THR THR A . n 
A 1 35  LEU 35  35  35  LEU LEU A . n 
A 1 36  TYR 36  36  36  TYR TYR A . n 
A 1 37  VAL 37  37  37  VAL VAL A . n 
A 1 38  THR 38  38  38  THR THR A . n 
A 1 39  ASP 39  39  39  ASP ASP A . n 
A 1 40  TYR 40  40  40  TYR TYR A . n 
A 1 41  THR 41  41  41  THR THR A . n 
A 1 42  GLU 42  42  42  GLU GLU A . n 
A 1 43  ASN 43  43  43  ASN ASN A . n 
A 1 44  GLU 44  44  44  GLU GLU A . n 
A 1 45  LEU 45  45  45  LEU LEU A . n 
A 1 46  PHE 46  46  46  PHE PHE A . n 
A 1 47  PHE 47  47  47  PHE PHE A . n 
A 1 48  PRO 48  48  48  PRO PRO A . n 
A 1 49  MET 49  49  49  MET MET A . n 
A 1 50  SER 50  50  50  SER SER A . n 
A 1 51  PRO 51  51  51  PRO PRO A . n 
A 1 52  TYR 52  52  52  TYR TYR A . n 
A 1 53  THR 53  53  53  THR THR A . n 
A 1 54  SER 54  54  54  SER SER A . n 
A 1 55  SER 55  55  55  SER SER A . n 
A 1 56  SER 56  56  56  SER SER A . n 
A 1 57  ARG 57  57  57  ARG ARG A . n 
A 1 58  TRP 58  58  58  TRP TRP A . n 
A 1 59  ARG 59  59  59  ARG ARG A . n 
A 1 60  GLY 60  60  60  GLY GLY A . n 
A 1 61  PRO 61  61  61  PRO PRO A . n 
A 1 62  PHE 62  62  62  PHE PHE A . n 
A 1 63  GLY 63  63  63  GLY GLY A . n 
A 1 64  ARG 64  64  64  ARG ARG A . n 
A 1 65  PHE 65  65  65  PHE PHE A . n 
A 1 66  SER 66  66  66  SER SER A . n 
A 1 67  ILE 67  67  67  ILE ILE A . n 
A 1 68  ARG 68  68  68  ARG ARG A . n 
A 1 69  CYS 69  69  69  CYS CYS A . n 
A 1 70  ILE 70  70  70  ILE ILE A . n 
A 1 71  LEU 71  71  71  LEU LEU A . n 
A 1 72  TRP 72  72  72  TRP TRP A . n 
A 1 73  ASP 73  73  73  ASP ASP A . n 
A 1 74  GLU 74  74  74  GLU GLU A . n 
A 1 75  HIS 75  75  75  HIS HIS A . n 
A 1 76  ASP 76  76  76  ASP ASP A . n 
A 1 77  PHE 77  77  77  PHE PHE A . n 
A 1 78  TYR 78  78  78  TYR TYR A . n 
A 1 79  CYS 79  79  79  CYS CYS A . n 
A 1 80  ARG 80  80  80  ARG ARG A . n 
A 1 81  ASN 81  81  81  ASN ASN A . n 
A 1 82  TYR 82  82  82  TYR TYR A . n 
A 1 83  ILE 83  83  83  ILE ILE A . n 
A 1 84  LYS 84  84  84  LYS LYS A . n 
A 1 85  GLU 85  85  85  GLU GLU A . n 
A 1 86  GLY 86  86  86  GLY GLY A . n 
A 1 87  ASP 87  87  87  ASP ASP A . n 
A 1 88  TYR 88  88  88  TYR TYR A . n 
A 1 89  VAL 89  89  89  VAL VAL A . n 
A 1 90  VAL 90  90  90  VAL VAL A . n 
A 1 91  MET 91  91  91  MET MET A . n 
A 1 92  LYS 92  92  92  LYS LYS A . n 
A 1 93  ASN 93  93  93  ASN ASN A . n 
A 1 94  VAL 94  94  94  VAL VAL A . n 
A 1 95  ARG 95  95  95  ARG ARG A . n 
A 1 96  THR 96  96  96  THR THR A . n 
A 1 97  LYS 97  97  97  LYS LYS A . n 
A 1 98  ILE 98  98  98  ILE ILE A . n 
A 1 99  ASP 99  99  99  ASP ASP A . n 
A 1 100 HIS 100 100 100 HIS HIS A . n 
A 1 101 LEU 101 101 101 LEU LEU A . n 
A 1 102 GLY 102 102 102 GLY GLY A . n 
A 1 103 TYR 103 103 103 TYR TYR A . n 
A 1 104 LEU 104 104 104 LEU LEU A . n 
A 1 105 GLU 105 105 105 GLU GLU A . n 
A 1 106 CYS 106 106 106 CYS CYS A . n 
A 1 107 ILE 107 107 107 ILE ILE A . n 
A 1 108 LEU 108 108 108 LEU LEU A . n 
A 1 109 HIS 109 109 109 HIS HIS A . n 
A 1 110 GLY 110 110 110 GLY GLY A . n 
A 1 111 ASP 111 111 111 ASP ASP A . n 
A 1 112 SER 112 112 112 SER SER A . n 
A 1 113 ALA 113 113 113 ALA ALA A . n 
A 1 114 LYS 114 114 114 LYS LYS A . n 
A 1 115 ARG 115 115 115 ARG ARG A . n 
A 1 116 TYR 116 116 116 TYR TYR A . n 
A 1 117 ASN 117 117 117 ASN ASN A . n 
A 1 118 MET 118 118 118 MET MET A . n 
A 1 119 SER 119 119 119 SER SER A . n 
A 1 120 ILE 120 120 120 ILE ILE A . n 
A 1 121 GLU 121 121 121 GLU GLU A . n 
A 1 122 LYS 122 122 122 LYS LYS A . n 
A 1 123 VAL 123 123 123 VAL VAL A . n 
A 1 124 ASP 124 124 124 ASP ASP A . n 
A 1 125 SER 125 125 125 SER SER A . n 
A 1 126 GLU 126 126 126 GLU GLU A . n 
A 1 127 GLU 127 127 127 GLU GLU A . n 
A 1 128 PRO 128 128 128 PRO PRO A . n 
A 1 129 GLU 129 129 129 GLU GLU A . n 
A 1 130 LEU 130 130 130 LEU LEU A . n 
A 1 131 ASN 131 131 131 ASN ASN A . n 
A 1 132 GLU 132 132 132 GLU GLU A . n 
A 1 133 ILE 133 133 133 ILE ILE A . n 
A 1 134 LYS 134 134 134 LYS LYS A . n 
A 1 135 SER 135 135 135 SER SER A . n 
A 1 136 ARG 136 136 136 ARG ARG A . n 
A 1 137 LYS 137 137 137 LYS LYS A . n 
A 1 138 ARG 138 138 138 ARG ARG A . n 
A 1 139 LEU 139 139 139 LEU LEU A . n 
A 1 140 TYR 140 140 140 TYR TYR A . n 
A 1 141 VAL 141 141 141 VAL VAL A . n 
A 1 142 GLN 142 142 ?   ?   ?   A . n 
A 1 143 ASN 143 143 ?   ?   ?   A . n 
B 2 1   DA  1   1   1   DA  A   B . n 
B 2 2   DC  2   2   2   DC  C   B . n 
B 2 3   DG  3   3   3   DG  G   B . n 
B 2 4   DG  4   4   4   DG  G   B . n 
B 2 5   DT  5   5   5   DT  T   B . n 
B 2 6   DT  6   6   6   DT  T   B . n 
B 2 7   DA  7   7   7   DA  A   B . n 
B 2 8   DC  8   8   8   DC  C   B . n 
B 2 9   DG  9   9   9   DG  G   B . n 
B 2 10  DG  10  10  10  DG  G   B . n 
B 2 11  DT  11  11  11  DT  T   B . n 
# 
loop_
_pdbx_nonpoly_scheme.asym_id 
_pdbx_nonpoly_scheme.entity_id 
_pdbx_nonpoly_scheme.mon_id 
_pdbx_nonpoly_scheme.ndb_seq_num 
_pdbx_nonpoly_scheme.pdb_seq_num 
_pdbx_nonpoly_scheme.auth_seq_num 
_pdbx_nonpoly_scheme.pdb_mon_id 
_pdbx_nonpoly_scheme.auth_mon_id 
_pdbx_nonpoly_scheme.pdb_strand_id 
_pdbx_nonpoly_scheme.pdb_ins_code 
C 3 HOH 1   201 1   HOH HOH A . 
C 3 HOH 2   202 2   HOH HOH A . 
C 3 HOH 3   203 3   HOH HOH A . 
C 3 HOH 4   204 4   HOH HOH A . 
C 3 HOH 5   205 5   HOH HOH A . 
C 3 HOH 6   206 6   HOH HOH A . 
C 3 HOH 7   207 7   HOH HOH A . 
C 3 HOH 8   208 8   HOH HOH A . 
C 3 HOH 9   209 9   HOH HOH A . 
C 3 HOH 10  210 10  HOH HOH A . 
C 3 HOH 11  211 11  HOH HOH A . 
C 3 HOH 12  212 12  HOH HOH A . 
C 3 HOH 13  213 13  HOH HOH A . 
C 3 HOH 14  214 14  HOH HOH A . 
C 3 HOH 15  215 15  HOH HOH A . 
C 3 HOH 16  216 16  HOH HOH A . 
C 3 HOH 17  217 17  HOH HOH A . 
C 3 HOH 18  218 18  HOH HOH A . 
C 3 HOH 19  219 20  HOH HOH A . 
C 3 HOH 20  220 21  HOH HOH A . 
C 3 HOH 21  221 22  HOH HOH A . 
C 3 HOH 22  222 23  HOH HOH A . 
C 3 HOH 23  223 24  HOH HOH A . 
C 3 HOH 24  224 25  HOH HOH A . 
C 3 HOH 25  225 26  HOH HOH A . 
C 3 HOH 26  226 27  HOH HOH A . 
C 3 HOH 27  227 28  HOH HOH A . 
C 3 HOH 28  228 29  HOH HOH A . 
C 3 HOH 29  229 30  HOH HOH A . 
C 3 HOH 30  230 31  HOH HOH A . 
C 3 HOH 31  231 32  HOH HOH A . 
C 3 HOH 32  232 33  HOH HOH A . 
C 3 HOH 33  233 34  HOH HOH A . 
C 3 HOH 34  234 35  HOH HOH A . 
C 3 HOH 35  235 36  HOH HOH A . 
C 3 HOH 36  236 38  HOH HOH A . 
C 3 HOH 37  237 39  HOH HOH A . 
C 3 HOH 38  238 40  HOH HOH A . 
C 3 HOH 39  239 41  HOH HOH A . 
C 3 HOH 40  240 42  HOH HOH A . 
C 3 HOH 41  241 43  HOH HOH A . 
C 3 HOH 42  242 44  HOH HOH A . 
C 3 HOH 43  243 45  HOH HOH A . 
C 3 HOH 44  244 46  HOH HOH A . 
C 3 HOH 45  245 47  HOH HOH A . 
C 3 HOH 46  246 48  HOH HOH A . 
C 3 HOH 47  247 49  HOH HOH A . 
C 3 HOH 48  248 50  HOH HOH A . 
C 3 HOH 49  249 51  HOH HOH A . 
C 3 HOH 50  250 52  HOH HOH A . 
C 3 HOH 51  251 53  HOH HOH A . 
C 3 HOH 52  252 54  HOH HOH A . 
C 3 HOH 53  253 56  HOH HOH A . 
C 3 HOH 54  254 57  HOH HOH A . 
C 3 HOH 55  255 58  HOH HOH A . 
C 3 HOH 56  256 59  HOH HOH A . 
C 3 HOH 57  257 60  HOH HOH A . 
C 3 HOH 58  258 61  HOH HOH A . 
C 3 HOH 59  259 62  HOH HOH A . 
C 3 HOH 60  260 65  HOH HOH A . 
C 3 HOH 61  261 67  HOH HOH A . 
C 3 HOH 62  262 69  HOH HOH A . 
C 3 HOH 63  263 72  HOH HOH A . 
C 3 HOH 64  264 74  HOH HOH A . 
C 3 HOH 65  265 76  HOH HOH A . 
C 3 HOH 66  266 77  HOH HOH A . 
C 3 HOH 67  267 79  HOH HOH A . 
C 3 HOH 68  268 80  HOH HOH A . 
C 3 HOH 69  269 83  HOH HOH A . 
C 3 HOH 70  270 84  HOH HOH A . 
C 3 HOH 71  271 85  HOH HOH A . 
C 3 HOH 72  272 86  HOH HOH A . 
C 3 HOH 73  273 89  HOH HOH A . 
C 3 HOH 74  274 90  HOH HOH A . 
C 3 HOH 75  275 91  HOH HOH A . 
C 3 HOH 76  276 92  HOH HOH A . 
C 3 HOH 77  277 93  HOH HOH A . 
C 3 HOH 78  278 94  HOH HOH A . 
C 3 HOH 79  279 95  HOH HOH A . 
C 3 HOH 80  280 97  HOH HOH A . 
C 3 HOH 81  281 98  HOH HOH A . 
C 3 HOH 82  282 100 HOH HOH A . 
C 3 HOH 83  283 101 HOH HOH A . 
C 3 HOH 84  284 102 HOH HOH A . 
C 3 HOH 85  285 103 HOH HOH A . 
C 3 HOH 86  286 105 HOH HOH A . 
C 3 HOH 87  287 106 HOH HOH A . 
C 3 HOH 88  288 107 HOH HOH A . 
C 3 HOH 89  289 108 HOH HOH A . 
C 3 HOH 90  290 109 HOH HOH A . 
C 3 HOH 91  291 111 HOH HOH A . 
C 3 HOH 92  292 112 HOH HOH A . 
C 3 HOH 93  293 113 HOH HOH A . 
C 3 HOH 94  294 114 HOH HOH A . 
C 3 HOH 95  295 115 HOH HOH A . 
C 3 HOH 96  296 116 HOH HOH A . 
C 3 HOH 97  297 117 HOH HOH A . 
C 3 HOH 98  298 118 HOH HOH A . 
C 3 HOH 99  299 119 HOH HOH A . 
C 3 HOH 100 300 120 HOH HOH A . 
C 3 HOH 101 301 122 HOH HOH A . 
C 3 HOH 102 302 124 HOH HOH A . 
C 3 HOH 103 303 125 HOH HOH A . 
C 3 HOH 104 304 126 HOH HOH A . 
C 3 HOH 105 305 130 HOH HOH A . 
C 3 HOH 106 306 132 HOH HOH A . 
C 3 HOH 107 307 133 HOH HOH A . 
C 3 HOH 108 308 136 HOH HOH A . 
C 3 HOH 109 309 138 HOH HOH A . 
C 3 HOH 110 310 139 HOH HOH A . 
C 3 HOH 111 311 140 HOH HOH A . 
C 3 HOH 112 312 141 HOH HOH A . 
D 3 HOH 1   101 19  HOH HOH B . 
D 3 HOH 2   102 37  HOH HOH B . 
D 3 HOH 3   103 55  HOH HOH B . 
D 3 HOH 4   104 63  HOH HOH B . 
D 3 HOH 5   105 64  HOH HOH B . 
D 3 HOH 6   106 66  HOH HOH B . 
D 3 HOH 7   107 68  HOH HOH B . 
D 3 HOH 8   108 70  HOH HOH B . 
D 3 HOH 9   109 71  HOH HOH B . 
D 3 HOH 10  110 73  HOH HOH B . 
D 3 HOH 11  111 75  HOH HOH B . 
D 3 HOH 12  112 78  HOH HOH B . 
D 3 HOH 13  113 81  HOH HOH B . 
D 3 HOH 14  114 82  HOH HOH B . 
D 3 HOH 15  115 87  HOH HOH B . 
D 3 HOH 16  116 88  HOH HOH B . 
D 3 HOH 17  117 96  HOH HOH B . 
D 3 HOH 18  118 99  HOH HOH B . 
D 3 HOH 19  119 104 HOH HOH B . 
D 3 HOH 20  120 110 HOH HOH B . 
D 3 HOH 21  121 123 HOH HOH B . 
D 3 HOH 22  122 129 HOH HOH B . 
D 3 HOH 23  123 131 HOH HOH B . 
D 3 HOH 24  124 134 HOH HOH B . 
D 3 HOH 25  125 135 HOH HOH B . 
D 3 HOH 26  126 142 HOH HOH B . 
# 
_pdbx_struct_assembly.id                   1 
_pdbx_struct_assembly.details              author_and_software_defined_assembly 
_pdbx_struct_assembly.method_details       PISA 
_pdbx_struct_assembly.oligomeric_details   dimeric 
_pdbx_struct_assembly.oligomeric_count     2 
# 
_pdbx_struct_assembly_gen.assembly_id       1 
_pdbx_struct_assembly_gen.oper_expression   1 
_pdbx_struct_assembly_gen.asym_id_list      A,B,C,D 
# 
loop_
_pdbx_struct_assembly_prop.biol_id 
_pdbx_struct_assembly_prop.type 
_pdbx_struct_assembly_prop.value 
_pdbx_struct_assembly_prop.details 
1 'ABSA (A^2)' 2240 ? 
1 MORE         -3   ? 
1 'SSA (A^2)'  8920 ? 
# 
_pdbx_struct_oper_list.id                   1 
_pdbx_struct_oper_list.type                 'identity operation' 
_pdbx_struct_oper_list.name                 1_555 
_pdbx_struct_oper_list.symmetry_operation   x,y,z 
_pdbx_struct_oper_list.matrix[1][1]         1.0000000000 
_pdbx_struct_oper_list.matrix[1][2]         0.0000000000 
_pdbx_struct_oper_list.matrix[1][3]         0.0000000000 
_pdbx_struct_oper_list.vector[1]            0.0000000000 
_pdbx_struct_oper_list.matrix[2][1]         0.0000000000 
_pdbx_struct_oper_list.matrix[2][2]         1.0000000000 
_pdbx_struct_oper_list.matrix[2][3]         0.0000000000 
_pdbx_struct_oper_list.vector[2]            0.0000000000 
_pdbx_struct_oper_list.matrix[3][1]         0.0000000000 
_pdbx_struct_oper_list.matrix[3][2]         0.0000000000 
_pdbx_struct_oper_list.matrix[3][3]         1.0000000000 
_pdbx_struct_oper_list.vector[3]            0.0000000000 
# 
loop_
_pdbx_audit_revision_history.ordinal 
_pdbx_audit_revision_history.data_content_type 
_pdbx_audit_revision_history.major_revision 
_pdbx_audit_revision_history.minor_revision 
_pdbx_audit_revision_history.revision_date 
1 'Structure model' 1 0 2012-12-12 
2 'Structure model' 1 1 2013-02-27 
3 'Structure model' 1 2 2017-11-15 
4 'Structure model' 1 3 2023-09-20 
# 
_pdbx_audit_revision_details.ordinal             1 
_pdbx_audit_revision_details.revision_ordinal    1 
_pdbx_audit_revision_details.data_content_type   'Structure model' 
_pdbx_audit_revision_details.provider            repository 
_pdbx_audit_revision_details.type                'Initial release' 
_pdbx_audit_revision_details.description         ? 
_pdbx_audit_revision_details.details             ? 
# 
loop_
_pdbx_audit_revision_group.ordinal 
_pdbx_audit_revision_group.revision_ordinal 
_pdbx_audit_revision_group.data_content_type 
_pdbx_audit_revision_group.group 
1 2 'Structure model' 'Database references'    
2 3 'Structure model' 'Refinement description' 
3 4 'Structure model' 'Data collection'        
4 4 'Structure model' 'Database references'    
5 4 'Structure model' 'Refinement description' 
# 
loop_
_pdbx_audit_revision_category.ordinal 
_pdbx_audit_revision_category.revision_ordinal 
_pdbx_audit_revision_category.data_content_type 
_pdbx_audit_revision_category.category 
1 3 'Structure model' software                      
2 4 'Structure model' chem_comp_atom                
3 4 'Structure model' chem_comp_bond                
4 4 'Structure model' database_2                    
5 4 'Structure model' pdbx_initial_refinement_model 
6 4 'Structure model' struct_ref_seq_dif            
# 
loop_
_pdbx_audit_revision_item.ordinal 
_pdbx_audit_revision_item.revision_ordinal 
_pdbx_audit_revision_item.data_content_type 
_pdbx_audit_revision_item.item 
1 4 'Structure model' '_database_2.pdbx_DOI'                
2 4 'Structure model' '_database_2.pdbx_database_accession' 
3 4 'Structure model' '_struct_ref_seq_dif.details'         
# 
loop_
_software.pdbx_ordinal 
_software.name 
_software.version 
_software.date 
_software.type 
_software.contact_author 
_software.contact_author_email 
_software.classification 
_software.location 
_software.language 
_software.citation_id 
1 DENZO       .       ?                package 'Zbyszek Otwinowski' hkl@hkl-xray.com         'data reduction'  
http://www.hkl-xray.com/                  ?   ? 
2 SCALEPACK   .       ?                package 'Zbyszek Otwinowski' hkl@hkl-xray.com         'data scaling'    
http://www.hkl-xray.com/                  ?   ? 
3 PHENIX      1.7_650 ?                package 'Paul D. Adams'      PDAdams@lbl.gov          refinement        
http://www.phenix-online.org/             C++ ? 
4 PDB_EXTRACT 3.11    'April 22, 2011' package PDB                  deposit@deposit.rcsb.org 'data extraction' 
http://sw-tools.pdb.org/apps/PDB_EXTRACT/ C++ ? 
5 HKL-2000    .       ?                ?       ?                    ?                        'data collection' ? ?   ? 
6 HKL-2000    .       ?                ?       ?                    ?                        'data reduction'  ? ?   ? 
7 HKL-2000    .       ?                ?       ?                    ?                        'data scaling'    ? ?   ? 
8 PHENIX      1.7_650 ?                ?       ?                    ?                        phasing           ? ?   ? 
# 
loop_
_pdbx_validate_rmsd_angle.id 
_pdbx_validate_rmsd_angle.PDB_model_num 
_pdbx_validate_rmsd_angle.auth_atom_id_1 
_pdbx_validate_rmsd_angle.auth_asym_id_1 
_pdbx_validate_rmsd_angle.auth_comp_id_1 
_pdbx_validate_rmsd_angle.auth_seq_id_1 
_pdbx_validate_rmsd_angle.PDB_ins_code_1 
_pdbx_validate_rmsd_angle.label_alt_id_1 
_pdbx_validate_rmsd_angle.auth_atom_id_2 
_pdbx_validate_rmsd_angle.auth_asym_id_2 
_pdbx_validate_rmsd_angle.auth_comp_id_2 
_pdbx_validate_rmsd_angle.auth_seq_id_2 
_pdbx_validate_rmsd_angle.PDB_ins_code_2 
_pdbx_validate_rmsd_angle.label_alt_id_2 
_pdbx_validate_rmsd_angle.auth_atom_id_3 
_pdbx_validate_rmsd_angle.auth_asym_id_3 
_pdbx_validate_rmsd_angle.auth_comp_id_3 
_pdbx_validate_rmsd_angle.auth_seq_id_3 
_pdbx_validate_rmsd_angle.PDB_ins_code_3 
_pdbx_validate_rmsd_angle.label_alt_id_3 
_pdbx_validate_rmsd_angle.angle_value 
_pdbx_validate_rmsd_angle.angle_target_value 
_pdbx_validate_rmsd_angle.angle_deviation 
_pdbx_validate_rmsd_angle.angle_standard_deviation 
_pdbx_validate_rmsd_angle.linker_flag 
1 1 "O4'" B DA 1 ? ? "C4'" B DA 1 ? ? "C3'" B DA 1 ? ? 100.66 104.50 -3.84 0.40 N 
2 1 "C4'" B DA 1 ? ? "C3'" B DA 1 ? ? "C2'" B DA 1 ? ? 97.56  102.20 -4.64 0.70 N 
3 1 "O4'" B DA 1 ? ? "C1'" B DA 1 ? ? N9    B DA 1 ? ? 111.85 108.30 3.55  0.30 N 
4 1 "O4'" B DG 3 ? ? "C1'" B DG 3 ? ? N9    B DG 3 ? ? 111.25 108.30 2.95  0.30 N 
5 1 "O4'" B DG 4 ? ? "C1'" B DG 4 ? ? N9    B DG 4 ? ? 112.77 108.30 4.47  0.30 N 
6 1 "O4'" B DT 5 ? ? "C1'" B DT 5 ? ? N1    B DT 5 ? ? 112.27 108.30 3.97  0.30 N 
7 1 N3    B DT 5 ? ? C4    B DT 5 ? ? O4    B DT 5 ? ? 123.92 119.90 4.02  0.60 N 
8 1 "O5'" B DA 7 ? ? "C5'" B DA 7 ? ? "C4'" B DA 7 ? ? 103.38 109.40 -6.02 0.80 N 
9 1 "O4'" B DG 9 ? ? "C1'" B DG 9 ? ? N9    B DG 9 ? ? 111.00 108.30 2.70  0.30 N 
# 
loop_
_pdbx_validate_torsion.id 
_pdbx_validate_torsion.PDB_model_num 
_pdbx_validate_torsion.auth_comp_id 
_pdbx_validate_torsion.auth_asym_id 
_pdbx_validate_torsion.auth_seq_id 
_pdbx_validate_torsion.PDB_ins_code 
_pdbx_validate_torsion.label_alt_id 
_pdbx_validate_torsion.phi 
_pdbx_validate_torsion.psi 
1 1 SER A 55  ? ? 68.43   99.84   
2 1 ASP A 73  ? ? 55.59   -128.53 
3 1 TYR A 82  ? ? -136.05 -53.66  
4 1 SER A 125 ? ? -45.72  -18.90  
# 
loop_
_pdbx_unobs_or_zero_occ_residues.id 
_pdbx_unobs_or_zero_occ_residues.PDB_model_num 
_pdbx_unobs_or_zero_occ_residues.polymer_flag 
_pdbx_unobs_or_zero_occ_residues.occupancy_flag 
_pdbx_unobs_or_zero_occ_residues.auth_asym_id 
_pdbx_unobs_or_zero_occ_residues.auth_comp_id 
_pdbx_unobs_or_zero_occ_residues.auth_seq_id 
_pdbx_unobs_or_zero_occ_residues.PDB_ins_code 
_pdbx_unobs_or_zero_occ_residues.label_asym_id 
_pdbx_unobs_or_zero_occ_residues.label_comp_id 
_pdbx_unobs_or_zero_occ_residues.label_seq_id 
1 1 Y 1 A MET 1   ? A MET 1   
2 1 Y 1 A SER 2   ? A SER 2   
3 1 Y 1 A GLN 142 ? A GLN 142 
4 1 Y 1 A ASN 143 ? A ASN 143 
# 
loop_
_chem_comp_atom.comp_id 
_chem_comp_atom.atom_id 
_chem_comp_atom.type_symbol 
_chem_comp_atom.pdbx_aromatic_flag 
_chem_comp_atom.pdbx_stereo_config 
_chem_comp_atom.pdbx_ordinal 
ALA N      N N N 1   
ALA CA     C N S 2   
ALA C      C N N 3   
ALA O      O N N 4   
ALA CB     C N N 5   
ALA OXT    O N N 6   
ALA H      H N N 7   
ALA H2     H N N 8   
ALA HA     H N N 9   
ALA HB1    H N N 10  
ALA HB2    H N N 11  
ALA HB3    H N N 12  
ALA HXT    H N N 13  
ARG N      N N N 14  
ARG CA     C N S 15  
ARG C      C N N 16  
ARG O      O N N 17  
ARG CB     C N N 18  
ARG CG     C N N 19  
ARG CD     C N N 20  
ARG NE     N N N 21  
ARG CZ     C N N 22  
ARG NH1    N N N 23  
ARG NH2    N N N 24  
ARG OXT    O N N 25  
ARG H      H N N 26  
ARG H2     H N N 27  
ARG HA     H N N 28  
ARG HB2    H N N 29  
ARG HB3    H N N 30  
ARG HG2    H N N 31  
ARG HG3    H N N 32  
ARG HD2    H N N 33  
ARG HD3    H N N 34  
ARG HE     H N N 35  
ARG HH11   H N N 36  
ARG HH12   H N N 37  
ARG HH21   H N N 38  
ARG HH22   H N N 39  
ARG HXT    H N N 40  
ASN N      N N N 41  
ASN CA     C N S 42  
ASN C      C N N 43  
ASN O      O N N 44  
ASN CB     C N N 45  
ASN CG     C N N 46  
ASN OD1    O N N 47  
ASN ND2    N N N 48  
ASN OXT    O N N 49  
ASN H      H N N 50  
ASN H2     H N N 51  
ASN HA     H N N 52  
ASN HB2    H N N 53  
ASN HB3    H N N 54  
ASN HD21   H N N 55  
ASN HD22   H N N 56  
ASN HXT    H N N 57  
ASP N      N N N 58  
ASP CA     C N S 59  
ASP C      C N N 60  
ASP O      O N N 61  
ASP CB     C N N 62  
ASP CG     C N N 63  
ASP OD1    O N N 64  
ASP OD2    O N N 65  
ASP OXT    O N N 66  
ASP H      H N N 67  
ASP H2     H N N 68  
ASP HA     H N N 69  
ASP HB2    H N N 70  
ASP HB3    H N N 71  
ASP HD2    H N N 72  
ASP HXT    H N N 73  
CYS N      N N N 74  
CYS CA     C N R 75  
CYS C      C N N 76  
CYS O      O N N 77  
CYS CB     C N N 78  
CYS SG     S N N 79  
CYS OXT    O N N 80  
CYS H      H N N 81  
CYS H2     H N N 82  
CYS HA     H N N 83  
CYS HB2    H N N 84  
CYS HB3    H N N 85  
CYS HG     H N N 86  
CYS HXT    H N N 87  
DA  OP3    O N N 88  
DA  P      P N N 89  
DA  OP1    O N N 90  
DA  OP2    O N N 91  
DA  "O5'"  O N N 92  
DA  "C5'"  C N N 93  
DA  "C4'"  C N R 94  
DA  "O4'"  O N N 95  
DA  "C3'"  C N S 96  
DA  "O3'"  O N N 97  
DA  "C2'"  C N N 98  
DA  "C1'"  C N R 99  
DA  N9     N Y N 100 
DA  C8     C Y N 101 
DA  N7     N Y N 102 
DA  C5     C Y N 103 
DA  C6     C Y N 104 
DA  N6     N N N 105 
DA  N1     N Y N 106 
DA  C2     C Y N 107 
DA  N3     N Y N 108 
DA  C4     C Y N 109 
DA  HOP3   H N N 110 
DA  HOP2   H N N 111 
DA  "H5'"  H N N 112 
DA  "H5''" H N N 113 
DA  "H4'"  H N N 114 
DA  "H3'"  H N N 115 
DA  "HO3'" H N N 116 
DA  "H2'"  H N N 117 
DA  "H2''" H N N 118 
DA  "H1'"  H N N 119 
DA  H8     H N N 120 
DA  H61    H N N 121 
DA  H62    H N N 122 
DA  H2     H N N 123 
DC  OP3    O N N 124 
DC  P      P N N 125 
DC  OP1    O N N 126 
DC  OP2    O N N 127 
DC  "O5'"  O N N 128 
DC  "C5'"  C N N 129 
DC  "C4'"  C N R 130 
DC  "O4'"  O N N 131 
DC  "C3'"  C N S 132 
DC  "O3'"  O N N 133 
DC  "C2'"  C N N 134 
DC  "C1'"  C N R 135 
DC  N1     N N N 136 
DC  C2     C N N 137 
DC  O2     O N N 138 
DC  N3     N N N 139 
DC  C4     C N N 140 
DC  N4     N N N 141 
DC  C5     C N N 142 
DC  C6     C N N 143 
DC  HOP3   H N N 144 
DC  HOP2   H N N 145 
DC  "H5'"  H N N 146 
DC  "H5''" H N N 147 
DC  "H4'"  H N N 148 
DC  "H3'"  H N N 149 
DC  "HO3'" H N N 150 
DC  "H2'"  H N N 151 
DC  "H2''" H N N 152 
DC  "H1'"  H N N 153 
DC  H41    H N N 154 
DC  H42    H N N 155 
DC  H5     H N N 156 
DC  H6     H N N 157 
DG  OP3    O N N 158 
DG  P      P N N 159 
DG  OP1    O N N 160 
DG  OP2    O N N 161 
DG  "O5'"  O N N 162 
DG  "C5'"  C N N 163 
DG  "C4'"  C N R 164 
DG  "O4'"  O N N 165 
DG  "C3'"  C N S 166 
DG  "O3'"  O N N 167 
DG  "C2'"  C N N 168 
DG  "C1'"  C N R 169 
DG  N9     N Y N 170 
DG  C8     C Y N 171 
DG  N7     N Y N 172 
DG  C5     C Y N 173 
DG  C6     C N N 174 
DG  O6     O N N 175 
DG  N1     N N N 176 
DG  C2     C N N 177 
DG  N2     N N N 178 
DG  N3     N N N 179 
DG  C4     C Y N 180 
DG  HOP3   H N N 181 
DG  HOP2   H N N 182 
DG  "H5'"  H N N 183 
DG  "H5''" H N N 184 
DG  "H4'"  H N N 185 
DG  "H3'"  H N N 186 
DG  "HO3'" H N N 187 
DG  "H2'"  H N N 188 
DG  "H2''" H N N 189 
DG  "H1'"  H N N 190 
DG  H8     H N N 191 
DG  H1     H N N 192 
DG  H21    H N N 193 
DG  H22    H N N 194 
DT  OP3    O N N 195 
DT  P      P N N 196 
DT  OP1    O N N 197 
DT  OP2    O N N 198 
DT  "O5'"  O N N 199 
DT  "C5'"  C N N 200 
DT  "C4'"  C N R 201 
DT  "O4'"  O N N 202 
DT  "C3'"  C N S 203 
DT  "O3'"  O N N 204 
DT  "C2'"  C N N 205 
DT  "C1'"  C N R 206 
DT  N1     N N N 207 
DT  C2     C N N 208 
DT  O2     O N N 209 
DT  N3     N N N 210 
DT  C4     C N N 211 
DT  O4     O N N 212 
DT  C5     C N N 213 
DT  C7     C N N 214 
DT  C6     C N N 215 
DT  HOP3   H N N 216 
DT  HOP2   H N N 217 
DT  "H5'"  H N N 218 
DT  "H5''" H N N 219 
DT  "H4'"  H N N 220 
DT  "H3'"  H N N 221 
DT  "HO3'" H N N 222 
DT  "H2'"  H N N 223 
DT  "H2''" H N N 224 
DT  "H1'"  H N N 225 
DT  H3     H N N 226 
DT  H71    H N N 227 
DT  H72    H N N 228 
DT  H73    H N N 229 
DT  H6     H N N 230 
GLN N      N N N 231 
GLN CA     C N S 232 
GLN C      C N N 233 
GLN O      O N N 234 
GLN CB     C N N 235 
GLN CG     C N N 236 
GLN CD     C N N 237 
GLN OE1    O N N 238 
GLN NE2    N N N 239 
GLN OXT    O N N 240 
GLN H      H N N 241 
GLN H2     H N N 242 
GLN HA     H N N 243 
GLN HB2    H N N 244 
GLN HB3    H N N 245 
GLN HG2    H N N 246 
GLN HG3    H N N 247 
GLN HE21   H N N 248 
GLN HE22   H N N 249 
GLN HXT    H N N 250 
GLU N      N N N 251 
GLU CA     C N S 252 
GLU C      C N N 253 
GLU O      O N N 254 
GLU CB     C N N 255 
GLU CG     C N N 256 
GLU CD     C N N 257 
GLU OE1    O N N 258 
GLU OE2    O N N 259 
GLU OXT    O N N 260 
GLU H      H N N 261 
GLU H2     H N N 262 
GLU HA     H N N 263 
GLU HB2    H N N 264 
GLU HB3    H N N 265 
GLU HG2    H N N 266 
GLU HG3    H N N 267 
GLU HE2    H N N 268 
GLU HXT    H N N 269 
GLY N      N N N 270 
GLY CA     C N N 271 
GLY C      C N N 272 
GLY O      O N N 273 
GLY OXT    O N N 274 
GLY H      H N N 275 
GLY H2     H N N 276 
GLY HA2    H N N 277 
GLY HA3    H N N 278 
GLY HXT    H N N 279 
HIS N      N N N 280 
HIS CA     C N S 281 
HIS C      C N N 282 
HIS O      O N N 283 
HIS CB     C N N 284 
HIS CG     C Y N 285 
HIS ND1    N Y N 286 
HIS CD2    C Y N 287 
HIS CE1    C Y N 288 
HIS NE2    N Y N 289 
HIS OXT    O N N 290 
HIS H      H N N 291 
HIS H2     H N N 292 
HIS HA     H N N 293 
HIS HB2    H N N 294 
HIS HB3    H N N 295 
HIS HD1    H N N 296 
HIS HD2    H N N 297 
HIS HE1    H N N 298 
HIS HE2    H N N 299 
HIS HXT    H N N 300 
HOH O      O N N 301 
HOH H1     H N N 302 
HOH H2     H N N 303 
ILE N      N N N 304 
ILE CA     C N S 305 
ILE C      C N N 306 
ILE O      O N N 307 
ILE CB     C N S 308 
ILE CG1    C N N 309 
ILE CG2    C N N 310 
ILE CD1    C N N 311 
ILE OXT    O N N 312 
ILE H      H N N 313 
ILE H2     H N N 314 
ILE HA     H N N 315 
ILE HB     H N N 316 
ILE HG12   H N N 317 
ILE HG13   H N N 318 
ILE HG21   H N N 319 
ILE HG22   H N N 320 
ILE HG23   H N N 321 
ILE HD11   H N N 322 
ILE HD12   H N N 323 
ILE HD13   H N N 324 
ILE HXT    H N N 325 
LEU N      N N N 326 
LEU CA     C N S 327 
LEU C      C N N 328 
LEU O      O N N 329 
LEU CB     C N N 330 
LEU CG     C N N 331 
LEU CD1    C N N 332 
LEU CD2    C N N 333 
LEU OXT    O N N 334 
LEU H      H N N 335 
LEU H2     H N N 336 
LEU HA     H N N 337 
LEU HB2    H N N 338 
LEU HB3    H N N 339 
LEU HG     H N N 340 
LEU HD11   H N N 341 
LEU HD12   H N N 342 
LEU HD13   H N N 343 
LEU HD21   H N N 344 
LEU HD22   H N N 345 
LEU HD23   H N N 346 
LEU HXT    H N N 347 
LYS N      N N N 348 
LYS CA     C N S 349 
LYS C      C N N 350 
LYS O      O N N 351 
LYS CB     C N N 352 
LYS CG     C N N 353 
LYS CD     C N N 354 
LYS CE     C N N 355 
LYS NZ     N N N 356 
LYS OXT    O N N 357 
LYS H      H N N 358 
LYS H2     H N N 359 
LYS HA     H N N 360 
LYS HB2    H N N 361 
LYS HB3    H N N 362 
LYS HG2    H N N 363 
LYS HG3    H N N 364 
LYS HD2    H N N 365 
LYS HD3    H N N 366 
LYS HE2    H N N 367 
LYS HE3    H N N 368 
LYS HZ1    H N N 369 
LYS HZ2    H N N 370 
LYS HZ3    H N N 371 
LYS HXT    H N N 372 
MET N      N N N 373 
MET CA     C N S 374 
MET C      C N N 375 
MET O      O N N 376 
MET CB     C N N 377 
MET CG     C N N 378 
MET SD     S N N 379 
MET CE     C N N 380 
MET OXT    O N N 381 
MET H      H N N 382 
MET H2     H N N 383 
MET HA     H N N 384 
MET HB2    H N N 385 
MET HB3    H N N 386 
MET HG2    H N N 387 
MET HG3    H N N 388 
MET HE1    H N N 389 
MET HE2    H N N 390 
MET HE3    H N N 391 
MET HXT    H N N 392 
PHE N      N N N 393 
PHE CA     C N S 394 
PHE C      C N N 395 
PHE O      O N N 396 
PHE CB     C N N 397 
PHE CG     C Y N 398 
PHE CD1    C Y N 399 
PHE CD2    C Y N 400 
PHE CE1    C Y N 401 
PHE CE2    C Y N 402 
PHE CZ     C Y N 403 
PHE OXT    O N N 404 
PHE H      H N N 405 
PHE H2     H N N 406 
PHE HA     H N N 407 
PHE HB2    H N N 408 
PHE HB3    H N N 409 
PHE HD1    H N N 410 
PHE HD2    H N N 411 
PHE HE1    H N N 412 
PHE HE2    H N N 413 
PHE HZ     H N N 414 
PHE HXT    H N N 415 
PRO N      N N N 416 
PRO CA     C N S 417 
PRO C      C N N 418 
PRO O      O N N 419 
PRO CB     C N N 420 
PRO CG     C N N 421 
PRO CD     C N N 422 
PRO OXT    O N N 423 
PRO H      H N N 424 
PRO HA     H N N 425 
PRO HB2    H N N 426 
PRO HB3    H N N 427 
PRO HG2    H N N 428 
PRO HG3    H N N 429 
PRO HD2    H N N 430 
PRO HD3    H N N 431 
PRO HXT    H N N 432 
SER N      N N N 433 
SER CA     C N S 434 
SER C      C N N 435 
SER O      O N N 436 
SER CB     C N N 437 
SER OG     O N N 438 
SER OXT    O N N 439 
SER H      H N N 440 
SER H2     H N N 441 
SER HA     H N N 442 
SER HB2    H N N 443 
SER HB3    H N N 444 
SER HG     H N N 445 
SER HXT    H N N 446 
THR N      N N N 447 
THR CA     C N S 448 
THR C      C N N 449 
THR O      O N N 450 
THR CB     C N R 451 
THR OG1    O N N 452 
THR CG2    C N N 453 
THR OXT    O N N 454 
THR H      H N N 455 
THR H2     H N N 456 
THR HA     H N N 457 
THR HB     H N N 458 
THR HG1    H N N 459 
THR HG21   H N N 460 
THR HG22   H N N 461 
THR HG23   H N N 462 
THR HXT    H N N 463 
TRP N      N N N 464 
TRP CA     C N S 465 
TRP C      C N N 466 
TRP O      O N N 467 
TRP CB     C N N 468 
TRP CG     C Y N 469 
TRP CD1    C Y N 470 
TRP CD2    C Y N 471 
TRP NE1    N Y N 472 
TRP CE2    C Y N 473 
TRP CE3    C Y N 474 
TRP CZ2    C Y N 475 
TRP CZ3    C Y N 476 
TRP CH2    C Y N 477 
TRP OXT    O N N 478 
TRP H      H N N 479 
TRP H2     H N N 480 
TRP HA     H N N 481 
TRP HB2    H N N 482 
TRP HB3    H N N 483 
TRP HD1    H N N 484 
TRP HE1    H N N 485 
TRP HE3    H N N 486 
TRP HZ2    H N N 487 
TRP HZ3    H N N 488 
TRP HH2    H N N 489 
TRP HXT    H N N 490 
TYR N      N N N 491 
TYR CA     C N S 492 
TYR C      C N N 493 
TYR O      O N N 494 
TYR CB     C N N 495 
TYR CG     C Y N 496 
TYR CD1    C Y N 497 
TYR CD2    C Y N 498 
TYR CE1    C Y N 499 
TYR CE2    C Y N 500 
TYR CZ     C Y N 501 
TYR OH     O N N 502 
TYR OXT    O N N 503 
TYR H      H N N 504 
TYR H2     H N N 505 
TYR HA     H N N 506 
TYR HB2    H N N 507 
TYR HB3    H N N 508 
TYR HD1    H N N 509 
TYR HD2    H N N 510 
TYR HE1    H N N 511 
TYR HE2    H N N 512 
TYR HH     H N N 513 
TYR HXT    H N N 514 
VAL N      N N N 515 
VAL CA     C N S 516 
VAL C      C N N 517 
VAL O      O N N 518 
VAL CB     C N N 519 
VAL CG1    C N N 520 
VAL CG2    C N N 521 
VAL OXT    O N N 522 
VAL H      H N N 523 
VAL H2     H N N 524 
VAL HA     H N N 525 
VAL HB     H N N 526 
VAL HG11   H N N 527 
VAL HG12   H N N 528 
VAL HG13   H N N 529 
VAL HG21   H N N 530 
VAL HG22   H N N 531 
VAL HG23   H N N 532 
VAL HXT    H N N 533 
# 
loop_
_chem_comp_bond.comp_id 
_chem_comp_bond.atom_id_1 
_chem_comp_bond.atom_id_2 
_chem_comp_bond.value_order 
_chem_comp_bond.pdbx_aromatic_flag 
_chem_comp_bond.pdbx_stereo_config 
_chem_comp_bond.pdbx_ordinal 
ALA N     CA     sing N N 1   
ALA N     H      sing N N 2   
ALA N     H2     sing N N 3   
ALA CA    C      sing N N 4   
ALA CA    CB     sing N N 5   
ALA CA    HA     sing N N 6   
ALA C     O      doub N N 7   
ALA C     OXT    sing N N 8   
ALA CB    HB1    sing N N 9   
ALA CB    HB2    sing N N 10  
ALA CB    HB3    sing N N 11  
ALA OXT   HXT    sing N N 12  
ARG N     CA     sing N N 13  
ARG N     H      sing N N 14  
ARG N     H2     sing N N 15  
ARG CA    C      sing N N 16  
ARG CA    CB     sing N N 17  
ARG CA    HA     sing N N 18  
ARG C     O      doub N N 19  
ARG C     OXT    sing N N 20  
ARG CB    CG     sing N N 21  
ARG CB    HB2    sing N N 22  
ARG CB    HB3    sing N N 23  
ARG CG    CD     sing N N 24  
ARG CG    HG2    sing N N 25  
ARG CG    HG3    sing N N 26  
ARG CD    NE     sing N N 27  
ARG CD    HD2    sing N N 28  
ARG CD    HD3    sing N N 29  
ARG NE    CZ     sing N N 30  
ARG NE    HE     sing N N 31  
ARG CZ    NH1    sing N N 32  
ARG CZ    NH2    doub N N 33  
ARG NH1   HH11   sing N N 34  
ARG NH1   HH12   sing N N 35  
ARG NH2   HH21   sing N N 36  
ARG NH2   HH22   sing N N 37  
ARG OXT   HXT    sing N N 38  
ASN N     CA     sing N N 39  
ASN N     H      sing N N 40  
ASN N     H2     sing N N 41  
ASN CA    C      sing N N 42  
ASN CA    CB     sing N N 43  
ASN CA    HA     sing N N 44  
ASN C     O      doub N N 45  
ASN C     OXT    sing N N 46  
ASN CB    CG     sing N N 47  
ASN CB    HB2    sing N N 48  
ASN CB    HB3    sing N N 49  
ASN CG    OD1    doub N N 50  
ASN CG    ND2    sing N N 51  
ASN ND2   HD21   sing N N 52  
ASN ND2   HD22   sing N N 53  
ASN OXT   HXT    sing N N 54  
ASP N     CA     sing N N 55  
ASP N     H      sing N N 56  
ASP N     H2     sing N N 57  
ASP CA    C      sing N N 58  
ASP CA    CB     sing N N 59  
ASP CA    HA     sing N N 60  
ASP C     O      doub N N 61  
ASP C     OXT    sing N N 62  
ASP CB    CG     sing N N 63  
ASP CB    HB2    sing N N 64  
ASP CB    HB3    sing N N 65  
ASP CG    OD1    doub N N 66  
ASP CG    OD2    sing N N 67  
ASP OD2   HD2    sing N N 68  
ASP OXT   HXT    sing N N 69  
CYS N     CA     sing N N 70  
CYS N     H      sing N N 71  
CYS N     H2     sing N N 72  
CYS CA    C      sing N N 73  
CYS CA    CB     sing N N 74  
CYS CA    HA     sing N N 75  
CYS C     O      doub N N 76  
CYS C     OXT    sing N N 77  
CYS CB    SG     sing N N 78  
CYS CB    HB2    sing N N 79  
CYS CB    HB3    sing N N 80  
CYS SG    HG     sing N N 81  
CYS OXT   HXT    sing N N 82  
DA  OP3   P      sing N N 83  
DA  OP3   HOP3   sing N N 84  
DA  P     OP1    doub N N 85  
DA  P     OP2    sing N N 86  
DA  P     "O5'"  sing N N 87  
DA  OP2   HOP2   sing N N 88  
DA  "O5'" "C5'"  sing N N 89  
DA  "C5'" "C4'"  sing N N 90  
DA  "C5'" "H5'"  sing N N 91  
DA  "C5'" "H5''" sing N N 92  
DA  "C4'" "O4'"  sing N N 93  
DA  "C4'" "C3'"  sing N N 94  
DA  "C4'" "H4'"  sing N N 95  
DA  "O4'" "C1'"  sing N N 96  
DA  "C3'" "O3'"  sing N N 97  
DA  "C3'" "C2'"  sing N N 98  
DA  "C3'" "H3'"  sing N N 99  
DA  "O3'" "HO3'" sing N N 100 
DA  "C2'" "C1'"  sing N N 101 
DA  "C2'" "H2'"  sing N N 102 
DA  "C2'" "H2''" sing N N 103 
DA  "C1'" N9     sing N N 104 
DA  "C1'" "H1'"  sing N N 105 
DA  N9    C8     sing Y N 106 
DA  N9    C4     sing Y N 107 
DA  C8    N7     doub Y N 108 
DA  C8    H8     sing N N 109 
DA  N7    C5     sing Y N 110 
DA  C5    C6     sing Y N 111 
DA  C5    C4     doub Y N 112 
DA  C6    N6     sing N N 113 
DA  C6    N1     doub Y N 114 
DA  N6    H61    sing N N 115 
DA  N6    H62    sing N N 116 
DA  N1    C2     sing Y N 117 
DA  C2    N3     doub Y N 118 
DA  C2    H2     sing N N 119 
DA  N3    C4     sing Y N 120 
DC  OP3   P      sing N N 121 
DC  OP3   HOP3   sing N N 122 
DC  P     OP1    doub N N 123 
DC  P     OP2    sing N N 124 
DC  P     "O5'"  sing N N 125 
DC  OP2   HOP2   sing N N 126 
DC  "O5'" "C5'"  sing N N 127 
DC  "C5'" "C4'"  sing N N 128 
DC  "C5'" "H5'"  sing N N 129 
DC  "C5'" "H5''" sing N N 130 
DC  "C4'" "O4'"  sing N N 131 
DC  "C4'" "C3'"  sing N N 132 
DC  "C4'" "H4'"  sing N N 133 
DC  "O4'" "C1'"  sing N N 134 
DC  "C3'" "O3'"  sing N N 135 
DC  "C3'" "C2'"  sing N N 136 
DC  "C3'" "H3'"  sing N N 137 
DC  "O3'" "HO3'" sing N N 138 
DC  "C2'" "C1'"  sing N N 139 
DC  "C2'" "H2'"  sing N N 140 
DC  "C2'" "H2''" sing N N 141 
DC  "C1'" N1     sing N N 142 
DC  "C1'" "H1'"  sing N N 143 
DC  N1    C2     sing N N 144 
DC  N1    C6     sing N N 145 
DC  C2    O2     doub N N 146 
DC  C2    N3     sing N N 147 
DC  N3    C4     doub N N 148 
DC  C4    N4     sing N N 149 
DC  C4    C5     sing N N 150 
DC  N4    H41    sing N N 151 
DC  N4    H42    sing N N 152 
DC  C5    C6     doub N N 153 
DC  C5    H5     sing N N 154 
DC  C6    H6     sing N N 155 
DG  OP3   P      sing N N 156 
DG  OP3   HOP3   sing N N 157 
DG  P     OP1    doub N N 158 
DG  P     OP2    sing N N 159 
DG  P     "O5'"  sing N N 160 
DG  OP2   HOP2   sing N N 161 
DG  "O5'" "C5'"  sing N N 162 
DG  "C5'" "C4'"  sing N N 163 
DG  "C5'" "H5'"  sing N N 164 
DG  "C5'" "H5''" sing N N 165 
DG  "C4'" "O4'"  sing N N 166 
DG  "C4'" "C3'"  sing N N 167 
DG  "C4'" "H4'"  sing N N 168 
DG  "O4'" "C1'"  sing N N 169 
DG  "C3'" "O3'"  sing N N 170 
DG  "C3'" "C2'"  sing N N 171 
DG  "C3'" "H3'"  sing N N 172 
DG  "O3'" "HO3'" sing N N 173 
DG  "C2'" "C1'"  sing N N 174 
DG  "C2'" "H2'"  sing N N 175 
DG  "C2'" "H2''" sing N N 176 
DG  "C1'" N9     sing N N 177 
DG  "C1'" "H1'"  sing N N 178 
DG  N9    C8     sing Y N 179 
DG  N9    C4     sing Y N 180 
DG  C8    N7     doub Y N 181 
DG  C8    H8     sing N N 182 
DG  N7    C5     sing Y N 183 
DG  C5    C6     sing N N 184 
DG  C5    C4     doub Y N 185 
DG  C6    O6     doub N N 186 
DG  C6    N1     sing N N 187 
DG  N1    C2     sing N N 188 
DG  N1    H1     sing N N 189 
DG  C2    N2     sing N N 190 
DG  C2    N3     doub N N 191 
DG  N2    H21    sing N N 192 
DG  N2    H22    sing N N 193 
DG  N3    C4     sing N N 194 
DT  OP3   P      sing N N 195 
DT  OP3   HOP3   sing N N 196 
DT  P     OP1    doub N N 197 
DT  P     OP2    sing N N 198 
DT  P     "O5'"  sing N N 199 
DT  OP2   HOP2   sing N N 200 
DT  "O5'" "C5'"  sing N N 201 
DT  "C5'" "C4'"  sing N N 202 
DT  "C5'" "H5'"  sing N N 203 
DT  "C5'" "H5''" sing N N 204 
DT  "C4'" "O4'"  sing N N 205 
DT  "C4'" "C3'"  sing N N 206 
DT  "C4'" "H4'"  sing N N 207 
DT  "O4'" "C1'"  sing N N 208 
DT  "C3'" "O3'"  sing N N 209 
DT  "C3'" "C2'"  sing N N 210 
DT  "C3'" "H3'"  sing N N 211 
DT  "O3'" "HO3'" sing N N 212 
DT  "C2'" "C1'"  sing N N 213 
DT  "C2'" "H2'"  sing N N 214 
DT  "C2'" "H2''" sing N N 215 
DT  "C1'" N1     sing N N 216 
DT  "C1'" "H1'"  sing N N 217 
DT  N1    C2     sing N N 218 
DT  N1    C6     sing N N 219 
DT  C2    O2     doub N N 220 
DT  C2    N3     sing N N 221 
DT  N3    C4     sing N N 222 
DT  N3    H3     sing N N 223 
DT  C4    O4     doub N N 224 
DT  C4    C5     sing N N 225 
DT  C5    C7     sing N N 226 
DT  C5    C6     doub N N 227 
DT  C7    H71    sing N N 228 
DT  C7    H72    sing N N 229 
DT  C7    H73    sing N N 230 
DT  C6    H6     sing N N 231 
GLN N     CA     sing N N 232 
GLN N     H      sing N N 233 
GLN N     H2     sing N N 234 
GLN CA    C      sing N N 235 
GLN CA    CB     sing N N 236 
GLN CA    HA     sing N N 237 
GLN C     O      doub N N 238 
GLN C     OXT    sing N N 239 
GLN CB    CG     sing N N 240 
GLN CB    HB2    sing N N 241 
GLN CB    HB3    sing N N 242 
GLN CG    CD     sing N N 243 
GLN CG    HG2    sing N N 244 
GLN CG    HG3    sing N N 245 
GLN CD    OE1    doub N N 246 
GLN CD    NE2    sing N N 247 
GLN NE2   HE21   sing N N 248 
GLN NE2   HE22   sing N N 249 
GLN OXT   HXT    sing N N 250 
GLU N     CA     sing N N 251 
GLU N     H      sing N N 252 
GLU N     H2     sing N N 253 
GLU CA    C      sing N N 254 
GLU CA    CB     sing N N 255 
GLU CA    HA     sing N N 256 
GLU C     O      doub N N 257 
GLU C     OXT    sing N N 258 
GLU CB    CG     sing N N 259 
GLU CB    HB2    sing N N 260 
GLU CB    HB3    sing N N 261 
GLU CG    CD     sing N N 262 
GLU CG    HG2    sing N N 263 
GLU CG    HG3    sing N N 264 
GLU CD    OE1    doub N N 265 
GLU CD    OE2    sing N N 266 
GLU OE2   HE2    sing N N 267 
GLU OXT   HXT    sing N N 268 
GLY N     CA     sing N N 269 
GLY N     H      sing N N 270 
GLY N     H2     sing N N 271 
GLY CA    C      sing N N 272 
GLY CA    HA2    sing N N 273 
GLY CA    HA3    sing N N 274 
GLY C     O      doub N N 275 
GLY C     OXT    sing N N 276 
GLY OXT   HXT    sing N N 277 
HIS N     CA     sing N N 278 
HIS N     H      sing N N 279 
HIS N     H2     sing N N 280 
HIS CA    C      sing N N 281 
HIS CA    CB     sing N N 282 
HIS CA    HA     sing N N 283 
HIS C     O      doub N N 284 
HIS C     OXT    sing N N 285 
HIS CB    CG     sing N N 286 
HIS CB    HB2    sing N N 287 
HIS CB    HB3    sing N N 288 
HIS CG    ND1    sing Y N 289 
HIS CG    CD2    doub Y N 290 
HIS ND1   CE1    doub Y N 291 
HIS ND1   HD1    sing N N 292 
HIS CD2   NE2    sing Y N 293 
HIS CD2   HD2    sing N N 294 
HIS CE1   NE2    sing Y N 295 
HIS CE1   HE1    sing N N 296 
HIS NE2   HE2    sing N N 297 
HIS OXT   HXT    sing N N 298 
HOH O     H1     sing N N 299 
HOH O     H2     sing N N 300 
ILE N     CA     sing N N 301 
ILE N     H      sing N N 302 
ILE N     H2     sing N N 303 
ILE CA    C      sing N N 304 
ILE CA    CB     sing N N 305 
ILE CA    HA     sing N N 306 
ILE C     O      doub N N 307 
ILE C     OXT    sing N N 308 
ILE CB    CG1    sing N N 309 
ILE CB    CG2    sing N N 310 
ILE CB    HB     sing N N 311 
ILE CG1   CD1    sing N N 312 
ILE CG1   HG12   sing N N 313 
ILE CG1   HG13   sing N N 314 
ILE CG2   HG21   sing N N 315 
ILE CG2   HG22   sing N N 316 
ILE CG2   HG23   sing N N 317 
ILE CD1   HD11   sing N N 318 
ILE CD1   HD12   sing N N 319 
ILE CD1   HD13   sing N N 320 
ILE OXT   HXT    sing N N 321 
LEU N     CA     sing N N 322 
LEU N     H      sing N N 323 
LEU N     H2     sing N N 324 
LEU CA    C      sing N N 325 
LEU CA    CB     sing N N 326 
LEU CA    HA     sing N N 327 
LEU C     O      doub N N 328 
LEU C     OXT    sing N N 329 
LEU CB    CG     sing N N 330 
LEU CB    HB2    sing N N 331 
LEU CB    HB3    sing N N 332 
LEU CG    CD1    sing N N 333 
LEU CG    CD2    sing N N 334 
LEU CG    HG     sing N N 335 
LEU CD1   HD11   sing N N 336 
LEU CD1   HD12   sing N N 337 
LEU CD1   HD13   sing N N 338 
LEU CD2   HD21   sing N N 339 
LEU CD2   HD22   sing N N 340 
LEU CD2   HD23   sing N N 341 
LEU OXT   HXT    sing N N 342 
LYS N     CA     sing N N 343 
LYS N     H      sing N N 344 
LYS N     H2     sing N N 345 
LYS CA    C      sing N N 346 
LYS CA    CB     sing N N 347 
LYS CA    HA     sing N N 348 
LYS C     O      doub N N 349 
LYS C     OXT    sing N N 350 
LYS CB    CG     sing N N 351 
LYS CB    HB2    sing N N 352 
LYS CB    HB3    sing N N 353 
LYS CG    CD     sing N N 354 
LYS CG    HG2    sing N N 355 
LYS CG    HG3    sing N N 356 
LYS CD    CE     sing N N 357 
LYS CD    HD2    sing N N 358 
LYS CD    HD3    sing N N 359 
LYS CE    NZ     sing N N 360 
LYS CE    HE2    sing N N 361 
LYS CE    HE3    sing N N 362 
LYS NZ    HZ1    sing N N 363 
LYS NZ    HZ2    sing N N 364 
LYS NZ    HZ3    sing N N 365 
LYS OXT   HXT    sing N N 366 
MET N     CA     sing N N 367 
MET N     H      sing N N 368 
MET N     H2     sing N N 369 
MET CA    C      sing N N 370 
MET CA    CB     sing N N 371 
MET CA    HA     sing N N 372 
MET C     O      doub N N 373 
MET C     OXT    sing N N 374 
MET CB    CG     sing N N 375 
MET CB    HB2    sing N N 376 
MET CB    HB3    sing N N 377 
MET CG    SD     sing N N 378 
MET CG    HG2    sing N N 379 
MET CG    HG3    sing N N 380 
MET SD    CE     sing N N 381 
MET CE    HE1    sing N N 382 
MET CE    HE2    sing N N 383 
MET CE    HE3    sing N N 384 
MET OXT   HXT    sing N N 385 
PHE N     CA     sing N N 386 
PHE N     H      sing N N 387 
PHE N     H2     sing N N 388 
PHE CA    C      sing N N 389 
PHE CA    CB     sing N N 390 
PHE CA    HA     sing N N 391 
PHE C     O      doub N N 392 
PHE C     OXT    sing N N 393 
PHE CB    CG     sing N N 394 
PHE CB    HB2    sing N N 395 
PHE CB    HB3    sing N N 396 
PHE CG    CD1    doub Y N 397 
PHE CG    CD2    sing Y N 398 
PHE CD1   CE1    sing Y N 399 
PHE CD1   HD1    sing N N 400 
PHE CD2   CE2    doub Y N 401 
PHE CD2   HD2    sing N N 402 
PHE CE1   CZ     doub Y N 403 
PHE CE1   HE1    sing N N 404 
PHE CE2   CZ     sing Y N 405 
PHE CE2   HE2    sing N N 406 
PHE CZ    HZ     sing N N 407 
PHE OXT   HXT    sing N N 408 
PRO N     CA     sing N N 409 
PRO N     CD     sing N N 410 
PRO N     H      sing N N 411 
PRO CA    C      sing N N 412 
PRO CA    CB     sing N N 413 
PRO CA    HA     sing N N 414 
PRO C     O      doub N N 415 
PRO C     OXT    sing N N 416 
PRO CB    CG     sing N N 417 
PRO CB    HB2    sing N N 418 
PRO CB    HB3    sing N N 419 
PRO CG    CD     sing N N 420 
PRO CG    HG2    sing N N 421 
PRO CG    HG3    sing N N 422 
PRO CD    HD2    sing N N 423 
PRO CD    HD3    sing N N 424 
PRO OXT   HXT    sing N N 425 
SER N     CA     sing N N 426 
SER N     H      sing N N 427 
SER N     H2     sing N N 428 
SER CA    C      sing N N 429 
SER CA    CB     sing N N 430 
SER CA    HA     sing N N 431 
SER C     O      doub N N 432 
SER C     OXT    sing N N 433 
SER CB    OG     sing N N 434 
SER CB    HB2    sing N N 435 
SER CB    HB3    sing N N 436 
SER OG    HG     sing N N 437 
SER OXT   HXT    sing N N 438 
THR N     CA     sing N N 439 
THR N     H      sing N N 440 
THR N     H2     sing N N 441 
THR CA    C      sing N N 442 
THR CA    CB     sing N N 443 
THR CA    HA     sing N N 444 
THR C     O      doub N N 445 
THR C     OXT    sing N N 446 
THR CB    OG1    sing N N 447 
THR CB    CG2    sing N N 448 
THR CB    HB     sing N N 449 
THR OG1   HG1    sing N N 450 
THR CG2   HG21   sing N N 451 
THR CG2   HG22   sing N N 452 
THR CG2   HG23   sing N N 453 
THR OXT   HXT    sing N N 454 
TRP N     CA     sing N N 455 
TRP N     H      sing N N 456 
TRP N     H2     sing N N 457 
TRP CA    C      sing N N 458 
TRP CA    CB     sing N N 459 
TRP CA    HA     sing N N 460 
TRP C     O      doub N N 461 
TRP C     OXT    sing N N 462 
TRP CB    CG     sing N N 463 
TRP CB    HB2    sing N N 464 
TRP CB    HB3    sing N N 465 
TRP CG    CD1    doub Y N 466 
TRP CG    CD2    sing Y N 467 
TRP CD1   NE1    sing Y N 468 
TRP CD1   HD1    sing N N 469 
TRP CD2   CE2    doub Y N 470 
TRP CD2   CE3    sing Y N 471 
TRP NE1   CE2    sing Y N 472 
TRP NE1   HE1    sing N N 473 
TRP CE2   CZ2    sing Y N 474 
TRP CE3   CZ3    doub Y N 475 
TRP CE3   HE3    sing N N 476 
TRP CZ2   CH2    doub Y N 477 
TRP CZ2   HZ2    sing N N 478 
TRP CZ3   CH2    sing Y N 479 
TRP CZ3   HZ3    sing N N 480 
TRP CH2   HH2    sing N N 481 
TRP OXT   HXT    sing N N 482 
TYR N     CA     sing N N 483 
TYR N     H      sing N N 484 
TYR N     H2     sing N N 485 
TYR CA    C      sing N N 486 
TYR CA    CB     sing N N 487 
TYR CA    HA     sing N N 488 
TYR C     O      doub N N 489 
TYR C     OXT    sing N N 490 
TYR CB    CG     sing N N 491 
TYR CB    HB2    sing N N 492 
TYR CB    HB3    sing N N 493 
TYR CG    CD1    doub Y N 494 
TYR CG    CD2    sing Y N 495 
TYR CD1   CE1    sing Y N 496 
TYR CD1   HD1    sing N N 497 
TYR CD2   CE2    doub Y N 498 
TYR CD2   HD2    sing N N 499 
TYR CE1   CZ     doub Y N 500 
TYR CE1   HE1    sing N N 501 
TYR CE2   CZ     sing Y N 502 
TYR CE2   HE2    sing N N 503 
TYR CZ    OH     sing N N 504 
TYR OH    HH     sing N N 505 
TYR OXT   HXT    sing N N 506 
VAL N     CA     sing N N 507 
VAL N     H      sing N N 508 
VAL N     H2     sing N N 509 
VAL CA    C      sing N N 510 
VAL CA    CB     sing N N 511 
VAL CA    HA     sing N N 512 
VAL C     O      doub N N 513 
VAL C     OXT    sing N N 514 
VAL CB    CG1    sing N N 515 
VAL CB    CG2    sing N N 516 
VAL CB    HB     sing N N 517 
VAL CG1   HG11   sing N N 518 
VAL CG1   HG12   sing N N 519 
VAL CG1   HG13   sing N N 520 
VAL CG2   HG21   sing N N 521 
VAL CG2   HG22   sing N N 522 
VAL CG2   HG23   sing N N 523 
VAL OXT   HXT    sing N N 524 
# 
_ndb_struct_conf_na.entry_id   4HJA 
_ndb_struct_conf_na.feature    'double helix' 
# 
_ndb_struct_na_base_pair.model_number      1 
_ndb_struct_na_base_pair.i_label_asym_id   B 
_ndb_struct_na_base_pair.i_label_comp_id   DT 
_ndb_struct_na_base_pair.i_label_seq_id    6 
_ndb_struct_na_base_pair.i_symmetry        1_555 
_ndb_struct_na_base_pair.j_label_asym_id   B 
_ndb_struct_na_base_pair.j_label_comp_id   DA 
_ndb_struct_na_base_pair.j_label_seq_id    7 
_ndb_struct_na_base_pair.j_symmetry        1_555 
_ndb_struct_na_base_pair.shear             4.296 
_ndb_struct_na_base_pair.stretch           -0.220 
_ndb_struct_na_base_pair.stagger           -1.285 
_ndb_struct_na_base_pair.buckle            -23.005 
_ndb_struct_na_base_pair.propeller         16.086 
_ndb_struct_na_base_pair.opening           -14.614 
_ndb_struct_na_base_pair.pair_number       1 
_ndb_struct_na_base_pair.pair_name         B_DT6:DA7_B 
_ndb_struct_na_base_pair.i_auth_asym_id    B 
_ndb_struct_na_base_pair.i_auth_seq_id     6 
_ndb_struct_na_base_pair.i_PDB_ins_code    ? 
_ndb_struct_na_base_pair.j_auth_asym_id    B 
_ndb_struct_na_base_pair.j_auth_seq_id     7 
_ndb_struct_na_base_pair.j_PDB_ins_code    ? 
_ndb_struct_na_base_pair.hbond_type_28     ? 
_ndb_struct_na_base_pair.hbond_type_12     ? 
# 
_pdbx_entity_nonpoly.entity_id   3 
_pdbx_entity_nonpoly.name        water 
_pdbx_entity_nonpoly.comp_id     HOH 
# 
_pdbx_initial_refinement_model.id               1 
_pdbx_initial_refinement_model.entity_id_list   ? 
_pdbx_initial_refinement_model.type             'experimental model' 
_pdbx_initial_refinement_model.source_name      PDB 
_pdbx_initial_refinement_model.accession_code   4HIK 
_pdbx_initial_refinement_model.details          'PDB entry 4HIK' 
# 
